data_7K93
#
_entry.id   7K93
#
_cell.length_a   69.627
_cell.length_b   165.593
_cell.length_c   258.589
_cell.angle_alpha   90.000
_cell.angle_beta   90.000
_cell.angle_gamma   90.000
#
_symmetry.space_group_name_H-M   'P 21 21 21'
#
loop_
_entity.id
_entity.type
_entity.pdbx_description
1 polymer 'Non-structural protein 1'
2 polymer '2B7 single chain fab variable region'
3 non-polymer 2-acetamido-2-deoxy-beta-D-glucopyranose
#
loop_
_entity_poly.entity_id
_entity_poly.type
_entity_poly.pdbx_seq_one_letter_code
_entity_poly.pdbx_strand_id
1 'polypeptide(L)'
;AHHHHHHSSGVDLGTENLYFQSNADSGCVVSWKNKELKCGSGIFITDNVHTWTEQYKFQPESPSKLASAIQKAHEEGICG
IRSVTRLENLMWKQITPELNHILSENEVKLTIMTGDIKGIMQAGKRSLRPQPTELKYSWKTWGKAKMLSTESHNQTFLID
GPETAECPNTNRAWNSLEVEDYGFGVFTTNIWLKLKEKQDVFCDSKLMSAAIKDNRAVHADMGYWIESALNDTWKIEKAS
FIEVKNCHWPKSHTLWSNGVLESEMIIPKNLAGPVSQHNYRPGYHTQITGPWHLGKLEMDFDFCDGTTVVVTEDCGNRGP
SLRTTTASGKLITEWCCRSCTLPPLRYRGEDGCWYGMEIRPLKEKEENLVNSLVTA
;
A,B,C,D
2 'polypeptide(L)'
;SNAEVQLQQSGPELVKPGASVKMSCKASGCTLTNCFMHWMKQKPGQDLEWIGYINPYNDMTKYSENFKGKATLTSDKSSS
TAFMELSSLTSEDSAVYYCARGYLLRTGCFDYWGQGTTLTVSSGGSGGGSGGGSGGGSGGNIVLTQSPASLAVSLGQRAT
ISCRASESVDSYGYSFMHWYQQKPGQPPKVLIYLASNLESGVPARFSGSGSRTDFTLTIDPVEADDAATYYCQQNNENPL
TFGAGTKLELK
;
E,G,I,K
#
loop_
_chem_comp.id
_chem_comp.type
_chem_comp.name
_chem_comp.formula
NAG D-saccharide, beta linking 2-acetamido-2-deoxy-beta-D-glucopyranose 'C8 H15 N O6'
#
# COMPACT_ATOMS: atom_id res chain seq x y z
N ASN A 17 -8.71 26.42 -7.46
CA ASN A 17 -8.27 26.11 -8.83
C ASN A 17 -8.88 24.81 -9.32
N LEU A 18 -8.35 24.32 -10.44
CA LEU A 18 -8.62 22.96 -10.95
C LEU A 18 -7.34 22.38 -11.57
N TYR A 19 -6.23 22.46 -10.82
CA TYR A 19 -4.93 21.98 -11.28
C TYR A 19 -4.44 20.90 -10.32
N PHE A 20 -3.94 19.80 -10.90
CA PHE A 20 -3.39 18.66 -10.16
C PHE A 20 -1.87 18.75 -10.18
N GLN A 21 -1.28 19.26 -9.08
CA GLN A 21 0.17 19.48 -8.97
C GLN A 21 0.86 18.18 -8.53
N SER A 22 0.84 17.21 -9.43
CA SER A 22 1.67 16.01 -9.31
C SER A 22 2.72 16.04 -10.42
N ASN A 23 3.53 17.09 -10.43
CA ASN A 23 4.79 17.13 -11.18
C ASN A 23 5.92 16.39 -10.46
N ALA A 24 5.61 15.77 -9.30
CA ALA A 24 6.53 15.22 -8.33
C ALA A 24 6.48 13.69 -8.27
N ASP A 25 6.88 13.12 -7.13
CA ASP A 25 6.89 11.69 -6.88
C ASP A 25 5.74 11.35 -5.94
N SER A 26 4.84 10.46 -6.35
CA SER A 26 3.67 10.12 -5.56
C SER A 26 3.74 8.64 -5.15
N GLY A 27 3.47 8.37 -3.87
CA GLY A 27 3.54 7.02 -3.36
C GLY A 27 3.53 7.01 -1.85
N CYS A 28 3.85 5.84 -1.28
CA CYS A 28 3.74 5.62 0.16
C CYS A 28 5.05 5.09 0.70
N VAL A 29 5.26 5.31 2.00
CA VAL A 29 6.56 5.04 2.63
C VAL A 29 6.30 4.80 4.11
N VAL A 30 6.99 3.82 4.68
CA VAL A 30 6.91 3.50 6.11
C VAL A 30 8.29 3.69 6.72
N SER A 31 8.33 4.32 7.90
CA SER A 31 9.56 4.59 8.65
C SER A 31 9.68 3.64 9.83
N TRP A 32 10.73 2.79 9.85
CA TRP A 32 10.87 1.82 10.94
C TRP A 32 11.12 2.51 12.28
N LYS A 33 12.09 3.43 12.33
CA LYS A 33 12.45 4.07 13.59
C LYS A 33 11.35 5.00 14.10
N ASN A 34 10.79 5.82 13.19
CA ASN A 34 9.74 6.78 13.57
C ASN A 34 8.40 6.09 13.82
N LYS A 35 8.20 4.88 13.28
CA LYS A 35 7.06 4.02 13.58
C LYS A 35 5.74 4.54 13.00
N GLU A 36 5.79 5.28 11.89
CA GLU A 36 4.62 5.79 11.21
C GLU A 36 4.62 5.36 9.74
N LEU A 37 3.45 5.45 9.11
CA LEU A 37 3.30 5.23 7.67
C LEU A 37 2.75 6.50 7.05
N LYS A 38 3.38 6.94 5.96
CA LYS A 38 3.01 8.21 5.35
C LYS A 38 2.84 8.01 3.85
N CYS A 39 1.74 8.49 3.30
CA CYS A 39 1.53 8.55 1.85
C CYS A 39 1.42 10.00 1.43
N GLY A 40 1.59 10.25 0.16
CA GLY A 40 1.45 11.59 -0.34
C GLY A 40 2.29 11.78 -1.58
N SER A 41 2.48 13.04 -1.90
CA SER A 41 3.19 13.46 -3.11
C SER A 41 4.36 14.34 -2.69
N GLY A 42 5.48 14.24 -3.38
CA GLY A 42 6.64 15.03 -3.01
C GLY A 42 7.96 14.61 -3.64
N ILE A 43 9.03 14.53 -2.86
CA ILE A 43 10.35 14.19 -3.40
C ILE A 43 10.90 13.01 -2.61
N PHE A 44 11.29 11.94 -3.33
CA PHE A 44 11.81 10.71 -2.73
C PHE A 44 13.27 10.58 -3.13
N ILE A 45 14.16 10.74 -2.15
CA ILE A 45 15.59 10.52 -2.36
C ILE A 45 15.90 9.08 -1.96
N THR A 46 16.22 8.24 -2.93
CA THR A 46 16.56 6.86 -2.62
C THR A 46 18.08 6.69 -2.48
N ASP A 47 18.47 5.68 -1.70
CA ASP A 47 19.88 5.33 -1.48
C ASP A 47 20.32 4.41 -2.61
N ASN A 48 21.05 4.98 -3.58
CA ASN A 48 21.47 4.24 -4.76
C ASN A 48 22.89 3.66 -4.62
N VAL A 49 23.33 3.48 -3.37
CA VAL A 49 24.65 2.94 -3.03
C VAL A 49 24.53 1.55 -2.40
N HIS A 50 23.63 1.39 -1.43
CA HIS A 50 23.38 0.12 -0.76
C HIS A 50 22.33 -0.74 -1.50
N THR A 51 22.13 -0.52 -2.78
CA THR A 51 21.26 -1.39 -3.58
C THR A 51 21.94 -2.73 -3.85
N TRP A 52 21.13 -3.82 -3.88
CA TRP A 52 21.70 -5.16 -4.07
C TRP A 52 22.10 -5.42 -5.52
N THR A 53 21.29 -4.99 -6.47
CA THR A 53 21.61 -5.08 -7.88
C THR A 53 21.55 -3.67 -8.48
N GLU A 54 22.11 -3.55 -9.69
CA GLU A 54 22.28 -2.25 -10.34
C GLU A 54 20.93 -1.62 -10.71
N GLN A 55 20.56 -0.54 -9.99
CA GLN A 55 19.30 0.13 -10.24
C GLN A 55 19.37 1.00 -11.50
N TYR A 56 20.56 1.52 -11.82
CA TYR A 56 20.76 2.46 -12.91
C TYR A 56 21.88 1.98 -13.81
N LYS A 57 21.74 2.28 -15.09
CA LYS A 57 22.70 1.90 -16.13
C LYS A 57 23.09 3.15 -16.90
N PHE A 58 24.39 3.35 -17.16
CA PHE A 58 24.79 4.42 -18.06
C PHE A 58 24.78 3.93 -19.50
N GLN A 59 24.27 4.76 -20.40
CA GLN A 59 24.23 4.53 -21.84
C GLN A 59 24.50 5.82 -22.59
N PRO A 60 25.13 5.76 -23.75
CA PRO A 60 25.32 6.96 -24.56
C PRO A 60 24.17 7.12 -25.54
N GLU A 61 23.80 8.37 -25.81
CA GLU A 61 22.74 8.59 -26.78
C GLU A 61 23.20 8.19 -28.17
N SER A 62 24.40 8.60 -28.55
CA SER A 62 24.93 8.33 -29.89
C SER A 62 26.38 7.90 -29.76
N PRO A 63 26.67 6.59 -29.82
CA PRO A 63 28.07 6.14 -29.84
C PRO A 63 28.87 6.76 -30.96
N SER A 64 28.25 7.00 -32.12
CA SER A 64 28.93 7.65 -33.23
C SER A 64 29.25 9.11 -32.90
N LYS A 65 28.36 9.79 -32.18
CA LYS A 65 28.69 11.13 -31.68
C LYS A 65 29.91 11.04 -30.75
N LEU A 66 29.97 9.97 -29.95
CA LEU A 66 31.11 9.71 -29.07
C LEU A 66 32.37 9.37 -29.87
N ALA A 67 32.21 8.59 -30.95
CA ALA A 67 33.35 8.27 -31.81
C ALA A 67 33.97 9.53 -32.40
N SER A 68 33.14 10.54 -32.73
CA SER A 68 33.68 11.78 -33.28
C SER A 68 34.56 12.49 -32.26
N ALA A 69 34.05 12.68 -31.04
CA ALA A 69 34.82 13.34 -29.99
C ALA A 69 36.03 12.56 -29.53
N ILE A 70 36.13 11.27 -29.85
CA ILE A 70 37.29 10.48 -29.46
C ILE A 70 38.42 10.62 -30.50
N GLN A 71 38.09 10.52 -31.79
CA GLN A 71 39.01 10.95 -32.84
C GLN A 71 39.45 12.39 -32.61
N LYS A 72 38.49 13.30 -32.60
CA LYS A 72 38.74 14.72 -32.37
C LYS A 72 39.63 14.92 -31.14
N ALA A 73 39.42 14.11 -30.09
CA ALA A 73 40.25 14.16 -28.90
C ALA A 73 41.72 13.86 -29.22
N HIS A 74 41.99 12.69 -29.82
CA HIS A 74 43.38 12.35 -30.13
C HIS A 74 43.97 13.34 -31.12
N GLU A 75 43.15 13.80 -32.07
CA GLU A 75 43.60 14.83 -33.00
C GLU A 75 44.00 16.10 -32.24
N GLU A 76 43.33 16.36 -31.11
CA GLU A 76 43.79 17.41 -30.21
C GLU A 76 45.03 17.00 -29.41
N GLY A 77 45.50 15.75 -29.58
CA GLY A 77 46.62 15.25 -28.81
C GLY A 77 46.28 14.52 -27.53
N ILE A 78 45.03 14.11 -27.33
CA ILE A 78 44.57 13.43 -26.12
C ILE A 78 44.75 11.91 -26.26
N CYS A 79 45.48 11.30 -25.31
CA CYS A 79 45.79 9.87 -25.36
C CYS A 79 44.77 9.00 -24.64
N GLY A 80 43.93 9.54 -23.77
CA GLY A 80 42.95 8.74 -23.04
C GLY A 80 42.05 9.59 -22.18
N ILE A 81 41.19 8.93 -21.39
CA ILE A 81 40.28 9.64 -20.48
C ILE A 81 40.20 8.91 -19.14
N ARG A 82 39.85 9.67 -18.10
CA ARG A 82 39.61 9.16 -16.76
C ARG A 82 38.16 9.46 -16.37
N SER A 83 37.45 8.43 -15.90
CA SER A 83 36.05 8.58 -15.55
C SER A 83 35.86 9.41 -14.30
N VAL A 84 34.75 10.18 -14.27
CA VAL A 84 34.38 10.96 -13.10
C VAL A 84 33.68 10.08 -12.07
N THR A 85 32.61 9.41 -12.49
CA THR A 85 31.78 8.59 -11.64
C THR A 85 32.04 7.12 -11.98
N ARG A 86 31.78 6.24 -11.02
CA ARG A 86 32.00 4.82 -11.27
C ARG A 86 31.13 4.31 -12.41
N LEU A 87 29.85 4.69 -12.44
CA LEU A 87 28.97 4.24 -13.52
C LEU A 87 29.45 4.72 -14.88
N GLU A 88 30.25 5.77 -14.95
CA GLU A 88 30.82 6.18 -16.23
C GLU A 88 31.83 5.16 -16.71
N ASN A 89 32.69 4.68 -15.80
CA ASN A 89 33.66 3.66 -16.16
C ASN A 89 32.97 2.36 -16.56
N LEU A 90 32.00 1.91 -15.76
CA LEU A 90 31.26 0.70 -16.13
C LEU A 90 30.55 0.86 -17.47
N MET A 91 30.12 2.07 -17.80
CA MET A 91 29.61 2.28 -19.16
C MET A 91 30.72 2.05 -20.18
N TRP A 92 31.92 2.58 -19.91
CA TRP A 92 33.05 2.42 -20.82
C TRP A 92 33.43 0.97 -21.05
N LYS A 93 33.05 0.05 -20.15
CA LYS A 93 33.33 -1.36 -20.38
C LYS A 93 32.39 -1.99 -21.40
N GLN A 94 31.07 -1.86 -21.19
CA GLN A 94 30.12 -2.37 -22.17
C GLN A 94 30.23 -1.69 -23.53
N ILE A 95 30.73 -0.47 -23.58
CA ILE A 95 30.57 0.38 -24.77
C ILE A 95 31.77 0.30 -25.71
N THR A 96 32.92 -0.14 -25.22
CA THR A 96 34.19 -0.16 -25.92
C THR A 96 34.25 -1.13 -27.11
N PRO A 97 33.64 -2.33 -27.03
CA PRO A 97 33.54 -3.15 -28.26
C PRO A 97 32.92 -2.45 -29.46
N GLU A 98 31.81 -1.72 -29.32
CA GLU A 98 31.25 -1.04 -30.50
C GLU A 98 32.01 0.25 -30.84
N LEU A 99 32.59 0.94 -29.85
CA LEU A 99 33.32 2.17 -30.17
C LEU A 99 34.54 1.87 -31.04
N ASN A 100 35.20 0.74 -30.77
CA ASN A 100 36.31 0.28 -31.60
C ASN A 100 35.85 -0.26 -32.96
N HIS A 101 34.60 -0.71 -33.07
CA HIS A 101 34.04 -1.18 -34.33
C HIS A 101 33.64 -0.04 -35.26
N ILE A 102 32.99 1.01 -34.73
CA ILE A 102 32.73 2.19 -35.57
C ILE A 102 34.06 2.80 -35.99
N LEU A 103 35.07 2.74 -35.11
CA LEU A 103 36.41 3.20 -35.46
C LEU A 103 37.02 2.33 -36.54
N SER A 104 36.71 1.03 -36.55
CA SER A 104 37.26 0.11 -37.54
C SER A 104 36.65 0.37 -38.92
N GLU A 105 35.32 0.55 -38.99
CA GLU A 105 34.67 0.87 -40.26
C GLU A 105 35.12 2.23 -40.79
N ASN A 106 35.38 3.19 -39.90
CA ASN A 106 35.95 4.49 -40.25
C ASN A 106 37.48 4.46 -40.27
N GLU A 107 38.06 3.26 -40.11
CA GLU A 107 39.46 2.92 -40.40
C GLU A 107 40.45 3.96 -39.86
N VAL A 108 40.37 4.21 -38.56
CA VAL A 108 41.37 4.96 -37.82
C VAL A 108 42.15 3.96 -36.98
N LYS A 109 43.48 3.93 -37.15
CA LYS A 109 44.31 2.92 -36.47
C LYS A 109 44.60 3.43 -35.05
N LEU A 110 43.57 3.34 -34.20
CA LEU A 110 43.64 3.76 -32.81
C LEU A 110 42.70 2.84 -32.06
N THR A 111 43.24 2.10 -31.09
CA THR A 111 42.51 1.07 -30.37
C THR A 111 42.10 1.59 -28.99
N ILE A 112 40.84 1.36 -28.60
CA ILE A 112 40.37 1.70 -27.26
C ILE A 112 40.48 0.46 -26.36
N MET A 113 41.18 0.61 -25.24
CA MET A 113 41.29 -0.40 -24.20
C MET A 113 40.93 0.22 -22.86
N THR A 114 39.99 -0.38 -22.15
CA THR A 114 39.57 0.13 -20.86
C THR A 114 39.88 -0.87 -19.76
N GLY A 115 40.48 -0.39 -18.67
CA GLY A 115 40.82 -1.20 -17.54
C GLY A 115 39.91 -0.93 -16.36
N ASP A 116 40.40 -1.29 -15.18
CA ASP A 116 39.60 -1.22 -13.97
C ASP A 116 39.93 0.07 -13.24
N ILE A 117 39.31 0.24 -12.08
CA ILE A 117 39.32 1.50 -11.34
C ILE A 117 40.26 1.39 -10.15
N LYS A 118 41.10 2.42 -10.00
CA LYS A 118 41.98 2.59 -8.84
C LYS A 118 41.16 2.98 -7.61
N GLY A 119 41.79 3.56 -6.59
CA GLY A 119 40.98 4.02 -5.49
C GLY A 119 40.18 5.23 -5.91
N ILE A 120 40.82 6.40 -5.77
CA ILE A 120 40.27 7.68 -6.21
C ILE A 120 40.18 7.72 -7.72
N MET A 121 39.10 8.32 -8.24
CA MET A 121 39.00 8.56 -9.68
C MET A 121 39.63 9.91 -9.97
N GLN A 122 40.94 9.91 -10.12
CA GLN A 122 41.70 11.14 -10.37
C GLN A 122 41.13 11.91 -11.56
N ALA A 123 41.19 13.24 -11.46
CA ALA A 123 40.73 14.09 -12.54
C ALA A 123 41.83 14.27 -13.60
N GLY A 124 41.39 14.46 -14.85
CA GLY A 124 42.27 14.83 -15.95
C GLY A 124 41.99 16.24 -16.43
N LYS A 125 42.96 16.89 -17.07
CA LYS A 125 42.82 18.29 -17.42
C LYS A 125 42.44 18.53 -18.88
N ARG A 126 42.22 17.47 -19.65
CA ARG A 126 41.78 17.64 -21.02
C ARG A 126 40.29 17.28 -21.08
N SER A 127 39.70 17.37 -22.27
CA SER A 127 38.26 17.13 -22.36
C SER A 127 37.85 16.85 -23.79
N LEU A 128 36.78 16.09 -23.94
CA LEU A 128 36.15 15.87 -25.22
C LEU A 128 35.36 17.11 -25.62
N ARG A 129 34.90 17.13 -26.88
CA ARG A 129 34.10 18.22 -27.42
C ARG A 129 32.91 17.64 -28.18
N PRO A 130 31.75 18.28 -28.08
CA PRO A 130 30.55 17.78 -28.75
C PRO A 130 30.52 18.13 -30.24
N GLN A 131 29.53 17.57 -30.93
CA GLN A 131 29.35 17.77 -32.36
C GLN A 131 27.96 17.32 -32.80
N THR A 156 46.83 3.82 -29.42
CA THR A 156 46.02 3.22 -28.36
C THR A 156 45.35 4.35 -27.52
N PHE A 157 44.14 4.09 -27.01
CA PHE A 157 43.36 5.09 -26.26
C PHE A 157 42.91 4.44 -24.95
N LEU A 158 43.47 4.89 -23.82
CA LEU A 158 43.34 4.22 -22.52
C LEU A 158 42.22 4.83 -21.68
N ILE A 159 41.24 4.01 -21.32
CA ILE A 159 40.20 4.41 -20.38
C ILE A 159 40.50 3.79 -19.03
N ASP A 160 40.78 4.66 -18.07
CA ASP A 160 40.99 4.32 -16.65
C ASP A 160 42.21 3.40 -16.55
N GLY A 161 42.14 2.34 -15.76
CA GLY A 161 43.32 1.56 -15.47
C GLY A 161 44.18 2.33 -14.48
N PRO A 162 45.43 1.89 -14.28
CA PRO A 162 46.35 2.60 -13.39
C PRO A 162 47.04 3.76 -14.11
N GLU A 163 47.80 4.53 -13.32
CA GLU A 163 48.51 5.66 -13.90
C GLU A 163 49.71 5.20 -14.74
N THR A 164 50.25 6.13 -15.52
CA THR A 164 51.36 5.90 -16.43
C THR A 164 51.91 7.26 -16.83
N ALA A 165 53.23 7.32 -17.06
CA ALA A 165 53.88 8.54 -17.54
C ALA A 165 53.85 8.67 -19.06
N GLU A 166 53.66 7.56 -19.78
CA GLU A 166 53.51 7.59 -21.24
C GLU A 166 52.20 8.27 -21.65
N CYS A 167 51.20 8.25 -20.78
CA CYS A 167 49.89 8.87 -21.01
C CYS A 167 49.43 9.46 -19.68
N PRO A 168 49.96 10.62 -19.30
CA PRO A 168 49.68 11.16 -17.98
C PRO A 168 48.28 11.75 -17.92
N ASN A 169 47.88 12.12 -16.69
CA ASN A 169 46.57 12.74 -16.51
C ASN A 169 46.50 14.10 -17.22
N THR A 170 47.66 14.75 -17.40
CA THR A 170 47.72 16.02 -18.13
C THR A 170 47.06 15.90 -19.49
N ASN A 171 47.10 14.71 -20.09
CA ASN A 171 46.56 14.46 -21.42
C ASN A 171 45.36 13.52 -21.40
N ARG A 172 44.65 13.41 -20.28
CA ARG A 172 43.46 12.58 -20.19
C ARG A 172 42.23 13.47 -20.04
N ALA A 173 41.16 13.13 -20.77
CA ALA A 173 39.90 13.84 -20.65
C ALA A 173 39.14 13.39 -19.41
N TRP A 174 38.32 14.30 -18.89
CA TRP A 174 37.59 14.05 -17.65
C TRP A 174 36.42 15.02 -17.56
N ASN A 175 35.27 14.49 -17.16
CA ASN A 175 34.06 15.29 -16.92
C ASN A 175 33.63 16.04 -18.18
N SER A 176 33.32 15.28 -19.21
CA SER A 176 32.82 15.83 -20.47
C SER A 176 31.44 15.27 -20.84
N LEU A 177 30.80 14.57 -19.91
CA LEU A 177 29.47 14.00 -20.11
C LEU A 177 28.48 14.63 -19.12
N GLU A 178 27.28 14.93 -19.61
CA GLU A 178 26.16 15.31 -18.75
C GLU A 178 24.96 14.46 -19.14
N VAL A 179 23.94 14.48 -18.28
CA VAL A 179 22.77 13.65 -18.49
C VAL A 179 21.84 14.33 -19.48
N GLU A 180 21.19 13.53 -20.33
CA GLU A 180 20.18 14.03 -21.25
C GLU A 180 18.76 13.87 -20.69
N ASP A 181 18.34 12.62 -20.51
CA ASP A 181 17.02 12.27 -20.00
C ASP A 181 17.09 10.84 -19.43
N TYR A 182 15.94 10.19 -19.26
CA TYR A 182 15.91 8.85 -18.64
C TYR A 182 15.23 7.85 -19.61
N THR A 189 15.77 0.68 -14.63
CA THR A 189 15.60 2.02 -15.19
C THR A 189 16.90 2.50 -15.85
N ASN A 190 16.77 3.33 -16.90
CA ASN A 190 17.89 3.68 -17.77
C ASN A 190 18.27 5.15 -17.66
N ILE A 191 19.55 5.45 -17.92
CA ILE A 191 20.11 6.80 -17.89
C ILE A 191 20.91 7.05 -19.15
N TRP A 192 20.49 8.02 -19.96
CA TRP A 192 21.16 8.37 -21.21
C TRP A 192 22.09 9.55 -21.02
N LEU A 193 23.27 9.50 -21.65
CA LEU A 193 24.30 10.52 -21.51
C LEU A 193 24.59 11.16 -22.86
N LYS A 194 25.06 12.41 -22.80
CA LYS A 194 25.47 13.15 -23.99
C LYS A 194 26.75 13.90 -23.69
N LEU A 195 27.36 14.44 -24.75
CA LEU A 195 28.62 15.16 -24.66
C LEU A 195 28.42 16.55 -24.06
N LYS A 196 29.32 16.95 -23.16
CA LYS A 196 29.13 18.23 -22.48
C LYS A 196 29.62 19.44 -23.26
N GLU A 197 29.04 20.58 -22.91
CA GLU A 197 29.30 21.91 -23.43
C GLU A 197 30.62 22.46 -22.90
N LYS A 198 30.61 22.90 -21.65
CA LYS A 198 31.70 23.62 -21.00
C LYS A 198 32.54 22.70 -20.11
N GLN A 199 33.80 23.06 -19.97
CA GLN A 199 34.79 22.37 -19.15
C GLN A 199 34.90 23.11 -17.83
N ASP A 200 34.35 22.49 -16.78
CA ASP A 200 34.41 23.01 -15.43
C ASP A 200 34.73 21.85 -14.50
N VAL A 201 34.82 22.12 -13.21
CA VAL A 201 35.30 21.13 -12.27
C VAL A 201 34.17 20.56 -11.40
N PHE A 202 32.91 20.77 -11.77
CA PHE A 202 31.77 20.41 -10.95
C PHE A 202 31.15 19.09 -11.39
N CYS A 203 30.80 18.25 -10.42
CA CYS A 203 30.12 16.99 -10.73
C CYS A 203 28.81 17.28 -11.43
N ASP A 204 28.35 16.34 -12.26
CA ASP A 204 27.10 16.54 -12.98
C ASP A 204 25.96 16.78 -11.99
N SER A 205 25.39 17.98 -12.05
CA SER A 205 24.37 18.35 -11.09
C SER A 205 23.11 17.51 -11.26
N LYS A 206 22.85 16.98 -12.45
CA LYS A 206 21.61 16.26 -12.68
C LYS A 206 21.51 14.97 -11.88
N LEU A 207 22.63 14.49 -11.31
CA LEU A 207 22.69 13.26 -10.53
C LEU A 207 22.61 13.49 -9.03
N MET A 208 22.95 14.69 -8.58
CA MET A 208 23.02 14.96 -7.16
C MET A 208 21.62 15.11 -6.57
N SER A 209 21.56 14.98 -5.25
CA SER A 209 20.34 15.14 -4.49
C SER A 209 20.67 15.36 -3.03
N ALA A 210 19.77 16.04 -2.33
CA ALA A 210 19.92 16.29 -0.91
C ALA A 210 18.52 16.34 -0.31
N ALA A 211 18.44 16.12 1.00
CA ALA A 211 17.16 16.14 1.69
C ALA A 211 17.41 16.26 3.18
N ILE A 212 16.47 16.86 3.88
CA ILE A 212 16.54 17.01 5.33
C ILE A 212 15.12 17.00 5.84
N LYS A 213 14.89 16.29 6.94
CA LYS A 213 13.56 16.11 7.49
C LYS A 213 13.70 15.48 8.85
N ASP A 214 12.84 15.86 9.79
CA ASP A 214 12.87 15.24 11.11
C ASP A 214 14.27 15.35 11.70
N ASN A 215 15.00 16.38 11.29
CA ASN A 215 16.38 16.59 11.72
C ASN A 215 17.27 15.35 11.48
N ARG A 216 17.21 14.84 10.25
CA ARG A 216 18.17 13.90 9.70
C ARG A 216 18.50 14.41 8.30
N ALA A 217 19.77 14.63 7.99
CA ALA A 217 20.12 15.22 6.71
C ALA A 217 20.89 14.24 5.84
N VAL A 218 20.74 14.38 4.51
CA VAL A 218 21.31 13.45 3.54
C VAL A 218 21.79 14.22 2.32
N HIS A 219 23.05 14.01 1.93
CA HIS A 219 23.56 14.37 0.62
C HIS A 219 23.92 13.11 -0.15
N ALA A 220 23.41 12.97 -1.38
CA ALA A 220 23.40 11.69 -2.08
C ALA A 220 23.77 11.87 -3.54
N ASP A 221 24.15 10.75 -4.16
CA ASP A 221 24.82 10.69 -5.45
C ASP A 221 24.63 9.27 -5.95
N MET A 222 25.04 9.02 -7.20
CA MET A 222 25.09 7.64 -7.67
C MET A 222 26.06 6.81 -6.85
N GLY A 223 27.01 7.44 -6.17
CA GLY A 223 28.02 6.72 -5.44
C GLY A 223 28.27 7.25 -4.05
N TYR A 224 27.59 8.33 -3.67
CA TYR A 224 27.74 8.85 -2.32
C TYR A 224 26.44 8.71 -1.54
N TRP A 225 26.59 8.65 -0.21
CA TRP A 225 25.46 8.71 0.70
C TRP A 225 26.00 9.21 2.04
N ILE A 226 25.78 10.49 2.31
CA ILE A 226 26.34 11.18 3.46
C ILE A 226 25.20 11.55 4.39
N GLU A 227 25.18 10.97 5.59
CA GLU A 227 24.15 11.26 6.58
C GLU A 227 24.70 12.14 7.70
N SER A 228 23.94 13.17 8.05
CA SER A 228 24.16 14.00 9.21
C SER A 228 22.89 13.97 10.05
N ALA A 229 23.02 14.39 11.30
CA ALA A 229 21.91 14.27 12.24
C ALA A 229 22.10 15.26 13.36
N LEU A 230 20.98 15.58 14.01
CA LEU A 230 20.95 16.48 15.16
C LEU A 230 20.85 15.65 16.44
N ASN A 231 21.95 15.58 17.19
CA ASN A 231 21.98 15.08 18.56
C ASN A 231 22.83 16.08 19.33
N ASP A 232 22.16 17.00 20.05
CA ASP A 232 22.76 18.18 20.68
C ASP A 232 23.21 19.20 19.63
N THR A 233 24.00 18.75 18.66
CA THR A 233 24.47 19.62 17.59
C THR A 233 24.35 18.88 16.27
N TRP A 234 24.45 19.62 15.17
CA TRP A 234 24.44 19.00 13.84
C TRP A 234 25.85 18.55 13.46
N LYS A 235 25.96 17.26 13.13
CA LYS A 235 27.25 16.68 12.77
C LYS A 235 26.98 15.53 11.81
N ILE A 236 28.03 15.15 11.09
CA ILE A 236 27.97 13.99 10.21
C ILE A 236 28.02 12.72 11.06
N GLU A 237 27.25 11.70 10.67
CA GLU A 237 27.20 10.43 11.40
C GLU A 237 27.69 9.24 10.57
N LYS A 238 27.31 9.16 9.30
CA LYS A 238 27.65 8.05 8.41
C LYS A 238 27.95 8.60 7.02
N ALA A 239 28.81 7.92 6.29
CA ALA A 239 29.04 8.28 4.90
C ALA A 239 29.45 7.04 4.13
N SER A 240 28.73 6.75 3.04
CA SER A 240 28.95 5.56 2.25
C SER A 240 29.53 5.93 0.90
N PHE A 241 30.50 5.14 0.45
CA PHE A 241 31.18 5.39 -0.81
C PHE A 241 31.30 4.10 -1.61
N ILE A 242 30.86 4.17 -2.86
CA ILE A 242 31.13 3.15 -3.87
C ILE A 242 32.21 3.67 -4.79
N GLU A 243 32.32 4.98 -4.91
CA GLU A 243 33.35 5.67 -5.66
C GLU A 243 34.00 6.70 -4.74
N VAL A 244 35.14 7.24 -5.18
CA VAL A 244 35.67 8.48 -4.61
C VAL A 244 36.12 9.29 -5.81
N LYS A 245 35.48 10.44 -6.05
CA LYS A 245 35.73 11.23 -7.24
C LYS A 245 36.46 12.51 -6.87
N ASN A 246 36.83 13.29 -7.88
CA ASN A 246 37.70 14.45 -7.70
C ASN A 246 37.04 15.73 -8.24
N CYS A 247 35.72 15.73 -8.33
CA CYS A 247 34.97 16.89 -8.74
C CYS A 247 34.47 17.64 -7.52
N HIS A 248 33.85 18.80 -7.76
CA HIS A 248 33.37 19.66 -6.69
C HIS A 248 31.87 19.52 -6.55
N TRP A 249 31.39 19.47 -5.30
CA TRP A 249 29.97 19.32 -5.06
C TRP A 249 29.30 20.69 -5.20
N PRO A 250 28.33 20.85 -6.12
CA PRO A 250 27.80 22.19 -6.42
C PRO A 250 26.90 22.71 -5.30
N LYS A 251 27.13 23.95 -4.88
CA LYS A 251 26.42 24.45 -3.70
C LYS A 251 24.91 24.46 -3.94
N SER A 252 24.49 24.57 -5.19
CA SER A 252 23.06 24.49 -5.50
C SER A 252 22.43 23.21 -4.98
N HIS A 253 23.21 22.14 -4.78
CA HIS A 253 22.70 20.88 -4.26
C HIS A 253 23.23 20.60 -2.86
N THR A 254 23.39 21.66 -2.05
CA THR A 254 24.02 21.59 -0.74
C THR A 254 23.11 22.25 0.29
N LEU A 255 22.85 21.55 1.39
CA LEU A 255 22.17 22.17 2.53
C LEU A 255 23.18 22.92 3.38
N TRP A 256 22.78 24.10 3.85
CA TRP A 256 23.56 24.86 4.83
C TRP A 256 24.96 25.13 4.28
N SER A 257 25.01 25.81 3.14
CA SER A 257 26.28 26.01 2.45
C SER A 257 26.94 27.33 2.82
N ASN A 258 26.46 27.99 3.86
CA ASN A 258 26.97 29.27 4.32
C ASN A 258 27.81 29.09 5.57
N GLY A 259 28.79 29.97 5.73
CA GLY A 259 29.62 29.97 6.93
C GLY A 259 30.38 28.68 7.17
N VAL A 260 30.90 28.07 6.11
CA VAL A 260 31.69 26.85 6.20
C VAL A 260 33.16 27.21 6.02
N LEU A 261 34.02 26.70 6.91
CA LEU A 261 35.44 26.67 6.60
C LEU A 261 35.73 25.30 6.02
N GLU A 262 36.30 25.29 4.81
CA GLU A 262 36.62 24.02 4.18
C GLU A 262 37.57 23.21 5.05
N SER A 263 38.40 23.88 5.86
CA SER A 263 39.34 23.21 6.77
C SER A 263 38.65 22.45 7.89
N GLU A 264 37.32 22.51 8.02
CA GLU A 264 36.57 21.70 8.97
C GLU A 264 35.63 20.70 8.31
N MET A 265 35.51 20.72 6.98
CA MET A 265 34.73 19.72 6.27
C MET A 265 35.37 18.35 6.45
N ILE A 266 34.60 17.37 6.94
CA ILE A 266 35.14 16.03 7.15
C ILE A 266 35.54 15.38 5.83
N ILE A 267 34.59 15.20 4.92
CA ILE A 267 34.87 14.73 3.57
C ILE A 267 35.43 15.90 2.77
N PRO A 268 36.67 15.84 2.28
CA PRO A 268 37.27 17.04 1.68
C PRO A 268 36.58 17.50 0.41
N LYS A 269 36.59 18.82 0.22
CA LYS A 269 35.99 19.44 -0.96
C LYS A 269 36.55 18.85 -2.23
N ASN A 270 37.86 18.59 -2.24
CA ASN A 270 38.53 18.11 -3.44
C ASN A 270 38.13 16.69 -3.79
N LEU A 271 37.46 15.98 -2.88
CA LEU A 271 36.95 14.63 -3.12
C LEU A 271 35.43 14.63 -3.18
N ALA A 272 34.87 15.66 -3.82
CA ALA A 272 33.42 15.83 -3.94
C ALA A 272 32.74 15.96 -2.59
N GLY A 273 33.44 16.50 -1.61
CA GLY A 273 32.80 16.82 -0.35
C GLY A 273 31.85 17.99 -0.50
N PRO A 274 30.67 17.89 0.09
CA PRO A 274 29.71 19.00 0.05
C PRO A 274 30.14 20.10 1.00
N VAL A 275 30.13 21.34 0.51
CA VAL A 275 30.48 22.49 1.34
C VAL A 275 29.29 22.81 2.21
N SER A 276 29.23 22.26 3.42
CA SER A 276 28.02 22.29 4.22
C SER A 276 28.40 22.13 5.68
N GLN A 277 27.65 22.77 6.57
CA GLN A 277 27.95 22.49 7.97
C GLN A 277 27.45 21.11 8.43
N HIS A 278 26.75 20.34 7.57
CA HIS A 278 26.45 18.95 7.86
C HIS A 278 27.66 18.07 7.67
N ASN A 279 28.64 18.57 6.93
CA ASN A 279 29.92 17.91 6.68
C ASN A 279 30.91 18.30 7.76
N TYR A 280 30.53 18.05 9.01
CA TYR A 280 31.25 18.55 10.17
C TYR A 280 31.20 17.50 11.27
N ARG A 281 32.31 17.33 12.00
CA ARG A 281 32.28 16.52 13.19
C ARG A 281 33.14 17.28 14.18
N PRO A 282 32.65 17.50 15.40
CA PRO A 282 33.44 18.24 16.39
C PRO A 282 34.72 17.50 16.74
N GLY A 283 35.83 18.21 16.74
CA GLY A 283 37.08 17.60 17.08
C GLY A 283 37.77 16.90 15.94
N TYR A 284 37.26 17.03 14.73
CA TYR A 284 37.89 16.47 13.54
C TYR A 284 38.03 17.57 12.52
N HIS A 285 39.11 17.52 11.75
CA HIS A 285 39.29 18.44 10.64
C HIS A 285 39.31 17.63 9.36
N THR A 286 39.53 18.30 8.22
CA THR A 286 39.43 17.63 6.93
C THR A 286 40.25 16.35 6.91
N GLN A 287 39.64 15.30 6.35
CA GLN A 287 40.28 13.99 6.20
C GLN A 287 40.99 13.93 4.85
N ILE A 288 42.02 14.79 4.72
CA ILE A 288 42.71 14.91 3.45
C ILE A 288 43.37 13.58 3.08
N THR A 289 44.05 12.98 4.06
CA THR A 289 44.80 11.73 3.91
C THR A 289 44.08 10.56 4.59
N GLY A 290 42.77 10.52 4.46
CA GLY A 290 42.04 9.34 4.85
C GLY A 290 42.31 8.26 3.83
N PRO A 291 41.83 7.07 4.09
CA PRO A 291 42.09 5.92 3.23
C PRO A 291 41.24 5.90 1.96
N TRP A 292 41.17 7.05 1.27
CA TRP A 292 40.34 7.17 0.08
C TRP A 292 40.79 6.24 -1.03
N HIS A 293 42.03 5.75 -0.96
CA HIS A 293 42.56 4.79 -1.91
C HIS A 293 41.81 3.46 -1.89
N LEU A 294 41.05 3.17 -0.83
CA LEU A 294 40.19 1.98 -0.85
C LEU A 294 39.13 2.08 -1.92
N GLY A 295 38.75 3.28 -2.32
CA GLY A 295 37.76 3.36 -3.38
C GLY A 295 36.33 3.09 -2.99
N LYS A 296 36.08 1.94 -2.37
CA LYS A 296 34.78 1.63 -1.78
C LYS A 296 35.01 1.48 -0.28
N LEU A 297 34.31 2.28 0.52
CA LEU A 297 34.56 2.29 1.95
C LEU A 297 33.33 2.82 2.67
N GLU A 298 33.36 2.68 3.99
CA GLU A 298 32.20 2.96 4.82
C GLU A 298 32.69 3.77 6.01
N MET A 299 32.41 5.07 6.02
CA MET A 299 32.86 5.92 7.11
C MET A 299 31.78 6.08 8.16
N ASP A 300 32.17 5.97 9.42
CA ASP A 300 31.22 6.31 10.48
C ASP A 300 32.00 6.62 11.76
N PHE A 301 31.29 6.65 12.89
CA PHE A 301 31.86 7.06 14.17
C PHE A 301 31.51 5.99 15.20
N ASP A 302 32.48 5.13 15.50
CA ASP A 302 32.39 4.00 16.43
C ASP A 302 33.81 3.46 16.50
N PHE A 303 34.05 2.58 17.47
CA PHE A 303 35.38 2.01 17.63
C PHE A 303 35.61 0.87 16.65
N CYS A 304 36.84 0.78 16.14
CA CYS A 304 37.24 -0.39 15.38
C CYS A 304 37.32 -1.62 16.28
N ASP A 305 36.83 -2.74 15.79
CA ASP A 305 36.74 -3.99 16.53
C ASP A 305 38.04 -4.34 17.24
N GLY A 306 37.96 -4.49 18.55
CA GLY A 306 39.08 -4.93 19.35
C GLY A 306 40.05 -3.86 19.76
N THR A 307 39.75 -2.59 19.50
CA THR A 307 40.62 -1.47 19.79
C THR A 307 39.92 -0.48 20.71
N THR A 308 40.69 0.49 21.20
CA THR A 308 40.24 1.53 22.09
C THR A 308 40.93 2.85 21.73
N VAL A 309 40.18 3.94 21.76
CA VAL A 309 40.74 5.27 21.55
C VAL A 309 40.59 6.06 22.83
N VAL A 310 41.66 6.68 23.31
CA VAL A 310 41.54 7.61 24.43
C VAL A 310 41.96 9.01 23.98
N VAL A 311 41.45 10.02 24.67
CA VAL A 311 41.80 11.40 24.37
C VAL A 311 42.93 11.81 25.31
N THR A 312 44.11 12.06 24.75
CA THR A 312 45.27 12.49 25.53
C THR A 312 46.06 13.53 24.73
N GLU A 313 46.56 14.55 25.43
CA GLU A 313 47.42 15.54 24.77
C GLU A 313 48.81 14.99 24.44
N ASP A 314 49.20 13.87 25.06
CA ASP A 314 50.45 13.18 24.77
C ASP A 314 50.43 12.45 23.43
N CYS A 315 49.28 12.39 22.77
CA CYS A 315 49.17 11.63 21.54
C CYS A 315 49.91 12.33 20.41
N GLY A 316 50.17 11.59 19.34
CA GLY A 316 50.81 12.16 18.18
C GLY A 316 49.87 13.08 17.41
N ASN A 317 50.46 13.93 16.56
CA ASN A 317 49.65 14.83 15.75
C ASN A 317 48.89 14.05 14.70
N ARG A 318 47.96 14.74 14.05
CA ARG A 318 47.17 14.11 13.01
C ARG A 318 48.06 13.88 11.79
N GLY A 319 48.01 12.66 11.26
CA GLY A 319 48.76 12.33 10.08
C GLY A 319 47.99 11.35 9.22
N PRO A 320 48.64 10.78 8.21
CA PRO A 320 47.94 9.90 7.26
C PRO A 320 47.25 8.76 8.01
N SER A 321 46.11 8.33 7.47
CA SER A 321 45.31 7.31 8.12
C SER A 321 46.04 5.97 8.24
N LEU A 322 45.97 5.36 9.41
CA LEU A 322 46.55 4.05 9.65
C LEU A 322 45.44 3.03 9.77
N ARG A 323 45.79 1.77 9.53
CA ARG A 323 44.86 0.67 9.63
C ARG A 323 45.13 -0.07 10.94
N THR A 324 44.11 -0.76 11.46
CA THR A 324 44.28 -1.38 12.77
C THR A 324 45.06 -2.69 12.74
N THR A 325 45.23 -3.32 11.58
CA THR A 325 45.99 -4.54 11.45
C THR A 325 47.29 -4.25 10.73
N THR A 326 48.38 -4.82 11.23
CA THR A 326 49.65 -4.76 10.51
C THR A 326 49.53 -5.57 9.23
N ALA A 327 50.51 -5.42 8.34
CA ALA A 327 50.47 -6.26 7.14
C ALA A 327 50.40 -7.74 7.52
N SER A 328 51.06 -8.14 8.62
CA SER A 328 51.08 -9.55 9.04
C SER A 328 49.78 -10.01 9.69
N GLY A 329 48.86 -9.11 9.99
CA GLY A 329 47.62 -9.53 10.60
C GLY A 329 47.52 -9.27 12.09
N LYS A 330 48.56 -8.70 12.71
CA LYS A 330 48.50 -8.31 14.12
C LYS A 330 47.51 -7.17 14.30
N LEU A 331 46.79 -7.20 15.41
CA LEU A 331 45.88 -6.11 15.76
C LEU A 331 46.58 -5.16 16.71
N ILE A 332 46.46 -3.87 16.46
CA ILE A 332 46.95 -2.84 17.36
C ILE A 332 45.77 -2.43 18.24
N THR A 333 45.84 -2.72 19.53
CA THR A 333 44.65 -2.51 20.36
C THR A 333 44.53 -1.08 20.90
N GLU A 334 45.62 -0.39 21.22
CA GLU A 334 45.56 0.87 21.95
C GLU A 334 45.83 2.05 21.03
N TRP A 335 44.85 2.95 20.92
CA TRP A 335 44.94 4.13 20.09
C TRP A 335 44.63 5.37 20.92
N CYS A 336 44.91 6.54 20.35
CA CYS A 336 44.58 7.79 21.01
C CYS A 336 44.44 8.88 19.97
N CYS A 337 44.00 10.04 20.45
CA CYS A 337 43.88 11.24 19.65
C CYS A 337 44.01 12.42 20.60
N ARG A 338 44.51 13.52 20.06
CA ARG A 338 44.90 14.63 20.93
C ARG A 338 43.70 15.44 21.40
N SER A 339 42.85 15.90 20.48
CA SER A 339 41.70 16.72 20.82
C SER A 339 40.48 16.33 19.98
N CYS A 340 40.33 15.06 19.63
CA CYS A 340 39.16 14.62 18.88
C CYS A 340 38.01 14.37 19.86
N THR A 341 36.83 14.01 19.34
CA THR A 341 35.66 13.69 20.15
C THR A 341 35.20 12.27 19.85
N LEU A 342 34.97 11.45 20.92
CA LEU A 342 34.52 10.07 20.75
C LEU A 342 33.02 9.99 20.44
N PRO A 343 32.59 8.98 19.69
CA PRO A 343 33.31 7.85 19.11
C PRO A 343 34.26 8.27 17.97
N PRO A 344 35.31 7.50 17.72
CA PRO A 344 36.32 7.93 16.77
C PRO A 344 35.86 7.80 15.33
N LEU A 345 36.38 8.69 14.48
CA LEU A 345 36.15 8.58 13.04
C LEU A 345 36.85 7.33 12.56
N ARG A 346 36.09 6.39 12.03
CA ARG A 346 36.63 5.14 11.55
C ARG A 346 36.08 4.87 10.15
N TYR A 347 36.91 4.27 9.30
CA TYR A 347 36.54 3.82 7.98
C TYR A 347 36.66 2.31 7.96
N ARG A 348 35.88 1.66 7.11
CA ARG A 348 35.98 0.23 6.94
C ARG A 348 35.94 -0.06 5.45
N GLY A 349 36.90 -0.86 5.00
CA GLY A 349 37.07 -1.10 3.58
C GLY A 349 37.30 -2.57 3.39
N GLU A 350 37.67 -2.95 2.17
CA GLU A 350 37.81 -4.35 1.81
C GLU A 350 38.90 -5.05 2.61
N ASP A 351 39.82 -4.31 3.23
CA ASP A 351 41.01 -4.90 3.85
C ASP A 351 41.16 -4.59 5.34
N GLY A 352 40.06 -4.31 6.03
CA GLY A 352 40.11 -4.11 7.46
C GLY A 352 39.61 -2.74 7.82
N CYS A 353 39.97 -2.30 9.02
CA CYS A 353 39.43 -1.11 9.67
C CYS A 353 40.51 -0.02 9.74
N TRP A 354 40.17 1.21 9.34
CA TRP A 354 41.09 2.34 9.43
C TRP A 354 40.54 3.40 10.38
N TYR A 355 41.41 4.31 10.83
CA TYR A 355 41.00 5.37 11.73
C TYR A 355 41.18 6.72 11.09
N GLY A 356 40.43 7.69 11.58
CA GLY A 356 40.58 9.04 11.09
C GLY A 356 41.97 9.58 11.35
N MET A 357 42.29 10.65 10.62
CA MET A 357 43.66 11.15 10.62
C MET A 357 44.16 11.45 12.02
N GLU A 358 43.29 11.89 12.91
CA GLU A 358 43.73 12.32 14.23
C GLU A 358 43.84 11.18 15.23
N ILE A 359 43.51 9.94 14.83
CA ILE A 359 43.58 8.80 15.73
C ILE A 359 44.92 8.10 15.47
N ARG A 360 45.83 8.16 16.41
CA ARG A 360 47.16 7.60 16.31
C ARG A 360 47.35 6.45 17.29
N PRO A 361 48.32 5.56 17.07
CA PRO A 361 48.53 4.46 18.02
C PRO A 361 49.07 5.00 19.34
N LEU A 362 48.64 4.39 20.44
CA LEU A 362 49.03 4.92 21.74
C LEU A 362 50.49 4.57 22.04
N LYS A 363 50.79 3.27 22.07
CA LYS A 363 52.12 2.76 22.38
C LYS A 363 52.89 2.32 21.15
N GLU A 364 52.21 1.71 20.18
CA GLU A 364 52.89 1.09 19.04
C GLU A 364 53.56 2.17 18.20
N LYS A 365 54.74 1.85 17.67
CA LYS A 365 55.41 2.75 16.75
C LYS A 365 54.71 2.76 15.40
N GLU A 366 54.54 3.94 14.81
CA GLU A 366 53.75 4.03 13.57
C GLU A 366 54.42 3.32 12.40
N GLU A 367 55.75 3.12 12.43
CA GLU A 367 56.46 2.53 11.29
C GLU A 367 55.96 1.11 10.99
N ASN A 368 55.55 0.37 12.01
CA ASN A 368 55.09 -1.00 11.83
C ASN A 368 53.69 -1.08 11.23
N LEU A 369 52.99 0.05 11.08
CA LEU A 369 51.60 0.04 10.69
C LEU A 369 51.40 0.38 9.23
N VAL A 370 50.34 -0.19 8.66
CA VAL A 370 49.99 0.07 7.28
C VAL A 370 49.31 1.43 7.23
N ASN A 371 49.78 2.32 6.37
CA ASN A 371 49.15 3.63 6.26
C ASN A 371 48.86 3.97 4.81
N SER A 372 48.10 5.05 4.65
CA SER A 372 47.54 5.42 3.34
C SER A 372 48.30 6.61 2.74
N LEU A 373 49.53 6.36 2.31
CA LEU A 373 50.22 7.39 1.53
C LEU A 373 50.57 6.93 0.11
N ASN B 23 16.48 2.32 9.34
CA ASN B 23 16.77 3.60 9.99
C ASN B 23 16.05 4.75 9.24
N ALA B 24 15.79 4.54 7.95
CA ALA B 24 15.29 5.59 7.08
C ALA B 24 13.82 5.36 6.71
N ASP B 25 13.38 5.92 5.58
CA ASP B 25 12.03 5.73 5.06
C ASP B 25 12.09 4.75 3.89
N SER B 26 11.39 3.62 4.00
CA SER B 26 11.40 2.58 2.98
C SER B 26 10.00 2.42 2.39
N GLY B 27 9.91 2.36 1.07
CA GLY B 27 8.61 2.27 0.42
C GLY B 27 8.77 2.53 -1.06
N CYS B 28 7.66 2.78 -1.73
CA CYS B 28 7.64 2.88 -3.17
C CYS B 28 6.98 4.17 -3.62
N VAL B 29 7.35 4.60 -4.83
CA VAL B 29 7.02 5.92 -5.33
C VAL B 29 6.97 5.84 -6.84
N VAL B 30 5.96 6.48 -7.43
CA VAL B 30 5.85 6.54 -8.89
C VAL B 30 5.92 8.00 -9.31
N SER B 31 6.77 8.29 -10.29
CA SER B 31 6.92 9.64 -10.83
C SER B 31 6.23 9.69 -12.18
N TRP B 32 5.12 10.45 -12.27
CA TRP B 32 4.38 10.54 -13.52
C TRP B 32 5.17 11.29 -14.58
N LYS B 33 5.79 12.41 -14.19
CA LYS B 33 6.56 13.22 -15.14
C LYS B 33 7.78 12.46 -15.65
N ASN B 34 8.48 11.79 -14.75
CA ASN B 34 9.67 11.01 -15.13
C ASN B 34 9.32 9.68 -15.80
N LYS B 35 8.11 9.15 -15.54
CA LYS B 35 7.54 7.93 -16.14
C LYS B 35 8.18 6.63 -15.64
N GLU B 36 8.71 6.62 -14.42
CA GLU B 36 9.30 5.42 -13.85
C GLU B 36 8.65 5.12 -12.50
N LEU B 37 8.92 3.93 -11.99
CA LEU B 37 8.58 3.57 -10.62
C LEU B 37 9.88 3.23 -9.92
N LYS B 38 10.05 3.71 -8.70
CA LYS B 38 11.26 3.45 -7.95
C LYS B 38 10.87 3.03 -6.55
N CYS B 39 11.42 1.92 -6.09
CA CYS B 39 11.33 1.56 -4.69
C CYS B 39 12.72 1.59 -4.10
N GLY B 40 12.79 1.69 -2.81
CA GLY B 40 14.05 1.76 -2.13
C GLY B 40 13.91 2.46 -0.81
N SER B 41 15.04 2.82 -0.27
CA SER B 41 15.11 3.36 1.08
C SER B 41 15.79 4.73 1.03
N GLY B 42 15.34 5.66 1.88
CA GLY B 42 15.89 7.01 1.88
C GLY B 42 15.08 8.03 2.65
N ILE B 43 14.85 9.20 2.05
CA ILE B 43 14.12 10.30 2.68
C ILE B 43 12.96 10.66 1.78
N PHE B 44 11.74 10.68 2.33
CA PHE B 44 10.54 11.04 1.56
C PHE B 44 9.97 12.34 2.11
N ILE B 45 10.07 13.40 1.32
CA ILE B 45 9.49 14.69 1.68
C ILE B 45 8.11 14.75 1.04
N THR B 46 7.07 14.71 1.87
CA THR B 46 5.72 14.80 1.35
C THR B 46 5.28 16.25 1.31
N ASP B 47 4.34 16.53 0.42
CA ASP B 47 3.70 17.84 0.28
C ASP B 47 2.52 17.84 1.24
N ASN B 48 2.72 18.46 2.42
CA ASN B 48 1.73 18.47 3.49
C ASN B 48 0.84 19.69 3.44
N VAL B 49 0.71 20.32 2.28
CA VAL B 49 -0.13 21.50 2.07
C VAL B 49 -1.35 21.16 1.22
N HIS B 50 -1.15 20.49 0.09
CA HIS B 50 -2.22 20.05 -0.79
C HIS B 50 -2.72 18.67 -0.42
N THR B 51 -2.54 18.24 0.82
CA THR B 51 -3.20 17.05 1.33
C THR B 51 -4.67 17.34 1.55
N TRP B 52 -5.52 16.33 1.29
CA TRP B 52 -6.96 16.54 1.34
C TRP B 52 -7.49 16.57 2.76
N THR B 53 -6.85 15.86 3.68
CA THR B 53 -7.26 15.89 5.06
C THR B 53 -6.14 16.46 5.93
N GLU B 54 -6.53 16.88 7.14
CA GLU B 54 -5.54 17.41 8.09
C GLU B 54 -4.70 16.22 8.52
N GLN B 55 -3.49 16.11 7.96
CA GLN B 55 -2.64 14.96 8.26
C GLN B 55 -2.02 15.06 9.65
N TYR B 56 -1.78 16.28 10.12
CA TYR B 56 -1.08 16.48 11.38
C TYR B 56 -1.90 17.44 12.24
N LYS B 57 -1.91 17.19 13.56
CA LYS B 57 -2.55 18.03 14.56
C LYS B 57 -1.56 18.32 15.68
N PHE B 58 -1.47 19.57 16.12
CA PHE B 58 -0.62 19.88 17.26
C PHE B 58 -1.37 19.57 18.56
N GLN B 59 -0.66 18.98 19.52
CA GLN B 59 -1.17 18.70 20.86
C GLN B 59 -0.09 19.04 21.87
N PRO B 60 -0.48 19.48 23.06
CA PRO B 60 0.51 19.78 24.10
C PRO B 60 0.81 18.57 24.97
N GLU B 61 2.07 18.48 25.38
CA GLU B 61 2.46 17.36 26.24
C GLU B 61 1.80 17.46 27.61
N SER B 62 1.78 18.66 28.18
CA SER B 62 1.18 18.89 29.49
C SER B 62 0.31 20.13 29.41
N PRO B 63 -1.00 19.97 29.21
CA PRO B 63 -1.89 21.14 29.29
C PRO B 63 -1.78 21.85 30.62
N SER B 64 -1.46 21.11 31.69
CA SER B 64 -1.29 21.72 33.01
C SER B 64 -0.06 22.63 33.05
N LYS B 65 1.05 22.22 32.40
CA LYS B 65 2.20 23.11 32.28
C LYS B 65 1.89 24.37 31.46
N LEU B 66 1.05 24.27 30.44
CA LEU B 66 0.72 25.46 29.66
C LEU B 66 -0.08 26.46 30.51
N ALA B 67 -0.98 25.96 31.35
CA ALA B 67 -1.73 26.84 32.24
C ALA B 67 -0.79 27.58 33.20
N SER B 68 0.25 26.89 33.71
CA SER B 68 1.18 27.54 34.63
C SER B 68 1.94 28.68 33.96
N ALA B 69 2.52 28.41 32.78
CA ALA B 69 3.30 29.40 32.04
C ALA B 69 2.47 30.57 31.54
N ILE B 70 1.14 30.46 31.55
CA ILE B 70 0.26 31.56 31.15
C ILE B 70 -0.07 32.45 32.33
N GLN B 71 -0.29 31.90 33.52
CA GLN B 71 -0.30 32.71 34.74
C GLN B 71 0.92 33.62 34.82
N LYS B 72 2.11 33.01 34.84
CA LYS B 72 3.35 33.79 34.88
C LYS B 72 3.39 34.83 33.77
N ALA B 73 2.94 34.47 32.56
CA ALA B 73 2.85 35.43 31.45
C ALA B 73 1.96 36.60 31.80
N HIS B 74 0.71 36.29 32.18
CA HIS B 74 -0.23 37.34 32.57
C HIS B 74 0.27 38.13 33.77
N GLU B 75 0.91 37.44 34.72
CA GLU B 75 1.45 38.12 35.89
C GLU B 75 2.57 39.09 35.52
N GLU B 76 3.40 38.76 34.52
CA GLU B 76 4.48 39.62 34.02
C GLU B 76 3.99 40.75 33.14
N GLY B 77 2.69 40.85 32.89
CA GLY B 77 2.19 41.85 31.99
C GLY B 77 2.06 41.42 30.54
N ILE B 78 2.16 40.13 30.24
CA ILE B 78 1.93 39.65 28.88
C ILE B 78 0.45 39.40 28.75
N CYS B 79 -0.21 40.16 27.88
CA CYS B 79 -1.67 40.14 27.79
C CYS B 79 -2.20 39.08 26.84
N GLY B 80 -1.35 38.51 26.00
CA GLY B 80 -1.82 37.51 25.07
C GLY B 80 -0.67 36.87 24.33
N ILE B 81 -1.01 36.01 23.38
CA ILE B 81 0.00 35.37 22.57
C ILE B 81 -0.48 35.34 21.13
N ARG B 82 0.48 35.28 20.20
CA ARG B 82 0.23 35.14 18.79
C ARG B 82 0.93 33.87 18.34
N SER B 83 0.20 33.01 17.64
CA SER B 83 0.74 31.75 17.15
C SER B 83 1.70 32.01 16.00
N VAL B 84 2.68 31.11 15.85
CA VAL B 84 3.59 31.15 14.71
C VAL B 84 2.95 30.54 13.49
N THR B 85 2.56 29.28 13.61
CA THR B 85 2.08 28.41 12.56
C THR B 85 0.56 28.25 12.69
N ARG B 86 -0.08 27.94 11.57
CA ARG B 86 -1.53 27.77 11.58
C ARG B 86 -1.97 26.66 12.52
N LEU B 87 -1.27 25.52 12.50
CA LEU B 87 -1.63 24.41 13.37
C LEU B 87 -1.57 24.79 14.85
N GLU B 88 -0.78 25.81 15.19
CA GLU B 88 -0.69 26.25 16.57
C GLU B 88 -1.97 26.94 17.01
N ASN B 89 -2.53 27.76 16.13
CA ASN B 89 -3.81 28.41 16.41
C ASN B 89 -4.94 27.38 16.56
N LEU B 90 -5.00 26.42 15.63
CA LEU B 90 -6.01 25.37 15.75
C LEU B 90 -5.85 24.61 17.06
N MET B 91 -4.61 24.40 17.50
CA MET B 91 -4.39 23.75 18.80
C MET B 91 -4.97 24.57 19.93
N TRP B 92 -4.69 25.88 19.94
CA TRP B 92 -5.23 26.72 21.00
C TRP B 92 -6.76 26.72 21.04
N LYS B 93 -7.42 26.39 19.92
CA LYS B 93 -8.86 26.28 19.88
C LYS B 93 -9.35 24.97 20.51
N GLN B 94 -8.78 23.83 20.11
CA GLN B 94 -9.17 22.57 20.76
C GLN B 94 -8.94 22.61 22.26
N ILE B 95 -7.99 23.43 22.72
CA ILE B 95 -7.47 23.29 24.08
C ILE B 95 -8.03 24.30 25.08
N THR B 96 -8.61 25.40 24.61
CA THR B 96 -8.97 26.47 25.54
C THR B 96 -10.03 26.08 26.56
N PRO B 97 -11.08 25.32 26.23
CA PRO B 97 -11.96 24.78 27.30
C PRO B 97 -11.21 24.05 28.41
N GLU B 98 -10.20 23.23 28.11
CA GLU B 98 -9.46 22.60 29.21
C GLU B 98 -8.52 23.60 29.89
N LEU B 99 -7.99 24.56 29.14
CA LEU B 99 -7.11 25.54 29.78
C LEU B 99 -7.89 26.41 30.76
N ASN B 100 -9.10 26.82 30.39
CA ASN B 100 -9.92 27.61 31.30
C ASN B 100 -10.43 26.77 32.47
N HIS B 101 -10.56 25.45 32.29
CA HIS B 101 -11.00 24.61 33.40
C HIS B 101 -9.85 24.39 34.38
N ILE B 102 -8.65 24.14 33.88
CA ILE B 102 -7.47 24.05 34.75
C ILE B 102 -7.18 25.40 35.43
N LEU B 103 -7.46 26.51 34.74
CA LEU B 103 -7.24 27.82 35.35
C LEU B 103 -8.25 28.10 36.46
N SER B 104 -9.50 27.68 36.28
CA SER B 104 -10.55 27.93 37.26
C SER B 104 -10.33 27.08 38.52
N GLU B 105 -10.03 25.79 38.33
CA GLU B 105 -9.75 24.89 39.44
C GLU B 105 -8.54 25.39 40.23
N ASN B 106 -7.60 26.04 39.56
CA ASN B 106 -6.36 26.53 40.15
C ASN B 106 -6.52 27.88 40.84
N GLU B 107 -7.72 28.47 40.82
CA GLU B 107 -8.03 29.69 41.57
C GLU B 107 -7.30 30.92 41.00
N VAL B 108 -7.81 31.50 39.92
CA VAL B 108 -7.24 32.71 39.32
C VAL B 108 -8.25 33.31 38.35
N LYS B 109 -8.62 34.57 38.56
CA LYS B 109 -9.69 35.21 37.77
C LYS B 109 -9.12 35.70 36.44
N LEU B 110 -8.97 34.77 35.50
CA LEU B 110 -8.42 35.07 34.19
C LEU B 110 -9.12 34.20 33.16
N THR B 111 -9.73 34.86 32.16
CA THR B 111 -10.45 34.19 31.08
C THR B 111 -9.58 34.21 29.83
N ILE B 112 -9.35 33.04 29.24
CA ILE B 112 -8.69 32.92 27.93
C ILE B 112 -9.76 32.72 26.87
N MET B 113 -9.77 33.58 25.86
CA MET B 113 -10.51 33.34 24.63
C MET B 113 -9.57 33.57 23.47
N THR B 114 -9.49 32.57 22.60
CA THR B 114 -8.59 32.59 21.47
C THR B 114 -9.44 32.64 20.20
N GLY B 115 -9.07 33.53 19.29
CA GLY B 115 -9.87 33.81 18.12
C GLY B 115 -9.32 33.22 16.84
N ASP B 116 -9.66 33.84 15.71
CA ASP B 116 -9.36 33.31 14.40
C ASP B 116 -8.04 33.91 13.89
N ILE B 117 -7.66 33.53 12.68
CA ILE B 117 -6.36 33.88 12.09
C ILE B 117 -6.58 34.95 11.03
N LYS B 118 -5.78 36.01 11.09
CA LYS B 118 -5.72 37.03 10.03
C LYS B 118 -4.91 36.52 8.84
N GLY B 119 -4.38 37.42 8.02
CA GLY B 119 -3.53 36.97 6.95
C GLY B 119 -2.18 36.52 7.47
N ILE B 120 -1.28 37.48 7.60
CA ILE B 120 0.03 37.22 8.19
C ILE B 120 -0.19 36.81 9.65
N MET B 121 0.61 35.84 10.11
CA MET B 121 0.63 35.49 11.53
C MET B 121 1.65 36.38 12.20
N GLN B 122 1.22 37.61 12.50
CA GLN B 122 2.12 38.61 13.08
C GLN B 122 2.82 38.04 14.31
N ALA B 123 4.07 38.44 14.50
CA ALA B 123 4.89 38.04 15.63
C ALA B 123 4.63 38.93 16.85
N GLY B 124 4.89 38.38 18.02
CA GLY B 124 4.90 39.15 19.26
C GLY B 124 6.29 39.28 19.81
N LYS B 125 6.57 40.28 20.65
CA LYS B 125 7.93 40.51 21.12
C LYS B 125 8.21 39.89 22.49
N ARG B 126 7.21 39.30 23.13
CA ARG B 126 7.40 38.65 24.41
C ARG B 126 7.37 37.14 24.19
N SER B 127 7.44 36.42 25.30
CA SER B 127 7.45 34.96 25.21
C SER B 127 7.10 34.35 26.56
N LEU B 128 6.57 33.13 26.48
CA LEU B 128 6.34 32.26 27.61
C LEU B 128 7.67 31.63 28.02
N ARG B 129 7.69 31.04 29.22
CA ARG B 129 8.91 30.42 29.74
C ARG B 129 8.58 29.12 30.48
N PRO B 130 9.46 28.09 30.40
CA PRO B 130 9.24 26.76 31.02
C PRO B 130 9.48 26.68 32.54
N ASN B 154 -14.04 41.72 34.20
CA ASN B 154 -12.90 40.90 34.63
C ASN B 154 -11.71 40.99 33.66
N GLN B 155 -10.63 40.28 34.01
CA GLN B 155 -9.36 40.34 33.31
C GLN B 155 -9.22 39.24 32.26
N THR B 156 -8.58 39.55 31.13
CA THR B 156 -8.71 38.74 29.92
C THR B 156 -7.35 38.45 29.25
N PHE B 157 -7.27 37.31 28.57
CA PHE B 157 -6.05 36.85 27.90
C PHE B 157 -6.31 36.43 26.45
N LEU B 158 -5.81 37.23 25.50
CA LEU B 158 -6.17 37.13 24.09
C LEU B 158 -5.14 36.30 23.34
N ILE B 159 -5.56 35.17 22.76
CA ILE B 159 -4.70 34.37 21.89
C ILE B 159 -5.17 34.59 20.44
N ASP B 160 -4.31 35.21 19.64
CA ASP B 160 -4.57 35.44 18.20
C ASP B 160 -5.80 36.31 18.07
N GLY B 161 -6.70 36.03 17.13
CA GLY B 161 -7.80 36.94 16.88
C GLY B 161 -7.33 38.14 16.10
N PRO B 162 -8.16 39.17 16.02
CA PRO B 162 -7.80 40.36 15.27
C PRO B 162 -6.83 41.25 16.05
N GLU B 163 -6.36 42.29 15.37
CA GLU B 163 -5.39 43.19 15.94
C GLU B 163 -6.05 44.01 17.05
N THR B 164 -5.24 44.65 17.90
CA THR B 164 -5.84 45.44 18.96
C THR B 164 -4.78 46.36 19.57
N ALA B 165 -5.24 47.51 20.06
CA ALA B 165 -4.37 48.40 20.82
C ALA B 165 -4.36 48.08 22.31
N GLU B 166 -5.42 47.43 22.83
CA GLU B 166 -5.45 47.05 24.24
C GLU B 166 -4.41 45.99 24.56
N CYS B 167 -4.06 45.16 23.57
CA CYS B 167 -3.10 44.07 23.75
C CYS B 167 -2.26 44.01 22.48
N PRO B 168 -1.30 44.92 22.33
CA PRO B 168 -0.56 45.02 21.09
C PRO B 168 0.43 43.88 21.01
N ASN B 169 1.06 43.75 19.86
CA ASN B 169 2.00 42.66 19.67
C ASN B 169 3.23 42.81 20.57
N THR B 170 3.61 44.03 20.91
CA THR B 170 4.75 44.24 21.82
C THR B 170 4.54 43.49 23.13
N ASN B 171 3.30 43.24 23.51
CA ASN B 171 2.99 42.61 24.78
C ASN B 171 2.38 41.22 24.61
N ARG B 172 2.61 40.56 23.47
CA ARG B 172 2.12 39.22 23.20
C ARG B 172 3.28 38.24 23.11
N ALA B 173 3.09 37.03 23.64
CA ALA B 173 4.09 35.97 23.49
C ALA B 173 4.00 35.33 22.11
N TRP B 174 5.14 34.84 21.62
CA TRP B 174 5.19 34.34 20.26
C TRP B 174 6.35 33.38 20.12
N ASN B 175 6.09 32.26 19.46
CA ASN B 175 7.11 31.26 19.20
C ASN B 175 7.71 30.78 20.51
N SER B 176 6.87 30.13 21.31
CA SER B 176 7.32 29.58 22.58
C SER B 176 7.15 28.07 22.64
N LEU B 177 6.77 27.44 21.54
CA LEU B 177 6.57 26.00 21.46
C LEU B 177 7.54 25.40 20.45
N GLU B 178 8.09 24.24 20.79
CA GLU B 178 8.86 23.43 19.86
C GLU B 178 8.34 22.00 19.94
N VAL B 179 8.69 21.18 18.94
CA VAL B 179 8.13 19.84 18.86
C VAL B 179 8.88 18.92 19.81
N GLU B 180 8.14 18.00 20.44
CA GLU B 180 8.72 16.99 21.31
C GLU B 180 8.95 15.68 20.54
N ASP B 181 7.86 15.02 20.14
CA ASP B 181 7.94 13.77 19.38
C ASP B 181 6.64 13.63 18.56
N TYR B 182 6.41 12.42 18.01
CA TYR B 182 5.36 12.17 17.02
C TYR B 182 4.46 10.99 17.42
N GLY B 183 3.17 11.12 17.12
CA GLY B 183 2.27 9.98 17.06
C GLY B 183 2.28 9.34 15.68
N PHE B 184 1.30 8.45 15.45
CA PHE B 184 1.28 7.68 14.21
C PHE B 184 -0.11 7.64 13.58
N GLY B 185 -0.19 7.06 12.39
CA GLY B 185 -1.46 6.79 11.71
C GLY B 185 -1.43 6.90 10.19
N THR B 188 -4.29 9.99 10.41
CA THR B 188 -3.63 11.22 10.86
C THR B 188 -2.34 10.92 11.64
N THR B 189 -1.81 11.92 12.33
CA THR B 189 -0.57 11.75 13.09
C THR B 189 -0.44 12.91 14.06
N ASN B 190 -0.13 12.61 15.32
CA ASN B 190 -0.05 13.61 16.36
C ASN B 190 1.35 14.22 16.42
N ILE B 191 1.41 15.47 16.84
CA ILE B 191 2.67 16.20 17.05
C ILE B 191 2.62 16.83 18.42
N TRP B 192 3.51 16.42 19.31
CA TRP B 192 3.48 16.94 20.66
C TRP B 192 4.40 18.15 20.78
N LEU B 193 3.90 19.18 21.47
CA LEU B 193 4.60 20.44 21.63
C LEU B 193 4.89 20.69 23.10
N LYS B 194 6.03 21.32 23.35
CA LYS B 194 6.45 21.71 24.69
C LYS B 194 7.02 23.11 24.59
N LEU B 195 7.23 23.71 25.75
CA LEU B 195 7.73 25.08 25.81
C LEU B 195 9.21 25.13 25.44
N LYS B 196 9.59 26.16 24.68
CA LYS B 196 10.97 26.27 24.21
C LYS B 196 11.85 26.77 25.34
N GLU B 197 13.08 26.28 25.38
CA GLU B 197 14.01 26.78 26.38
C GLU B 197 14.59 28.16 26.04
N LYS B 198 14.62 28.53 24.76
CA LYS B 198 15.24 29.78 24.34
C LYS B 198 14.28 30.58 23.47
N GLN B 199 14.42 31.91 23.55
CA GLN B 199 13.62 32.87 22.80
C GLN B 199 14.41 33.32 21.59
N ASP B 200 14.00 32.87 20.41
CA ASP B 200 14.63 33.24 19.15
C ASP B 200 13.52 33.42 18.13
N VAL B 201 13.89 33.79 16.92
CA VAL B 201 12.92 34.14 15.88
C VAL B 201 12.86 33.08 14.77
N PHE B 202 13.35 31.88 15.03
CA PHE B 202 13.47 30.86 14.00
C PHE B 202 12.32 29.88 14.07
N CYS B 203 11.76 29.55 12.90
CA CYS B 203 10.67 28.59 12.85
C CYS B 203 11.15 27.25 13.38
N ASP B 204 10.24 26.46 13.95
CA ASP B 204 10.61 25.19 14.53
C ASP B 204 11.20 24.27 13.46
N SER B 205 12.47 23.89 13.64
CA SER B 205 13.17 23.13 12.60
C SER B 205 12.60 21.72 12.44
N LYS B 206 12.02 21.12 13.50
CA LYS B 206 11.51 19.76 13.35
C LYS B 206 10.35 19.68 12.37
N LEU B 207 9.80 20.79 11.93
CA LEU B 207 8.74 20.76 10.92
C LEU B 207 9.27 20.97 9.52
N MET B 208 10.44 21.58 9.37
CA MET B 208 10.98 21.94 8.08
C MET B 208 11.59 20.73 7.37
N SER B 209 11.73 20.88 6.07
CA SER B 209 12.34 19.90 5.20
C SER B 209 12.71 20.57 3.90
N ALA B 210 13.68 19.99 3.20
CA ALA B 210 14.09 20.45 1.89
C ALA B 210 14.51 19.22 1.09
N ALA B 211 14.54 19.38 -0.23
CA ALA B 211 14.94 18.27 -1.09
C ALA B 211 15.21 18.81 -2.48
N ILE B 212 16.14 18.16 -3.18
CA ILE B 212 16.43 18.53 -4.57
C ILE B 212 16.91 17.26 -5.26
N LYS B 213 16.39 16.99 -6.45
CA LYS B 213 16.63 15.79 -7.26
C LYS B 213 16.01 16.05 -8.62
N ASP B 214 16.62 15.53 -9.67
CA ASP B 214 16.10 15.75 -11.03
C ASP B 214 16.13 17.23 -11.39
N ASN B 215 17.04 17.97 -10.77
CA ASN B 215 17.09 19.43 -10.90
C ASN B 215 15.72 20.07 -10.65
N ARG B 216 15.03 19.58 -9.62
CA ARG B 216 13.86 20.26 -9.11
C ARG B 216 13.95 20.26 -7.58
N ALA B 217 13.92 21.44 -6.98
CA ALA B 217 14.15 21.62 -5.55
C ALA B 217 12.90 22.09 -4.84
N VAL B 218 12.79 21.74 -3.57
CA VAL B 218 11.61 22.03 -2.74
C VAL B 218 12.06 22.44 -1.35
N HIS B 219 11.54 23.56 -0.86
CA HIS B 219 11.58 23.90 0.56
C HIS B 219 10.16 23.82 1.11
N ALA B 220 9.97 23.06 2.19
CA ALA B 220 8.61 22.65 2.59
C ALA B 220 8.45 22.70 4.10
N ASP B 221 7.20 22.64 4.52
CA ASP B 221 6.81 22.97 5.88
C ASP B 221 5.42 22.43 6.10
N MET B 222 4.94 22.53 7.33
CA MET B 222 3.53 22.23 7.61
C MET B 222 2.60 23.17 6.86
N GLY B 223 3.08 24.31 6.37
CA GLY B 223 2.24 25.27 5.70
C GLY B 223 2.83 25.88 4.45
N TYR B 224 4.08 25.55 4.10
CA TYR B 224 4.73 26.02 2.89
C TYR B 224 5.00 24.88 1.93
N TRP B 225 5.12 25.23 0.65
CA TRP B 225 5.63 24.28 -0.35
C TRP B 225 6.20 25.10 -1.50
N ILE B 226 7.52 25.25 -1.54
CA ILE B 226 8.20 26.16 -2.45
C ILE B 226 9.05 25.35 -3.43
N GLU B 227 8.68 25.38 -4.70
CA GLU B 227 9.34 24.61 -5.75
C GLU B 227 10.28 25.48 -6.56
N SER B 228 11.47 24.96 -6.82
CA SER B 228 12.43 25.55 -7.73
C SER B 228 12.79 24.54 -8.81
N ALA B 229 13.32 25.04 -9.92
CA ALA B 229 13.64 24.15 -11.02
C ALA B 229 14.69 24.83 -11.88
N LEU B 230 15.46 24.00 -12.60
CA LEU B 230 16.49 24.48 -13.51
C LEU B 230 15.91 24.41 -14.91
N ASN B 231 15.61 25.58 -15.48
CA ASN B 231 15.22 25.72 -16.89
C ASN B 231 16.05 26.87 -17.41
N ASP B 232 17.14 26.56 -18.11
CA ASP B 232 18.16 27.52 -18.51
C ASP B 232 18.94 27.99 -17.28
N THR B 233 18.23 28.44 -16.24
CA THR B 233 18.82 28.91 -14.99
C THR B 233 17.99 28.41 -13.82
N TRP B 234 18.56 28.50 -12.60
CA TRP B 234 17.85 28.16 -11.37
C TRP B 234 16.99 29.32 -10.86
N LYS B 235 15.69 29.08 -10.72
CA LYS B 235 14.78 30.11 -10.30
C LYS B 235 13.58 29.49 -9.59
N ILE B 236 12.89 30.28 -8.78
CA ILE B 236 11.68 29.81 -8.10
C ILE B 236 10.54 29.72 -9.11
N GLU B 237 9.71 28.69 -8.99
CA GLU B 237 8.66 28.49 -9.99
C GLU B 237 7.27 28.54 -9.39
N LYS B 238 7.05 27.85 -8.28
CA LYS B 238 5.74 27.78 -7.65
C LYS B 238 5.98 27.80 -6.15
N ALA B 239 5.05 28.38 -5.41
CA ALA B 239 5.14 28.35 -3.95
C ALA B 239 3.73 28.43 -3.40
N SER B 240 3.37 27.47 -2.55
CA SER B 240 2.02 27.37 -2.01
C SER B 240 2.04 27.66 -0.51
N PHE B 241 1.00 28.37 -0.04
CA PHE B 241 0.88 28.81 1.34
C PHE B 241 -0.50 28.48 1.87
N ILE B 242 -0.56 27.85 3.05
CA ILE B 242 -1.78 27.75 3.84
C ILE B 242 -1.70 28.74 4.99
N GLU B 243 -0.50 29.09 5.38
CA GLU B 243 -0.24 30.08 6.39
C GLU B 243 0.72 31.06 5.76
N VAL B 244 0.90 32.21 6.39
CA VAL B 244 2.06 33.06 6.11
C VAL B 244 2.58 33.45 7.46
N LYS B 245 3.77 33.02 7.79
CA LYS B 245 4.26 33.23 9.13
C LYS B 245 5.32 34.31 9.14
N ASN B 246 5.78 34.63 10.33
CA ASN B 246 6.63 35.80 10.54
C ASN B 246 7.91 35.42 11.25
N CYS B 247 8.31 34.16 11.15
CA CYS B 247 9.56 33.63 11.67
C CYS B 247 10.58 33.51 10.56
N HIS B 248 11.80 33.12 10.90
CA HIS B 248 12.89 33.01 9.94
C HIS B 248 13.16 31.55 9.55
N TRP B 249 13.40 31.33 8.26
CA TRP B 249 13.63 29.95 7.79
C TRP B 249 15.06 29.55 8.13
N PRO B 250 15.26 28.58 9.01
CA PRO B 250 16.60 28.36 9.55
C PRO B 250 17.53 27.80 8.48
N LYS B 251 18.74 28.37 8.39
CA LYS B 251 19.67 28.03 7.31
C LYS B 251 20.08 26.57 7.30
N SER B 252 20.05 25.88 8.44
CA SER B 252 20.37 24.46 8.45
C SER B 252 19.46 23.67 7.51
N HIS B 253 18.25 24.16 7.26
CA HIS B 253 17.29 23.47 6.41
C HIS B 253 17.10 24.20 5.09
N THR B 254 18.17 24.78 4.55
CA THR B 254 18.12 25.60 3.34
C THR B 254 19.15 25.13 2.35
N LEU B 255 18.74 24.92 1.10
CA LEU B 255 19.66 24.61 0.01
C LEU B 255 20.26 25.88 -0.56
N TRP B 256 21.55 25.84 -0.87
CA TRP B 256 22.21 26.93 -1.60
C TRP B 256 22.08 28.24 -0.84
N SER B 257 22.49 28.22 0.43
CA SER B 257 22.29 29.35 1.33
C SER B 257 23.50 30.27 1.44
N ASN B 258 24.41 30.23 0.47
CA ASN B 258 25.59 31.09 0.45
C ASN B 258 25.40 32.21 -0.57
N GLY B 259 26.02 33.36 -0.30
CA GLY B 259 26.01 34.50 -1.20
C GLY B 259 24.64 35.01 -1.57
N VAL B 260 23.72 35.00 -0.61
CA VAL B 260 22.35 35.42 -0.88
C VAL B 260 22.20 36.87 -0.45
N LEU B 261 21.57 37.66 -1.31
CA LEU B 261 21.12 38.99 -1.02
C LEU B 261 19.65 38.97 -0.64
N GLU B 262 19.32 39.50 0.54
CA GLU B 262 17.90 39.58 0.91
C GLU B 262 17.13 40.46 -0.06
N SER B 263 17.79 41.44 -0.66
CA SER B 263 17.14 42.29 -1.64
C SER B 263 16.77 41.52 -2.91
N GLU B 264 17.17 40.25 -3.05
CA GLU B 264 16.77 39.47 -4.20
C GLU B 264 15.84 38.30 -3.88
N MET B 265 15.66 37.98 -2.60
CA MET B 265 14.78 36.88 -2.21
C MET B 265 13.33 37.21 -2.54
N ILE B 266 12.66 36.35 -3.33
CA ILE B 266 11.27 36.60 -3.69
C ILE B 266 10.36 36.53 -2.46
N ILE B 267 10.34 35.37 -1.81
CA ILE B 267 9.65 35.26 -0.53
C ILE B 267 10.54 35.91 0.52
N PRO B 268 10.06 36.98 1.18
CA PRO B 268 10.94 37.77 2.05
C PRO B 268 11.44 37.00 3.27
N LYS B 269 12.66 37.31 3.70
CA LYS B 269 13.20 36.63 4.86
C LYS B 269 12.24 36.73 6.04
N ASN B 270 11.54 37.86 6.16
CA ASN B 270 10.65 38.17 7.28
C ASN B 270 9.39 37.33 7.30
N LEU B 271 9.06 36.68 6.20
CA LEU B 271 7.89 35.81 6.11
C LEU B 271 8.30 34.34 6.01
N ALA B 272 9.36 33.97 6.74
CA ALA B 272 9.90 32.61 6.71
C ALA B 272 10.32 32.22 5.30
N GLY B 273 10.70 33.22 4.49
CA GLY B 273 11.29 32.94 3.20
C GLY B 273 12.66 32.35 3.40
N PRO B 274 12.96 31.27 2.67
CA PRO B 274 14.26 30.62 2.81
C PRO B 274 15.35 31.49 2.19
N VAL B 275 16.44 31.70 2.93
CA VAL B 275 17.55 32.50 2.42
C VAL B 275 18.36 31.62 1.47
N SER B 276 18.04 31.68 0.19
CA SER B 276 18.59 30.70 -0.73
C SER B 276 18.58 31.29 -2.12
N GLN B 277 19.58 30.93 -2.91
CA GLN B 277 19.52 31.35 -4.31
C GLN B 277 18.47 30.58 -5.10
N HIS B 278 17.78 29.61 -4.49
CA HIS B 278 16.60 29.01 -5.10
C HIS B 278 15.38 29.93 -4.99
N ASN B 279 15.45 30.92 -4.11
CA ASN B 279 14.40 31.90 -3.87
C ASN B 279 14.56 33.16 -4.75
N TYR B 280 15.18 33.06 -5.92
CA TYR B 280 15.29 34.19 -6.83
C TYR B 280 14.41 33.96 -8.03
N ARG B 281 14.14 35.04 -8.76
CA ARG B 281 13.52 35.01 -10.08
C ARG B 281 14.09 36.22 -10.80
N PRO B 282 14.61 36.04 -12.01
CA PRO B 282 15.18 37.18 -12.74
C PRO B 282 14.13 38.27 -13.02
N GLY B 283 14.49 39.52 -12.71
CA GLY B 283 13.61 40.64 -12.93
C GLY B 283 12.62 40.93 -11.81
N TYR B 284 12.71 40.23 -10.69
CA TYR B 284 11.85 40.46 -9.55
C TYR B 284 12.70 40.63 -8.31
N HIS B 285 12.29 41.50 -7.42
CA HIS B 285 12.96 41.65 -6.14
C HIS B 285 12.02 41.23 -5.03
N THR B 286 12.48 41.41 -3.79
CA THR B 286 11.71 40.97 -2.63
C THR B 286 10.26 41.45 -2.77
N GLN B 287 9.31 40.55 -2.50
CA GLN B 287 7.89 40.89 -2.56
C GLN B 287 7.35 41.31 -1.18
N ILE B 288 7.94 42.38 -0.65
CA ILE B 288 7.59 42.80 0.70
C ILE B 288 6.11 43.13 0.78
N THR B 289 5.57 43.78 -0.24
CA THR B 289 4.16 44.14 -0.32
C THR B 289 3.38 43.23 -1.26
N GLY B 290 3.65 41.93 -1.30
CA GLY B 290 2.76 41.02 -1.98
C GLY B 290 1.46 40.89 -1.19
N PRO B 291 0.51 40.19 -1.72
CA PRO B 291 -0.77 40.01 -1.02
C PRO B 291 -0.75 39.00 0.11
N TRP B 292 0.27 39.09 0.97
CA TRP B 292 0.42 38.11 2.06
C TRP B 292 -0.71 38.16 3.06
N HIS B 293 -1.48 39.24 3.07
CA HIS B 293 -2.68 39.30 3.91
C HIS B 293 -3.70 38.24 3.51
N LEU B 294 -3.56 37.66 2.30
CA LEU B 294 -4.47 36.62 1.86
C LEU B 294 -4.42 35.41 2.78
N GLY B 295 -3.30 35.21 3.44
CA GLY B 295 -3.12 34.12 4.38
C GLY B 295 -2.90 32.75 3.74
N LYS B 296 -3.81 32.35 2.87
CA LYS B 296 -3.73 31.11 2.09
C LYS B 296 -3.70 31.52 0.62
N LEU B 297 -2.64 31.18 -0.10
CA LEU B 297 -2.49 31.67 -1.47
C LEU B 297 -1.54 30.80 -2.27
N GLU B 298 -1.52 31.03 -3.58
CA GLU B 298 -0.79 30.20 -4.54
C GLU B 298 0.02 31.05 -5.50
N MET B 299 1.35 31.03 -5.35
CA MET B 299 2.20 31.82 -6.22
C MET B 299 2.71 30.96 -7.37
N ASP B 300 2.73 31.52 -8.58
CA ASP B 300 3.38 30.89 -9.71
C ASP B 300 3.66 31.99 -10.73
N PHE B 301 4.06 31.62 -11.95
CA PHE B 301 4.45 32.60 -12.96
C PHE B 301 3.70 32.32 -14.25
N ASP B 302 2.64 33.08 -14.46
CA ASP B 302 1.67 32.85 -15.53
C ASP B 302 0.77 34.08 -15.55
N PHE B 303 0.02 34.26 -16.63
CA PHE B 303 -0.87 35.42 -16.72
C PHE B 303 -2.15 35.16 -15.94
N CYS B 304 -2.67 36.21 -15.32
CA CYS B 304 -3.97 36.19 -14.68
C CYS B 304 -5.05 36.04 -15.71
N ASP B 305 -6.04 35.19 -15.44
CA ASP B 305 -7.10 34.93 -16.40
C ASP B 305 -7.66 36.23 -16.96
N GLY B 306 -7.54 36.40 -18.28
CA GLY B 306 -8.09 37.53 -18.98
C GLY B 306 -7.22 38.76 -19.06
N THR B 307 -5.98 38.70 -18.60
CA THR B 307 -5.09 39.84 -18.56
C THR B 307 -3.89 39.59 -19.45
N THR B 308 -3.11 40.66 -19.64
CA THR B 308 -1.86 40.63 -20.40
C THR B 308 -0.87 41.62 -19.80
N VAL B 309 0.38 41.18 -19.70
CA VAL B 309 1.49 41.99 -19.21
C VAL B 309 2.48 42.25 -20.35
N VAL B 310 2.85 43.51 -20.55
CA VAL B 310 3.92 43.85 -21.49
C VAL B 310 5.06 44.51 -20.72
N VAL B 311 6.27 44.42 -21.27
CA VAL B 311 7.46 45.03 -20.69
C VAL B 311 7.68 46.38 -21.39
N THR B 312 7.56 47.48 -20.66
CA THR B 312 7.75 48.80 -21.23
C THR B 312 8.47 49.70 -20.23
N GLU B 313 9.31 50.58 -20.74
CA GLU B 313 9.96 51.58 -19.88
C GLU B 313 8.99 52.68 -19.42
N ASP B 314 7.87 52.87 -20.12
CA ASP B 314 6.79 53.78 -19.73
C ASP B 314 5.95 53.30 -18.57
N CYS B 315 6.15 52.08 -18.09
CA CYS B 315 5.25 51.57 -17.06
C CYS B 315 5.52 52.25 -15.72
N GLY B 316 4.52 52.13 -14.83
CA GLY B 316 4.64 52.66 -13.49
C GLY B 316 5.62 51.89 -12.62
N ASN B 317 6.12 52.58 -11.60
CA ASN B 317 7.18 52.01 -10.78
C ASN B 317 6.61 50.92 -9.84
N ARG B 318 7.48 50.12 -9.24
CA ARG B 318 6.97 49.03 -8.40
C ARG B 318 6.40 49.56 -7.10
N GLY B 319 5.19 49.09 -6.79
CA GLY B 319 4.52 49.46 -5.56
C GLY B 319 3.73 48.27 -5.06
N PRO B 320 2.84 48.51 -4.09
CA PRO B 320 2.08 47.41 -3.48
C PRO B 320 1.32 46.58 -4.51
N SER B 321 1.22 45.29 -4.23
CA SER B 321 0.63 44.34 -5.17
C SER B 321 -0.84 44.66 -5.40
N LEU B 322 -1.25 44.77 -6.66
CA LEU B 322 -2.63 45.11 -7.01
C LEU B 322 -3.35 43.88 -7.53
N ARG B 323 -4.68 43.95 -7.48
CA ARG B 323 -5.53 42.84 -7.90
C ARG B 323 -6.12 43.13 -9.27
N THR B 324 -6.38 42.08 -10.04
CA THR B 324 -6.83 42.30 -11.42
C THR B 324 -8.29 42.67 -11.50
N THR B 325 -9.07 42.38 -10.46
CA THR B 325 -10.48 42.72 -10.47
C THR B 325 -10.71 43.84 -9.48
N THR B 326 -11.39 44.88 -9.91
CA THR B 326 -11.75 45.98 -9.04
C THR B 326 -12.75 45.50 -7.99
N ALA B 327 -12.93 46.30 -6.95
CA ALA B 327 -13.86 45.91 -5.90
C ALA B 327 -15.24 45.58 -6.45
N SER B 328 -15.71 46.35 -7.45
CA SER B 328 -17.03 46.17 -8.02
C SER B 328 -17.12 44.94 -8.92
N GLY B 329 -15.99 44.35 -9.31
CA GLY B 329 -15.94 43.17 -10.15
C GLY B 329 -15.46 43.39 -11.58
N LYS B 330 -15.22 44.64 -11.98
CA LYS B 330 -14.62 44.88 -13.30
C LYS B 330 -13.22 44.30 -13.34
N LEU B 331 -12.85 43.78 -14.50
CA LEU B 331 -11.52 43.22 -14.74
C LEU B 331 -10.61 44.26 -15.38
N ILE B 332 -9.37 44.36 -14.89
CA ILE B 332 -8.39 45.25 -15.50
C ILE B 332 -7.56 44.40 -16.45
N THR B 333 -7.68 44.63 -17.76
CA THR B 333 -7.07 43.71 -18.70
C THR B 333 -5.62 44.05 -19.03
N GLU B 334 -5.23 45.30 -19.04
CA GLU B 334 -3.91 45.65 -19.56
C GLU B 334 -2.96 46.02 -18.42
N TRP B 335 -1.84 45.32 -18.34
CA TRP B 335 -0.82 45.54 -17.33
C TRP B 335 0.55 45.73 -17.97
N CYS B 336 1.51 46.16 -17.14
CA CYS B 336 2.90 46.25 -17.59
C CYS B 336 3.82 46.20 -16.39
N CYS B 337 5.13 46.18 -16.68
CA CYS B 337 6.21 46.24 -15.70
C CYS B 337 7.44 46.83 -16.39
N ARG B 338 8.32 47.44 -15.58
CA ARG B 338 9.43 48.18 -16.16
C ARG B 338 10.53 47.25 -16.65
N SER B 339 11.05 46.40 -15.77
CA SER B 339 12.15 45.54 -16.16
C SER B 339 11.99 44.13 -15.63
N CYS B 340 10.76 43.68 -15.42
CA CYS B 340 10.58 42.30 -14.99
C CYS B 340 10.66 41.38 -16.21
N THR B 341 10.71 40.06 -15.97
CA THR B 341 10.87 39.08 -17.04
C THR B 341 9.65 38.16 -17.07
N LEU B 342 9.08 38.03 -18.24
CA LEU B 342 7.86 37.26 -18.42
C LEU B 342 8.19 35.76 -18.34
N PRO B 343 7.22 34.92 -17.92
CA PRO B 343 5.83 35.15 -17.54
C PRO B 343 5.73 35.92 -16.23
N PRO B 344 4.62 36.62 -16.04
CA PRO B 344 4.48 37.48 -14.86
C PRO B 344 4.26 36.69 -13.58
N LEU B 345 4.81 37.23 -12.50
CA LEU B 345 4.60 36.72 -11.15
C LEU B 345 3.15 36.93 -10.75
N ARG B 346 2.46 35.88 -10.39
CA ARG B 346 1.07 36.01 -9.98
C ARG B 346 0.81 35.26 -8.69
N TYR B 347 -0.11 35.78 -7.91
CA TYR B 347 -0.64 35.17 -6.70
C TYR B 347 -2.10 34.87 -6.96
N ARG B 348 -2.62 33.85 -6.32
CA ARG B 348 -4.05 33.56 -6.47
C ARG B 348 -4.58 33.13 -5.13
N GLY B 349 -5.66 33.75 -4.71
CA GLY B 349 -6.16 33.45 -3.40
C GLY B 349 -7.65 33.36 -3.50
N GLU B 350 -8.31 33.25 -2.34
CA GLU B 350 -9.73 33.03 -2.36
C GLU B 350 -10.50 34.20 -3.02
N ASP B 351 -9.87 35.37 -3.23
CA ASP B 351 -10.54 36.55 -3.78
C ASP B 351 -9.93 37.02 -5.10
N GLY B 352 -9.29 36.13 -5.85
CA GLY B 352 -8.88 36.54 -7.18
C GLY B 352 -7.39 36.48 -7.41
N CYS B 353 -6.98 37.17 -8.48
CA CYS B 353 -5.63 37.10 -9.01
C CYS B 353 -4.93 38.44 -8.77
N TRP B 354 -3.75 38.38 -8.18
CA TRP B 354 -2.94 39.57 -7.95
C TRP B 354 -1.64 39.43 -8.72
N TYR B 355 -0.91 40.52 -8.84
CA TYR B 355 0.34 40.50 -9.57
C TYR B 355 1.51 40.86 -8.65
N GLY B 356 2.71 40.49 -9.10
CA GLY B 356 3.89 40.90 -8.38
C GLY B 356 4.01 42.40 -8.29
N MET B 357 4.86 42.84 -7.35
CA MET B 357 4.95 44.26 -7.03
C MET B 357 5.29 45.12 -8.22
N GLU B 358 6.05 44.60 -9.18
CA GLU B 358 6.50 45.45 -10.28
C GLU B 358 5.47 45.56 -11.40
N ILE B 359 4.37 44.83 -11.31
CA ILE B 359 3.35 44.80 -12.36
C ILE B 359 2.21 45.75 -11.98
N ARG B 360 2.10 46.82 -12.75
CA ARG B 360 1.15 47.89 -12.59
C ARG B 360 0.17 47.89 -13.76
N PRO B 361 -1.02 48.45 -13.59
CA PRO B 361 -1.94 48.55 -14.72
C PRO B 361 -1.41 49.55 -15.74
N LEU B 362 -1.65 49.24 -17.01
CA LEU B 362 -1.09 50.00 -18.14
C LEU B 362 -1.80 51.33 -18.35
N LYS B 363 -3.11 51.28 -18.56
CA LYS B 363 -3.95 52.46 -18.82
C LYS B 363 -4.75 52.92 -17.60
N GLU B 364 -5.24 51.98 -16.80
CA GLU B 364 -6.15 52.29 -15.70
C GLU B 364 -5.43 53.04 -14.58
N LYS B 365 -6.13 53.99 -13.97
CA LYS B 365 -5.57 54.68 -12.82
C LYS B 365 -5.52 53.74 -11.61
N GLU B 366 -4.36 53.73 -10.95
CA GLU B 366 -4.07 52.80 -9.88
C GLU B 366 -4.98 53.00 -8.69
N GLU B 367 -5.51 54.22 -8.52
CA GLU B 367 -6.32 54.56 -7.36
C GLU B 367 -7.63 53.75 -7.32
N ASN B 368 -8.16 53.34 -8.48
CA ASN B 368 -9.40 52.54 -8.56
C ASN B 368 -9.20 51.08 -8.20
N LEU B 369 -7.97 50.65 -8.01
CA LEU B 369 -7.71 49.24 -7.82
C LEU B 369 -7.53 48.93 -6.35
N VAL B 370 -7.80 47.67 -6.02
CA VAL B 370 -7.53 47.11 -4.70
C VAL B 370 -6.04 46.81 -4.64
N ASN B 371 -5.39 47.23 -3.56
CA ASN B 371 -3.98 46.90 -3.41
C ASN B 371 -3.79 46.27 -2.03
N SER B 372 -2.60 45.75 -1.76
CA SER B 372 -2.38 44.97 -0.54
C SER B 372 -1.58 45.75 0.48
N LEU B 373 -2.17 46.82 0.99
CA LEU B 373 -1.61 47.53 2.12
C LEU B 373 -2.54 47.38 3.31
N VAL B 374 -3.11 46.18 3.45
CA VAL B 374 -4.03 45.84 4.52
C VAL B 374 -3.33 45.90 5.87
N THR B 375 -3.96 46.58 6.82
CA THR B 375 -3.45 46.64 8.19
C THR B 375 -4.22 45.67 9.08
N THR C 15 3.51 -23.79 -15.52
CA THR C 15 3.22 -24.53 -16.74
C THR C 15 2.91 -23.56 -17.93
N GLU C 16 1.62 -23.26 -18.17
CA GLU C 16 1.08 -22.45 -19.28
C GLU C 16 1.84 -21.15 -19.55
N ASN C 17 1.60 -20.52 -20.71
CA ASN C 17 2.57 -19.55 -21.24
C ASN C 17 2.19 -18.08 -21.08
N LEU C 18 1.80 -17.44 -22.21
CA LEU C 18 1.38 -16.04 -22.19
C LEU C 18 0.02 -15.92 -21.49
N TYR C 19 -0.38 -16.94 -20.73
CA TYR C 19 -1.59 -16.89 -19.91
C TYR C 19 -1.23 -16.30 -18.55
N PHE C 20 -1.68 -15.07 -18.29
CA PHE C 20 -1.61 -14.41 -16.99
C PHE C 20 -3.03 -14.35 -16.40
N GLN C 21 -3.40 -15.39 -15.63
CA GLN C 21 -4.68 -15.53 -14.93
C GLN C 21 -4.92 -14.41 -13.92
N SER C 22 -5.16 -13.19 -14.44
CA SER C 22 -5.51 -11.99 -13.67
C SER C 22 -6.99 -11.66 -13.78
N ASN C 23 -7.83 -12.70 -13.74
CA ASN C 23 -9.27 -12.59 -13.94
C ASN C 23 -10.03 -12.29 -12.65
N ALA C 24 -9.36 -11.71 -11.65
CA ALA C 24 -9.91 -11.65 -10.31
C ALA C 24 -9.68 -10.30 -9.61
N ASP C 25 -9.65 -10.33 -8.28
CA ASP C 25 -9.38 -9.16 -7.46
C ASP C 25 -7.92 -9.24 -7.03
N SER C 26 -7.12 -8.24 -7.41
CA SER C 26 -5.69 -8.23 -7.18
C SER C 26 -5.32 -7.08 -6.27
N GLY C 27 -4.50 -7.32 -5.26
CA GLY C 27 -4.19 -6.23 -4.34
C GLY C 27 -3.53 -6.73 -3.07
N CYS C 28 -3.54 -5.87 -2.06
CA CYS C 28 -2.85 -6.11 -0.80
C CYS C 28 -3.79 -5.92 0.38
N VAL C 29 -3.44 -6.55 1.50
CA VAL C 29 -4.31 -6.69 2.66
C VAL C 29 -3.44 -6.91 3.91
N VAL C 30 -3.82 -6.27 5.01
CA VAL C 30 -3.13 -6.42 6.29
C VAL C 30 -4.10 -7.00 7.32
N SER C 31 -3.64 -8.01 8.07
CA SER C 31 -4.43 -8.66 9.12
C SER C 31 -3.92 -8.19 10.49
N TRP C 32 -4.73 -7.41 11.21
CA TRP C 32 -4.30 -6.88 12.51
C TRP C 32 -4.18 -7.97 13.58
N LYS C 33 -5.24 -8.79 13.74
CA LYS C 33 -5.21 -9.83 14.77
C LYS C 33 -4.13 -10.85 14.44
N ASN C 34 -4.01 -11.23 13.16
CA ASN C 34 -2.98 -12.14 12.72
C ASN C 34 -1.61 -11.46 12.64
N LYS C 35 -1.58 -10.13 12.48
CA LYS C 35 -0.37 -9.29 12.51
C LYS C 35 0.55 -9.51 11.29
N GLU C 36 0.00 -9.91 10.14
CA GLU C 36 0.77 -10.15 8.93
C GLU C 36 0.23 -9.32 7.76
N LEU C 37 1.02 -9.26 6.69
CA LEU C 37 0.65 -8.63 5.42
C LEU C 37 0.71 -9.64 4.27
N LYS C 38 -0.32 -9.59 3.41
CA LYS C 38 -0.45 -10.48 2.26
C LYS C 38 -0.85 -9.67 1.02
N CYS C 39 -0.13 -9.89 -0.09
CA CYS C 39 -0.53 -9.41 -1.41
C CYS C 39 -0.75 -10.61 -2.32
N GLY C 40 -1.44 -10.38 -3.41
CA GLY C 40 -1.68 -11.46 -4.32
C GLY C 40 -2.97 -11.24 -5.07
N SER C 41 -3.44 -12.29 -5.69
CA SER C 41 -4.61 -12.26 -6.54
C SER C 41 -5.63 -13.27 -6.03
N GLY C 42 -6.92 -12.94 -6.15
CA GLY C 42 -7.95 -13.84 -5.67
C GLY C 42 -9.33 -13.23 -5.52
N ILE C 43 -9.98 -13.48 -4.40
CA ILE C 43 -11.35 -13.00 -4.14
C ILE C 43 -11.35 -12.16 -2.86
N PHE C 44 -11.85 -10.92 -2.95
CA PHE C 44 -11.91 -10.04 -1.79
C PHE C 44 -13.37 -9.84 -1.45
N ILE C 45 -13.82 -10.41 -0.34
CA ILE C 45 -15.18 -10.21 0.15
C ILE C 45 -15.14 -9.04 1.13
N THR C 46 -15.70 -7.90 0.73
CA THR C 46 -15.71 -6.71 1.57
C THR C 46 -16.99 -6.66 2.40
N ASP C 47 -16.90 -5.98 3.54
CA ASP C 47 -18.01 -5.77 4.46
C ASP C 47 -18.73 -4.48 4.07
N ASN C 48 -19.83 -4.60 3.33
CA ASN C 48 -20.56 -3.44 2.85
C ASN C 48 -21.71 -3.03 3.79
N VAL C 49 -21.62 -3.41 5.06
CA VAL C 49 -22.62 -3.09 6.08
C VAL C 49 -22.10 -2.04 7.06
N HIS C 50 -20.87 -2.23 7.56
CA HIS C 50 -20.22 -1.27 8.45
C HIS C 50 -19.38 -0.25 7.70
N THR C 51 -19.62 -0.03 6.41
CA THR C 51 -19.01 1.13 5.76
C THR C 51 -19.75 2.40 6.15
N TRP C 52 -19.02 3.48 6.40
CA TRP C 52 -19.65 4.74 6.84
C TRP C 52 -20.29 5.54 5.71
N THR C 53 -19.90 5.32 4.45
CA THR C 53 -20.48 5.96 3.29
C THR C 53 -21.14 4.92 2.38
N GLU C 54 -21.98 5.41 1.45
CA GLU C 54 -22.70 4.52 0.52
C GLU C 54 -21.76 3.93 -0.52
N GLN C 55 -21.49 2.62 -0.42
CA GLN C 55 -20.54 1.99 -1.33
C GLN C 55 -21.13 1.76 -2.72
N TYR C 56 -22.42 1.38 -2.79
CA TYR C 56 -23.09 0.99 -4.03
C TYR C 56 -24.46 1.64 -4.17
N LYS C 57 -24.87 1.97 -5.39
CA LYS C 57 -26.22 2.45 -5.68
C LYS C 57 -26.85 1.65 -6.83
N PHE C 58 -28.11 1.25 -6.68
CA PHE C 58 -28.80 0.55 -7.75
C PHE C 58 -29.34 1.54 -8.76
N GLN C 59 -29.21 1.23 -10.04
CA GLN C 59 -29.76 2.01 -11.13
C GLN C 59 -30.41 1.05 -12.12
N PRO C 60 -31.49 1.47 -12.77
CA PRO C 60 -32.14 0.59 -13.76
C PRO C 60 -31.55 0.77 -15.14
N GLU C 61 -31.52 -0.34 -15.88
CA GLU C 61 -30.96 -0.31 -17.23
C GLU C 61 -31.79 0.58 -18.14
N SER C 62 -33.11 0.43 -18.07
CA SER C 62 -34.03 1.21 -18.89
C SER C 62 -35.19 1.65 -18.03
N PRO C 63 -35.17 2.89 -17.53
CA PRO C 63 -36.35 3.40 -16.81
C PRO C 63 -37.63 3.35 -17.59
N SER C 64 -37.58 3.55 -18.91
CA SER C 64 -38.81 3.45 -19.68
C SER C 64 -39.32 2.03 -19.66
N LYS C 65 -38.42 1.07 -19.71
CA LYS C 65 -38.80 -0.34 -19.60
C LYS C 65 -39.42 -0.62 -18.24
N LEU C 66 -38.89 0.01 -17.19
CA LEU C 66 -39.45 -0.17 -15.86
C LEU C 66 -40.86 0.41 -15.78
N ALA C 67 -41.07 1.58 -16.39
CA ALA C 67 -42.40 2.18 -16.40
C ALA C 67 -43.40 1.28 -17.10
N SER C 68 -43.00 0.65 -18.22
CA SER C 68 -43.88 -0.26 -18.96
C SER C 68 -44.25 -1.46 -18.13
N ALA C 69 -43.27 -2.09 -17.46
CA ALA C 69 -43.57 -3.25 -16.65
C ALA C 69 -44.49 -2.91 -15.50
N ILE C 70 -44.62 -1.62 -15.16
CA ILE C 70 -45.51 -1.18 -14.09
C ILE C 70 -46.91 -0.90 -14.61
N GLN C 71 -47.09 -0.28 -15.78
CA GLN C 71 -48.42 -0.31 -16.40
C GLN C 71 -48.96 -1.71 -16.43
N LYS C 72 -48.26 -2.58 -17.15
CA LYS C 72 -48.65 -3.98 -17.29
C LYS C 72 -48.90 -4.60 -15.92
N ALA C 73 -48.07 -4.27 -14.93
CA ALA C 73 -48.31 -4.80 -13.59
C ALA C 73 -49.71 -4.44 -13.14
N HIS C 74 -50.03 -3.13 -13.15
CA HIS C 74 -51.32 -2.60 -12.75
C HIS C 74 -52.46 -3.16 -13.61
N GLU C 75 -52.24 -3.28 -14.92
CA GLU C 75 -53.29 -3.81 -15.78
C GLU C 75 -53.68 -5.22 -15.37
N GLU C 76 -52.72 -5.99 -14.89
CA GLU C 76 -52.91 -7.36 -14.42
C GLU C 76 -53.52 -7.46 -13.02
N GLY C 77 -53.82 -6.34 -12.38
CA GLY C 77 -54.36 -6.40 -11.05
C GLY C 77 -53.36 -6.31 -9.93
N ILE C 78 -52.11 -5.94 -10.21
CA ILE C 78 -51.09 -5.76 -9.19
C ILE C 78 -51.12 -4.30 -8.75
N CYS C 79 -51.33 -4.09 -7.44
CA CYS C 79 -51.48 -2.76 -6.88
C CYS C 79 -50.18 -2.12 -6.41
N GLY C 80 -49.11 -2.89 -6.25
CA GLY C 80 -47.88 -2.28 -5.78
C GLY C 80 -46.74 -3.27 -5.81
N ILE C 81 -45.60 -2.86 -5.30
CA ILE C 81 -44.46 -3.75 -5.24
C ILE C 81 -43.80 -3.61 -3.89
N ARG C 82 -43.13 -4.67 -3.47
CA ARG C 82 -42.38 -4.69 -2.22
C ARG C 82 -40.93 -4.95 -2.52
N SER C 83 -40.06 -4.14 -1.95
CA SER C 83 -38.64 -4.30 -2.16
C SER C 83 -38.15 -5.55 -1.46
N VAL C 84 -37.18 -6.21 -2.07
CA VAL C 84 -36.49 -7.31 -1.43
C VAL C 84 -35.40 -6.79 -0.51
N THR C 85 -34.51 -6.00 -1.07
CA THR C 85 -33.31 -5.46 -0.46
C THR C 85 -33.50 -3.97 -0.19
N ARG C 86 -32.74 -3.47 0.80
CA ARG C 86 -32.80 -2.05 1.16
C ARG C 86 -32.40 -1.15 0.00
N LEU C 87 -31.29 -1.48 -0.68
CA LEU C 87 -30.86 -0.65 -1.80
C LEU C 87 -31.89 -0.63 -2.92
N GLU C 88 -32.73 -1.67 -3.03
CA GLU C 88 -33.79 -1.63 -4.05
C GLU C 88 -34.81 -0.54 -3.71
N ASN C 89 -35.15 -0.39 -2.43
CA ASN C 89 -36.07 0.67 -2.02
C ASN C 89 -35.48 2.04 -2.32
N LEU C 90 -34.19 2.24 -2.00
CA LEU C 90 -33.53 3.52 -2.33
C LEU C 90 -33.59 3.79 -3.83
N MET C 91 -33.48 2.75 -4.66
CA MET C 91 -33.62 2.98 -6.09
C MET C 91 -35.02 3.46 -6.43
N TRP C 92 -36.06 2.78 -5.92
CA TRP C 92 -37.41 3.17 -6.25
C TRP C 92 -37.71 4.60 -5.81
N LYS C 93 -36.98 5.13 -4.84
CA LYS C 93 -37.16 6.50 -4.44
C LYS C 93 -36.50 7.46 -5.43
N GLN C 94 -35.22 7.28 -5.75
CA GLN C 94 -34.56 8.17 -6.73
C GLN C 94 -35.29 8.19 -8.06
N ILE C 95 -36.04 7.13 -8.35
CA ILE C 95 -36.54 6.88 -9.70
C ILE C 95 -38.01 7.24 -9.88
N THR C 96 -38.78 7.35 -8.80
CA THR C 96 -40.23 7.52 -8.91
C THR C 96 -40.66 8.82 -9.58
N PRO C 97 -40.06 9.98 -9.30
CA PRO C 97 -40.34 11.14 -10.16
C PRO C 97 -40.13 10.83 -11.64
N GLU C 98 -39.06 10.13 -12.04
CA GLU C 98 -38.89 9.89 -13.47
C GLU C 98 -39.87 8.84 -14.00
N LEU C 99 -40.23 7.84 -13.19
CA LEU C 99 -41.19 6.83 -13.65
C LEU C 99 -42.59 7.42 -13.80
N ASN C 100 -42.99 8.32 -12.88
CA ASN C 100 -44.29 8.99 -12.98
C ASN C 100 -44.35 9.95 -14.16
N HIS C 101 -43.19 10.44 -14.60
CA HIS C 101 -43.18 11.27 -15.79
C HIS C 101 -43.29 10.44 -17.05
N ILE C 102 -42.64 9.27 -17.06
CA ILE C 102 -42.80 8.38 -18.20
C ILE C 102 -44.25 7.90 -18.29
N LEU C 103 -44.90 7.67 -17.15
CA LEU C 103 -46.29 7.29 -17.21
C LEU C 103 -47.15 8.45 -17.72
N SER C 104 -46.82 9.68 -17.29
CA SER C 104 -47.63 10.84 -17.63
C SER C 104 -47.55 11.18 -19.12
N GLU C 105 -46.33 11.21 -19.67
CA GLU C 105 -46.14 11.46 -21.10
C GLU C 105 -46.66 10.31 -21.96
N ASN C 106 -46.63 9.08 -21.45
CA ASN C 106 -47.22 7.97 -22.20
C ASN C 106 -48.74 7.85 -21.94
N GLU C 107 -49.34 8.88 -21.32
CA GLU C 107 -50.78 8.97 -21.11
C GLU C 107 -51.30 7.84 -20.21
N VAL C 108 -50.52 7.43 -19.23
CA VAL C 108 -50.96 6.45 -18.25
C VAL C 108 -51.44 7.19 -17.01
N LYS C 109 -52.70 6.97 -16.67
CA LYS C 109 -53.34 7.61 -15.52
C LYS C 109 -53.07 6.75 -14.29
N LEU C 110 -51.82 6.81 -13.84
CA LEU C 110 -51.36 6.02 -12.72
C LEU C 110 -50.23 6.75 -12.02
N THR C 111 -50.36 6.95 -10.72
CA THR C 111 -49.29 7.55 -9.96
C THR C 111 -48.58 6.46 -9.17
N ILE C 112 -47.25 6.46 -9.22
CA ILE C 112 -46.42 5.58 -8.40
C ILE C 112 -46.10 6.34 -7.14
N MET C 113 -46.37 5.75 -5.98
CA MET C 113 -46.00 6.36 -4.72
C MET C 113 -45.19 5.38 -3.89
N THR C 114 -43.96 5.76 -3.56
CA THR C 114 -43.08 4.83 -2.86
C THR C 114 -42.73 5.37 -1.48
N GLY C 115 -42.89 4.50 -0.49
CA GLY C 115 -42.69 4.83 0.88
C GLY C 115 -41.46 4.20 1.49
N ASP C 116 -41.47 4.09 2.82
CA ASP C 116 -40.31 3.70 3.57
C ASP C 116 -40.34 2.20 3.87
N ILE C 117 -39.28 1.75 4.55
CA ILE C 117 -39.05 0.33 4.85
C ILE C 117 -39.27 0.14 6.33
N LYS C 118 -40.06 -0.86 6.65
CA LYS C 118 -40.34 -1.39 7.98
C LYS C 118 -39.17 -2.19 8.54
N GLY C 119 -39.42 -3.09 9.47
CA GLY C 119 -38.34 -3.96 9.87
C GLY C 119 -38.01 -5.02 8.83
N ILE C 120 -38.72 -6.15 8.88
CA ILE C 120 -38.57 -7.19 7.86
C ILE C 120 -39.09 -6.64 6.54
N MET C 121 -38.39 -6.90 5.45
CA MET C 121 -38.91 -6.51 4.15
C MET C 121 -39.79 -7.64 3.65
N GLN C 122 -41.03 -7.60 4.10
CA GLN C 122 -41.99 -8.63 3.77
C GLN C 122 -41.98 -8.85 2.27
N ALA C 123 -42.19 -10.11 1.87
CA ALA C 123 -42.26 -10.49 0.47
C ALA C 123 -43.66 -10.31 -0.07
N GLY C 124 -43.73 -10.08 -1.38
CA GLY C 124 -45.00 -10.04 -2.09
C GLY C 124 -45.16 -11.26 -2.96
N LYS C 125 -46.38 -11.63 -3.32
CA LYS C 125 -46.68 -12.87 -4.03
C LYS C 125 -46.88 -12.69 -5.52
N ARG C 126 -46.78 -11.49 -6.06
CA ARG C 126 -46.93 -11.27 -7.50
C ARG C 126 -45.56 -10.91 -8.06
N SER C 127 -45.50 -10.60 -9.35
CA SER C 127 -44.19 -10.22 -9.87
C SER C 127 -44.34 -9.46 -11.19
N LEU C 128 -43.35 -8.62 -11.46
CA LEU C 128 -43.22 -7.91 -12.72
C LEU C 128 -42.68 -8.84 -13.81
N ARG C 129 -42.77 -8.39 -15.07
CA ARG C 129 -42.37 -9.13 -16.26
C ARG C 129 -41.60 -8.23 -17.20
N PRO C 130 -40.60 -8.76 -17.87
CA PRO C 130 -39.91 -8.00 -18.92
C PRO C 130 -40.72 -8.09 -20.21
N GLN C 131 -40.24 -7.39 -21.24
CA GLN C 131 -40.63 -7.78 -22.58
C GLN C 131 -39.45 -7.88 -23.55
N ASN C 154 -57.82 9.54 -9.42
CA ASN C 154 -56.52 9.08 -9.91
C ASN C 154 -55.96 7.99 -8.99
N GLN C 155 -55.66 6.83 -9.58
CA GLN C 155 -55.32 5.62 -8.83
C GLN C 155 -53.81 5.45 -8.69
N THR C 156 -53.44 4.56 -7.79
CA THR C 156 -52.09 4.55 -7.24
C THR C 156 -51.45 3.17 -7.31
N PHE C 157 -50.13 3.20 -7.34
CA PHE C 157 -49.27 2.02 -7.36
C PHE C 157 -48.31 2.21 -6.21
N LEU C 158 -48.50 1.46 -5.12
CA LEU C 158 -47.81 1.75 -3.88
C LEU C 158 -46.58 0.86 -3.81
N ILE C 159 -45.41 1.49 -3.75
CA ILE C 159 -44.15 0.79 -3.56
C ILE C 159 -43.77 0.92 -2.09
N ASP C 160 -43.70 -0.21 -1.40
CA ASP C 160 -43.23 -0.25 -0.02
C ASP C 160 -44.21 0.54 0.84
N GLY C 161 -43.76 1.34 1.79
CA GLY C 161 -44.69 1.94 2.71
C GLY C 161 -45.15 0.98 3.80
N PRO C 162 -46.18 1.36 4.54
CA PRO C 162 -46.69 0.46 5.59
C PRO C 162 -47.64 -0.58 5.01
N GLU C 163 -48.01 -1.54 5.84
CA GLU C 163 -48.93 -2.54 5.36
C GLU C 163 -50.30 -1.91 5.17
N THR C 164 -51.18 -2.60 4.47
CA THR C 164 -52.52 -2.11 4.19
C THR C 164 -53.36 -3.25 3.63
N ALA C 165 -54.68 -3.18 3.87
CA ALA C 165 -55.62 -4.13 3.29
C ALA C 165 -56.09 -3.72 1.91
N GLU C 166 -56.03 -2.43 1.61
CA GLU C 166 -56.43 -1.96 0.29
C GLU C 166 -55.46 -2.42 -0.77
N CYS C 167 -54.21 -2.67 -0.37
CA CYS C 167 -53.17 -3.14 -1.29
C CYS C 167 -52.24 -4.09 -0.53
N PRO C 168 -52.68 -5.32 -0.28
CA PRO C 168 -51.95 -6.22 0.61
C PRO C 168 -50.72 -6.83 -0.08
N ASN C 169 -49.90 -7.51 0.73
CA ASN C 169 -48.67 -8.07 0.16
C ASN C 169 -48.96 -9.16 -0.85
N THR C 170 -50.07 -9.88 -0.67
CA THR C 170 -50.52 -10.90 -1.61
C THR C 170 -50.62 -10.37 -3.03
N ASN C 171 -50.83 -9.05 -3.18
CA ASN C 171 -51.03 -8.43 -4.48
C ASN C 171 -49.89 -7.51 -4.88
N ARG C 172 -48.71 -7.71 -4.30
CA ARG C 172 -47.56 -6.90 -4.64
C ARG C 172 -46.51 -7.70 -5.40
N ALA C 173 -45.86 -7.04 -6.36
CA ALA C 173 -44.76 -7.68 -7.06
C ALA C 173 -43.52 -7.68 -6.16
N TRP C 174 -42.68 -8.68 -6.33
CA TRP C 174 -41.54 -8.82 -5.44
C TRP C 174 -40.50 -9.69 -6.11
N ASN C 175 -39.24 -9.28 -5.97
CA ASN C 175 -38.11 -10.05 -6.44
C ASN C 175 -38.24 -10.27 -7.94
N SER C 176 -38.38 -9.16 -8.64
CA SER C 176 -38.54 -9.16 -10.09
C SER C 176 -37.42 -8.44 -10.78
N LEU C 177 -36.40 -8.03 -10.05
CA LEU C 177 -35.22 -7.42 -10.64
C LEU C 177 -34.04 -8.34 -10.35
N GLU C 178 -33.16 -8.51 -11.33
CA GLU C 178 -31.88 -9.15 -11.13
C GLU C 178 -30.79 -8.24 -11.69
N VAL C 179 -29.55 -8.50 -11.31
CA VAL C 179 -28.44 -7.63 -11.67
C VAL C 179 -28.00 -7.94 -13.09
N GLU C 180 -27.55 -6.91 -13.81
CA GLU C 180 -26.95 -7.09 -15.13
C GLU C 180 -25.42 -7.09 -15.02
N ASP C 181 -24.80 -5.95 -14.65
CA ASP C 181 -23.36 -5.92 -14.31
C ASP C 181 -23.06 -4.66 -13.49
N TYR C 182 -21.77 -4.28 -13.41
CA TYR C 182 -21.26 -3.32 -12.45
C TYR C 182 -20.57 -2.13 -13.11
N GLY C 183 -20.37 -1.06 -12.32
CA GLY C 183 -19.89 0.23 -12.81
C GLY C 183 -18.51 0.65 -12.35
N PHE C 184 -18.31 1.97 -12.16
CA PHE C 184 -16.99 2.49 -11.82
C PHE C 184 -16.95 3.18 -10.46
N THR C 189 -19.62 3.45 -6.93
CA THR C 189 -19.82 2.53 -8.06
C THR C 189 -21.28 2.06 -8.20
N ASN C 190 -21.66 1.70 -9.42
CA ASN C 190 -23.04 1.44 -9.78
C ASN C 190 -23.30 -0.04 -10.02
N ILE C 191 -24.56 -0.43 -9.77
CA ILE C 191 -25.07 -1.79 -9.99
C ILE C 191 -26.35 -1.64 -10.79
N TRP C 192 -26.35 -2.12 -12.04
CA TRP C 192 -27.47 -1.92 -12.93
C TRP C 192 -28.42 -3.11 -12.84
N LEU C 193 -29.73 -2.83 -12.86
CA LEU C 193 -30.76 -3.85 -12.69
C LEU C 193 -31.63 -4.00 -13.92
N LYS C 194 -32.13 -5.21 -14.15
CA LYS C 194 -33.07 -5.49 -15.24
C LYS C 194 -34.16 -6.43 -14.72
N LEU C 195 -35.22 -6.58 -15.49
CA LEU C 195 -36.31 -7.44 -15.07
C LEU C 195 -35.93 -8.91 -15.12
N LYS C 196 -36.39 -9.67 -14.13
CA LYS C 196 -36.02 -11.06 -13.99
C LYS C 196 -36.78 -11.96 -14.96
N GLU C 197 -36.04 -12.83 -15.64
CA GLU C 197 -36.62 -13.86 -16.51
C GLU C 197 -37.63 -14.73 -15.78
N LYS C 198 -37.41 -14.96 -14.47
CA LYS C 198 -37.90 -16.11 -13.72
C LYS C 198 -38.55 -15.60 -12.44
N GLN C 199 -39.58 -16.29 -11.96
CA GLN C 199 -40.22 -15.94 -10.68
C GLN C 199 -39.77 -16.97 -9.64
N ASP C 200 -38.96 -16.54 -8.68
CA ASP C 200 -38.55 -17.42 -7.58
C ASP C 200 -38.44 -16.62 -6.28
N VAL C 201 -38.11 -17.31 -5.21
CA VAL C 201 -38.02 -16.71 -3.90
C VAL C 201 -36.57 -16.61 -3.43
N PHE C 202 -35.62 -16.71 -4.35
CA PHE C 202 -34.22 -16.76 -3.96
C PHE C 202 -33.60 -15.39 -4.11
N CYS C 203 -32.77 -15.01 -3.14
CA CYS C 203 -32.14 -13.71 -3.28
C CYS C 203 -31.30 -13.72 -4.55
N ASP C 204 -31.16 -12.55 -5.15
CA ASP C 204 -30.37 -12.40 -6.36
C ASP C 204 -28.95 -12.82 -6.03
N SER C 205 -28.46 -13.86 -6.74
CA SER C 205 -27.19 -14.42 -6.35
C SER C 205 -26.04 -13.45 -6.61
N LYS C 206 -26.11 -12.61 -7.65
CA LYS C 206 -24.96 -11.78 -7.98
C LYS C 206 -24.55 -10.86 -6.83
N LEU C 207 -25.41 -10.68 -5.82
CA LEU C 207 -25.12 -9.85 -4.65
C LEU C 207 -24.59 -10.66 -3.47
N MET C 208 -24.86 -11.97 -3.44
CA MET C 208 -24.46 -12.77 -2.31
C MET C 208 -22.98 -13.07 -2.37
N SER C 209 -22.43 -13.46 -1.23
CA SER C 209 -21.04 -13.86 -1.18
C SER C 209 -20.81 -14.65 0.09
N ALA C 210 -19.77 -15.49 0.05
CA ALA C 210 -19.34 -16.25 1.20
C ALA C 210 -17.84 -16.44 1.09
N ALA C 211 -17.19 -16.69 2.22
CA ALA C 211 -15.74 -16.86 2.24
C ALA C 211 -15.36 -17.51 3.55
N ILE C 212 -14.27 -18.29 3.50
CA ILE C 212 -13.75 -18.98 4.68
C ILE C 212 -12.24 -19.10 4.54
N LYS C 213 -11.53 -18.82 5.63
CA LYS C 213 -10.08 -18.76 5.68
C LYS C 213 -9.67 -18.65 7.12
N ASP C 214 -8.56 -19.31 7.51
CA ASP C 214 -8.05 -19.19 8.88
C ASP C 214 -9.10 -19.65 9.91
N ASN C 215 -9.98 -20.56 9.50
CA ASN C 215 -11.10 -20.98 10.32
C ASN C 215 -11.90 -19.78 10.84
N ARG C 216 -12.15 -18.81 9.96
CA ARG C 216 -13.13 -17.76 10.18
C ARG C 216 -13.91 -17.67 8.88
N ALA C 217 -15.23 -17.78 8.97
CA ALA C 217 -16.11 -17.83 7.81
C ALA C 217 -17.03 -16.62 7.81
N VAL C 218 -17.47 -16.23 6.61
CA VAL C 218 -18.31 -15.05 6.40
C VAL C 218 -19.35 -15.34 5.34
N HIS C 219 -20.63 -15.13 5.63
CA HIS C 219 -21.63 -15.01 4.58
C HIS C 219 -22.09 -13.56 4.52
N ALA C 220 -22.02 -12.95 3.35
CA ALA C 220 -22.09 -11.51 3.24
C ALA C 220 -23.00 -11.13 2.09
N ASP C 221 -23.42 -9.88 2.08
CA ASP C 221 -24.55 -9.42 1.28
C ASP C 221 -24.42 -7.90 1.24
N MET C 222 -25.27 -7.26 0.45
CA MET C 222 -25.34 -5.81 0.53
C MET C 222 -25.77 -5.33 1.91
N GLY C 223 -26.49 -6.16 2.66
CA GLY C 223 -27.07 -5.80 3.94
C GLY C 223 -26.92 -6.78 5.08
N TYR C 224 -26.32 -7.96 4.85
CA TYR C 224 -26.01 -8.92 5.90
C TYR C 224 -24.50 -9.05 6.03
N TRP C 225 -24.04 -9.44 7.22
CA TRP C 225 -22.62 -9.77 7.41
C TRP C 225 -22.56 -10.75 8.58
N ILE C 226 -22.46 -12.03 8.27
CA ILE C 226 -22.61 -13.11 9.23
C ILE C 226 -21.25 -13.76 9.38
N GLU C 227 -20.69 -13.71 10.58
CA GLU C 227 -19.40 -14.30 10.87
C GLU C 227 -19.54 -15.56 11.70
N SER C 228 -18.78 -16.58 11.31
CA SER C 228 -18.63 -17.79 12.10
C SER C 228 -17.15 -18.01 12.39
N ALA C 229 -16.89 -18.84 13.39
CA ALA C 229 -15.52 -19.08 13.83
C ALA C 229 -15.45 -20.40 14.58
N LEU C 230 -14.26 -20.98 14.55
CA LEU C 230 -13.95 -22.23 15.21
C LEU C 230 -13.24 -21.90 16.52
N ASN C 231 -13.91 -22.16 17.64
CA ASN C 231 -13.33 -22.12 18.98
C ASN C 231 -13.90 -23.40 19.57
N ASP C 232 -13.11 -24.47 19.62
CA ASP C 232 -13.58 -25.82 19.95
C ASP C 232 -14.54 -26.40 18.92
N THR C 233 -15.54 -25.62 18.53
CA THR C 233 -16.53 -26.06 17.56
C THR C 233 -16.76 -24.92 16.58
N TRP C 234 -17.38 -25.24 15.43
CA TRP C 234 -17.80 -24.22 14.49
C TRP C 234 -19.17 -23.72 14.92
N LYS C 235 -19.28 -22.41 15.18
CA LYS C 235 -20.50 -21.78 15.66
C LYS C 235 -20.51 -20.34 15.15
N ILE C 236 -21.71 -19.75 15.10
CA ILE C 236 -21.88 -18.36 14.69
C ILE C 236 -21.45 -17.41 15.80
N GLU C 237 -20.82 -16.29 15.45
CA GLU C 237 -20.31 -15.36 16.46
C GLU C 237 -20.96 -13.99 16.40
N LYS C 238 -21.10 -13.41 15.20
CA LYS C 238 -21.60 -12.06 15.00
C LYS C 238 -22.49 -12.08 13.76
N ALA C 239 -23.48 -11.21 13.72
CA ALA C 239 -24.24 -11.00 12.49
C ALA C 239 -24.80 -9.58 12.49
N SER C 240 -24.50 -8.82 11.45
CA SER C 240 -24.88 -7.42 11.34
C SER C 240 -25.93 -7.24 10.25
N PHE C 241 -26.92 -6.41 10.52
CA PHE C 241 -28.02 -6.20 9.59
C PHE C 241 -28.24 -4.71 9.40
N ILE C 242 -28.28 -4.31 8.15
CA ILE C 242 -28.71 -3.02 7.67
C ILE C 242 -30.11 -3.16 7.09
N GLU C 243 -30.45 -4.36 6.63
CA GLU C 243 -31.77 -4.74 6.16
C GLU C 243 -32.13 -6.03 6.87
N VAL C 244 -33.39 -6.43 6.80
CA VAL C 244 -33.83 -7.79 7.13
C VAL C 244 -34.80 -8.17 6.02
N LYS C 245 -34.44 -9.17 5.21
CA LYS C 245 -35.21 -9.50 4.02
C LYS C 245 -35.94 -10.82 4.15
N ASN C 246 -36.74 -11.12 3.14
CA ASN C 246 -37.66 -12.23 3.22
C ASN C 246 -37.47 -13.18 2.03
N CYS C 247 -36.30 -13.15 1.41
CA CYS C 247 -35.94 -14.08 0.35
C CYS C 247 -35.07 -15.18 0.94
N HIS C 248 -34.74 -16.16 0.10
CA HIS C 248 -33.98 -17.33 0.53
C HIS C 248 -32.54 -17.24 0.08
N TRP C 249 -31.63 -17.60 0.98
CA TRP C 249 -30.22 -17.54 0.67
C TRP C 249 -29.89 -18.78 -0.15
N PRO C 250 -29.45 -18.63 -1.40
CA PRO C 250 -29.37 -19.79 -2.30
C PRO C 250 -28.20 -20.68 -1.93
N LYS C 251 -28.44 -22.00 -1.91
CA LYS C 251 -27.40 -22.91 -1.40
C LYS C 251 -26.12 -22.82 -2.22
N SER C 252 -26.20 -22.42 -3.49
CA SER C 252 -24.99 -22.25 -4.30
C SER C 252 -24.01 -21.29 -3.65
N HIS C 253 -24.48 -20.34 -2.83
CA HIS C 253 -23.59 -19.39 -2.17
C HIS C 253 -23.49 -19.67 -0.67
N THR C 254 -23.50 -20.94 -0.28
CA THR C 254 -23.54 -21.30 1.13
C THR C 254 -22.44 -22.32 1.45
N LEU C 255 -21.63 -22.06 2.46
CA LEU C 255 -20.64 -23.02 2.91
C LEU C 255 -21.26 -24.06 3.83
N TRP C 256 -20.88 -25.32 3.66
CA TRP C 256 -21.27 -26.37 4.60
C TRP C 256 -22.80 -26.47 4.70
N SER C 257 -23.43 -26.67 3.53
CA SER C 257 -24.87 -26.65 3.41
C SER C 257 -25.51 -28.02 3.50
N ASN C 258 -24.79 -29.03 3.95
CA ASN C 258 -25.33 -30.37 3.99
C ASN C 258 -25.74 -30.73 5.40
N GLY C 259 -26.75 -31.58 5.50
CA GLY C 259 -27.20 -32.05 6.80
C GLY C 259 -27.60 -30.96 7.78
N VAL C 260 -28.20 -29.89 7.29
CA VAL C 260 -28.61 -28.80 8.16
C VAL C 260 -30.04 -29.05 8.59
N LEU C 261 -30.31 -28.92 9.89
CA LEU C 261 -31.67 -28.89 10.38
C LEU C 261 -32.07 -27.43 10.47
N GLU C 262 -33.14 -27.05 9.80
CA GLU C 262 -33.58 -25.67 9.90
C GLU C 262 -33.96 -25.29 11.33
N SER C 263 -34.44 -26.23 12.14
CA SER C 263 -34.79 -25.83 13.50
C SER C 263 -33.59 -25.37 14.30
N GLU C 264 -32.38 -25.53 13.79
CA GLU C 264 -31.21 -25.09 14.50
C GLU C 264 -30.51 -23.90 13.85
N MET C 265 -30.95 -23.48 12.65
CA MET C 265 -30.39 -22.30 12.00
C MET C 265 -30.71 -21.06 12.83
N ILE C 266 -29.69 -20.36 13.31
CA ILE C 266 -29.94 -19.18 14.16
C ILE C 266 -30.69 -18.11 13.39
N ILE C 267 -30.09 -17.65 12.29
CA ILE C 267 -30.78 -16.76 11.37
C ILE C 267 -31.75 -17.60 10.54
N PRO C 268 -33.04 -17.29 10.55
CA PRO C 268 -34.05 -18.18 9.95
C PRO C 268 -33.93 -18.31 8.43
N LYS C 269 -34.33 -19.49 7.92
CA LYS C 269 -34.29 -19.69 6.48
C LYS C 269 -35.15 -18.67 5.77
N ASN C 270 -36.32 -18.38 6.32
CA ASN C 270 -37.26 -17.49 5.67
C ASN C 270 -36.83 -16.04 5.71
N LEU C 271 -35.85 -15.70 6.54
CA LEU C 271 -35.28 -14.36 6.62
C LEU C 271 -33.89 -14.29 5.95
N ALA C 272 -33.74 -15.02 4.83
CA ALA C 272 -32.50 -15.08 4.06
C ALA C 272 -31.30 -15.57 4.89
N GLY C 273 -31.57 -16.34 5.94
CA GLY C 273 -30.53 -17.02 6.67
C GLY C 273 -29.94 -18.10 5.79
N PRO C 274 -28.61 -18.23 5.79
CA PRO C 274 -27.97 -19.24 4.96
C PRO C 274 -28.16 -20.64 5.53
N VAL C 275 -28.55 -21.58 4.67
CA VAL C 275 -28.75 -22.95 5.12
C VAL C 275 -27.40 -23.63 5.26
N SER C 276 -26.81 -23.55 6.45
CA SER C 276 -25.41 -23.87 6.65
C SER C 276 -25.19 -24.24 8.11
N GLN C 277 -24.27 -25.17 8.34
CA GLN C 277 -23.91 -25.47 9.72
C GLN C 277 -23.05 -24.38 10.35
N HIS C 278 -22.65 -23.37 9.58
CA HIS C 278 -22.06 -22.20 10.19
C HIS C 278 -23.11 -21.32 10.85
N ASN C 279 -24.38 -21.55 10.53
CA ASN C 279 -25.54 -20.87 11.09
C ASN C 279 -26.07 -21.62 12.32
N TYR C 280 -25.17 -22.19 13.12
CA TYR C 280 -25.52 -22.86 14.35
C TYR C 280 -24.92 -22.10 15.51
N ARG C 281 -25.61 -22.12 16.66
CA ARG C 281 -24.95 -21.89 17.92
C ARG C 281 -25.43 -23.00 18.84
N PRO C 282 -24.53 -23.67 19.53
CA PRO C 282 -24.93 -24.76 20.43
C PRO C 282 -25.85 -24.26 21.53
N GLY C 283 -26.95 -25.00 21.73
CA GLY C 283 -27.95 -24.68 22.72
C GLY C 283 -29.03 -23.71 22.30
N TYR C 284 -29.03 -23.26 21.04
CA TYR C 284 -30.03 -22.32 20.54
C TYR C 284 -30.70 -22.88 19.29
N HIS C 285 -31.96 -22.55 19.11
CA HIS C 285 -32.67 -22.92 17.89
C HIS C 285 -33.00 -21.64 17.12
N THR C 286 -33.71 -21.78 16.01
CA THR C 286 -33.99 -20.64 15.14
C THR C 286 -34.53 -19.47 15.94
N GLN C 287 -34.07 -18.27 15.58
CA GLN C 287 -34.57 -17.05 16.19
C GLN C 287 -35.65 -16.43 15.30
N ILE C 288 -36.74 -17.16 15.07
CA ILE C 288 -37.79 -16.66 14.17
C ILE C 288 -38.42 -15.40 14.76
N THR C 289 -38.64 -15.38 16.07
CA THR C 289 -39.19 -14.24 16.76
C THR C 289 -38.10 -13.47 17.49
N GLY C 290 -36.95 -13.31 16.84
CA GLY C 290 -35.98 -12.36 17.30
C GLY C 290 -36.55 -11.00 17.00
N PRO C 291 -35.90 -9.96 17.42
CA PRO C 291 -36.41 -8.59 17.22
C PRO C 291 -36.18 -8.08 15.80
N TRP C 292 -36.52 -8.91 14.80
CA TRP C 292 -36.28 -8.56 13.41
C TRP C 292 -37.02 -7.31 12.99
N HIS C 293 -38.03 -6.91 13.75
CA HIS C 293 -38.71 -5.68 13.42
C HIS C 293 -37.79 -4.47 13.50
N LEU C 294 -36.68 -4.54 14.25
CA LEU C 294 -35.78 -3.40 14.25
C LEU C 294 -35.27 -3.11 12.84
N GLY C 295 -35.16 -4.13 12.00
CA GLY C 295 -34.69 -3.89 10.64
C GLY C 295 -33.21 -3.70 10.51
N LYS C 296 -32.63 -2.84 11.34
CA LYS C 296 -31.20 -2.65 11.41
C LYS C 296 -30.82 -3.03 12.85
N LEU C 297 -29.91 -3.99 13.01
CA LEU C 297 -29.57 -4.49 14.34
C LEU C 297 -28.22 -5.23 14.28
N GLU C 298 -27.70 -5.57 15.46
CA GLU C 298 -26.38 -6.19 15.59
C GLU C 298 -26.49 -7.40 16.52
N MET C 299 -26.39 -8.60 16.00
CA MET C 299 -26.43 -9.80 16.82
C MET C 299 -25.02 -10.22 17.22
N ASP C 300 -24.87 -10.64 18.46
CA ASP C 300 -23.62 -11.24 18.95
C ASP C 300 -23.97 -12.03 20.20
N PHE C 301 -22.95 -12.44 20.95
CA PHE C 301 -23.15 -13.33 22.09
C PHE C 301 -22.43 -12.72 23.30
N ASP C 302 -23.19 -12.02 24.11
CA ASP C 302 -22.61 -11.28 25.23
C ASP C 302 -23.77 -10.73 26.06
N PHE C 303 -23.43 -10.26 27.25
CA PHE C 303 -24.47 -9.85 28.18
C PHE C 303 -24.98 -8.48 27.82
N CYS C 304 -26.28 -8.30 27.97
CA CYS C 304 -26.85 -6.97 27.87
C CYS C 304 -26.43 -6.15 29.09
N ASP C 305 -26.04 -4.90 28.83
CA ASP C 305 -25.49 -4.00 29.84
C ASP C 305 -26.29 -4.04 31.13
N GLY C 306 -25.63 -4.42 32.20
CA GLY C 306 -26.29 -4.43 33.47
C GLY C 306 -27.08 -5.66 33.79
N THR C 307 -27.00 -6.71 32.97
CA THR C 307 -27.79 -7.91 33.19
C THR C 307 -26.89 -9.14 33.42
N THR C 308 -27.52 -10.22 33.84
CA THR C 308 -26.85 -11.49 34.08
C THR C 308 -27.78 -12.62 33.67
N VAL C 309 -27.27 -13.59 32.92
CA VAL C 309 -28.03 -14.76 32.52
C VAL C 309 -27.42 -15.99 33.17
N VAL C 310 -28.25 -16.76 33.88
CA VAL C 310 -27.79 -18.03 34.43
C VAL C 310 -28.56 -19.17 33.78
N VAL C 311 -27.93 -20.33 33.77
CA VAL C 311 -28.49 -21.55 33.20
C VAL C 311 -29.16 -22.30 34.35
N THR C 312 -30.47 -22.43 34.25
CA THR C 312 -31.21 -23.16 35.26
C THR C 312 -32.30 -23.95 34.57
N GLU C 313 -32.51 -25.18 35.04
CA GLU C 313 -33.60 -26.00 34.55
C GLU C 313 -34.96 -25.50 35.04
N ASP C 314 -34.98 -24.64 36.08
CA ASP C 314 -36.17 -23.98 36.60
C ASP C 314 -36.72 -22.88 35.70
N CYS C 315 -35.96 -22.47 34.69
CA CYS C 315 -36.31 -21.35 33.85
C CYS C 315 -37.48 -21.68 32.91
N GLY C 316 -38.10 -20.63 32.39
CA GLY C 316 -39.16 -20.78 31.41
C GLY C 316 -38.63 -21.12 30.04
N ASN C 317 -39.53 -21.68 29.23
CA ASN C 317 -39.23 -22.11 27.87
C ASN C 317 -39.02 -20.93 26.91
N ARG C 318 -38.54 -21.23 25.71
CA ARG C 318 -38.25 -20.18 24.73
C ARG C 318 -39.51 -19.55 24.17
N GLY C 319 -39.53 -18.23 24.15
CA GLY C 319 -40.61 -17.47 23.58
C GLY C 319 -40.06 -16.24 22.91
N PRO C 320 -40.93 -15.30 22.52
CA PRO C 320 -40.47 -14.15 21.74
C PRO C 320 -39.42 -13.37 22.48
N SER C 321 -38.51 -12.73 21.73
CA SER C 321 -37.44 -11.96 22.33
C SER C 321 -38.01 -10.80 23.13
N LEU C 322 -37.48 -10.59 24.32
CA LEU C 322 -37.82 -9.47 25.18
C LEU C 322 -36.63 -8.52 25.21
N ARG C 323 -36.89 -7.26 25.54
CA ARG C 323 -35.78 -6.32 25.64
C ARG C 323 -35.51 -6.00 27.10
N THR C 324 -34.28 -5.55 27.38
CA THR C 324 -33.87 -5.42 28.78
C THR C 324 -34.51 -4.20 29.46
N THR C 325 -35.00 -3.24 28.70
CA THR C 325 -35.66 -2.07 29.27
C THR C 325 -37.15 -2.15 28.96
N THR C 326 -37.95 -1.96 30.00
CA THR C 326 -39.42 -1.93 29.91
C THR C 326 -39.86 -0.73 29.09
N ALA C 327 -41.12 -0.76 28.63
CA ALA C 327 -41.63 0.42 27.95
C ALA C 327 -41.51 1.67 28.84
N SER C 328 -41.63 1.51 30.15
CA SER C 328 -41.49 2.63 31.09
C SER C 328 -40.05 3.04 31.36
N GLY C 329 -39.05 2.24 30.96
CA GLY C 329 -37.66 2.55 31.20
C GLY C 329 -36.96 1.73 32.28
N LYS C 330 -37.66 0.85 32.98
CA LYS C 330 -37.03 -0.02 33.97
C LYS C 330 -36.06 -1.02 33.32
N LEU C 331 -34.95 -1.31 34.00
CA LEU C 331 -34.02 -2.36 33.55
C LEU C 331 -34.35 -3.66 34.28
N ILE C 332 -34.43 -4.76 33.54
CA ILE C 332 -34.63 -6.06 34.15
C ILE C 332 -33.27 -6.69 34.28
N THR C 333 -32.82 -6.92 35.52
CA THR C 333 -31.42 -7.32 35.70
C THR C 333 -31.18 -8.83 35.61
N GLU C 334 -32.10 -9.66 36.09
CA GLU C 334 -31.87 -11.09 36.26
C GLU C 334 -32.59 -11.91 35.19
N TRP C 335 -31.82 -12.68 34.41
CA TRP C 335 -32.36 -13.51 33.35
C TRP C 335 -31.88 -14.95 33.50
N CYS C 336 -32.44 -15.83 32.69
CA CYS C 336 -32.05 -17.23 32.70
C CYS C 336 -32.40 -17.88 31.38
N CYS C 337 -31.94 -19.12 31.22
CA CYS C 337 -32.32 -19.96 30.08
C CYS C 337 -32.15 -21.42 30.50
N ARG C 338 -32.99 -22.28 29.92
CA ARG C 338 -33.07 -23.66 30.38
C ARG C 338 -31.89 -24.50 29.86
N SER C 339 -31.62 -24.46 28.53
CA SER C 339 -30.55 -25.29 27.96
C SER C 339 -29.68 -24.52 26.95
N CYS C 340 -29.56 -23.21 27.06
CA CYS C 340 -28.68 -22.51 26.13
C CYS C 340 -27.24 -22.54 26.65
N THR C 341 -26.29 -22.03 25.84
CA THR C 341 -24.88 -21.96 26.23
C THR C 341 -24.43 -20.51 26.28
N LEU C 342 -23.86 -20.10 27.43
CA LEU C 342 -23.37 -18.73 27.57
C LEU C 342 -22.05 -18.61 26.82
N PRO C 343 -21.75 -17.43 26.26
CA PRO C 343 -22.49 -16.17 26.40
C PRO C 343 -23.87 -16.15 25.72
N PRO C 344 -24.76 -15.30 26.23
CA PRO C 344 -26.14 -15.28 25.76
C PRO C 344 -26.29 -14.61 24.40
N LEU C 345 -27.23 -15.12 23.61
CA LEU C 345 -27.55 -14.50 22.33
C LEU C 345 -28.20 -13.16 22.59
N ARG C 346 -27.62 -12.10 22.04
CA ARG C 346 -28.18 -10.77 22.25
C ARG C 346 -28.28 -10.00 20.93
N TYR C 347 -29.32 -9.20 20.83
CA TYR C 347 -29.49 -8.28 19.72
C TYR C 347 -29.40 -6.85 20.25
N ARG C 348 -28.91 -5.96 19.42
CA ARG C 348 -28.82 -4.56 19.81
C ARG C 348 -29.31 -3.75 18.63
N GLY C 349 -30.23 -2.82 18.94
CA GLY C 349 -30.91 -2.02 17.96
C GLY C 349 -31.03 -0.60 18.44
N GLU C 350 -31.77 0.21 17.69
CA GLU C 350 -31.90 1.62 18.00
C GLU C 350 -32.59 1.89 19.33
N ASP C 351 -33.30 0.91 19.87
CA ASP C 351 -34.09 1.15 21.07
C ASP C 351 -33.69 0.26 22.23
N GLY C 352 -32.44 -0.19 22.27
CA GLY C 352 -31.96 -0.90 23.44
C GLY C 352 -31.49 -2.31 23.15
N CYS C 353 -31.41 -3.11 24.20
CA CYS C 353 -30.81 -4.44 24.15
C CYS C 353 -31.91 -5.47 24.32
N TRP C 354 -31.93 -6.47 23.45
CA TRP C 354 -32.86 -7.58 23.53
C TRP C 354 -32.07 -8.88 23.69
N TYR C 355 -32.74 -9.96 24.06
CA TYR C 355 -32.09 -11.25 24.21
C TYR C 355 -32.69 -12.24 23.24
N GLY C 356 -31.93 -13.29 22.94
CA GLY C 356 -32.42 -14.35 22.09
C GLY C 356 -33.60 -15.07 22.72
N MET C 357 -34.33 -15.78 21.85
CA MET C 357 -35.61 -16.36 22.23
C MET C 357 -35.55 -17.24 23.49
N GLU C 358 -34.42 -17.90 23.75
CA GLU C 358 -34.40 -18.83 24.87
C GLU C 358 -34.09 -18.19 26.21
N ILE C 359 -33.79 -16.89 26.24
CA ILE C 359 -33.37 -16.20 27.45
C ILE C 359 -34.59 -15.50 28.05
N ARG C 360 -35.05 -15.98 29.18
CA ARG C 360 -36.24 -15.48 29.84
C ARG C 360 -35.87 -14.81 31.16
N PRO C 361 -36.71 -13.90 31.67
CA PRO C 361 -36.37 -13.26 32.95
C PRO C 361 -36.45 -14.26 34.09
N LEU C 362 -35.52 -14.11 35.03
CA LEU C 362 -35.44 -15.06 36.13
C LEU C 362 -36.59 -14.86 37.10
N LYS C 363 -36.71 -13.65 37.64
CA LYS C 363 -37.74 -13.37 38.61
C LYS C 363 -38.93 -12.65 38.02
N GLU C 364 -38.68 -11.76 37.07
CA GLU C 364 -39.72 -10.86 36.61
C GLU C 364 -40.83 -11.58 35.86
N LYS C 365 -42.06 -11.15 36.08
CA LYS C 365 -43.19 -11.64 35.30
C LYS C 365 -43.09 -11.02 33.90
N GLU C 366 -43.35 -11.83 32.85
CA GLU C 366 -43.00 -11.44 31.48
C GLU C 366 -43.90 -10.36 30.85
N GLU C 367 -45.16 -10.22 31.26
CA GLU C 367 -46.07 -9.29 30.60
C GLU C 367 -45.62 -7.84 30.71
N ASN C 368 -44.82 -7.53 31.73
CA ASN C 368 -44.31 -6.18 31.91
C ASN C 368 -43.23 -5.81 30.90
N LEU C 369 -42.73 -6.76 30.12
CA LEU C 369 -41.59 -6.50 29.27
C LEU C 369 -42.03 -6.24 27.84
N VAL C 370 -41.18 -5.53 27.11
CA VAL C 370 -41.43 -5.26 25.70
C VAL C 370 -41.01 -6.49 24.91
N ASN C 371 -41.84 -6.94 23.98
CA ASN C 371 -41.47 -8.10 23.20
C ASN C 371 -41.61 -7.82 21.70
N SER C 372 -41.12 -8.78 20.91
CA SER C 372 -41.04 -8.65 19.46
C SER C 372 -42.11 -9.45 18.74
N LEU C 373 -43.30 -9.51 19.35
CA LEU C 373 -44.47 -10.04 18.68
C LEU C 373 -44.96 -9.06 17.60
N VAL C 374 -45.64 -9.63 16.60
CA VAL C 374 -46.30 -8.92 15.51
C VAL C 374 -46.97 -7.63 15.99
N THR C 375 -47.02 -6.63 15.10
CA THR C 375 -47.69 -5.32 15.29
C THR C 375 -48.81 -5.23 16.33
N ASN D 23 -11.71 -8.67 14.28
CA ASN D 23 -10.60 -8.27 13.42
C ASN D 23 -10.38 -9.17 12.19
N ALA D 24 -10.29 -8.49 11.05
CA ALA D 24 -10.33 -9.11 9.74
C ALA D 24 -9.17 -8.58 8.89
N ASP D 25 -9.34 -8.70 7.57
CA ASP D 25 -8.36 -8.29 6.57
C ASP D 25 -8.82 -7.00 5.90
N SER D 26 -8.00 -5.96 5.99
CA SER D 26 -8.31 -4.64 5.47
C SER D 26 -7.31 -4.23 4.40
N GLY D 27 -7.81 -3.62 3.32
CA GLY D 27 -6.92 -3.22 2.25
C GLY D 27 -7.71 -2.87 1.00
N CYS D 28 -6.97 -2.78 -0.11
CA CYS D 28 -7.52 -2.33 -1.38
C CYS D 28 -7.22 -3.35 -2.46
N VAL D 29 -8.06 -3.33 -3.49
CA VAL D 29 -8.05 -4.39 -4.48
C VAL D 29 -8.67 -3.82 -5.76
N VAL D 30 -8.09 -4.18 -6.89
CA VAL D 30 -8.60 -3.76 -8.20
C VAL D 30 -9.05 -5.00 -8.98
N SER D 31 -10.26 -4.92 -9.55
CA SER D 31 -10.82 -5.99 -10.37
C SER D 31 -10.67 -5.59 -11.84
N TRP D 32 -9.79 -6.28 -12.56
CA TRP D 32 -9.55 -5.92 -13.95
C TRP D 32 -10.80 -6.24 -14.79
N LYS D 33 -11.36 -7.44 -14.62
CA LYS D 33 -12.52 -7.86 -15.40
C LYS D 33 -13.74 -7.01 -15.07
N ASN D 34 -14.00 -6.77 -13.79
CA ASN D 34 -15.14 -5.97 -13.37
C ASN D 34 -14.91 -4.45 -13.58
N LYS D 35 -13.63 -4.03 -13.66
CA LYS D 35 -13.22 -2.66 -14.00
C LYS D 35 -13.51 -1.64 -12.88
N GLU D 36 -13.48 -2.09 -11.62
CA GLU D 36 -13.68 -1.23 -10.46
C GLU D 36 -12.48 -1.34 -9.52
N LEU D 37 -12.42 -0.41 -8.57
CA LEU D 37 -11.47 -0.48 -7.47
C LEU D 37 -12.25 -0.48 -6.16
N LYS D 38 -11.82 -1.34 -5.24
CA LYS D 38 -12.51 -1.58 -3.96
C LYS D 38 -11.50 -1.43 -2.82
N CYS D 39 -11.87 -0.68 -1.80
CA CYS D 39 -11.16 -0.72 -0.54
C CYS D 39 -12.17 -1.10 0.54
N GLY D 40 -11.68 -1.62 1.65
CA GLY D 40 -12.58 -1.99 2.73
C GLY D 40 -12.02 -3.12 3.57
N SER D 41 -12.89 -3.68 4.38
CA SER D 41 -12.53 -4.67 5.37
C SER D 41 -13.30 -5.96 5.11
N GLY D 42 -12.64 -7.10 5.31
CA GLY D 42 -13.29 -8.36 5.07
C GLY D 42 -12.35 -9.55 5.00
N ILE D 43 -12.53 -10.41 4.00
CA ILE D 43 -11.73 -11.62 3.84
C ILE D 43 -11.10 -11.64 2.45
N PHE D 44 -9.79 -11.86 2.40
CA PHE D 44 -9.03 -11.94 1.15
C PHE D 44 -8.59 -13.39 0.97
N ILE D 45 -9.20 -14.07 0.00
CA ILE D 45 -8.81 -15.42 -0.39
C ILE D 45 -7.81 -15.25 -1.54
N THR D 46 -6.54 -15.56 -1.29
CA THR D 46 -5.48 -15.40 -2.28
C THR D 46 -5.24 -16.68 -3.06
N ASP D 47 -4.70 -16.52 -4.27
CA ASP D 47 -4.32 -17.65 -5.12
C ASP D 47 -2.87 -18.02 -4.80
N ASN D 48 -2.68 -19.08 -4.01
CA ASN D 48 -1.37 -19.47 -3.52
C ASN D 48 -0.71 -20.48 -4.43
N VAL D 49 -1.13 -20.54 -5.68
CA VAL D 49 -0.59 -21.48 -6.67
C VAL D 49 0.22 -20.75 -7.73
N HIS D 50 -0.33 -19.68 -8.29
CA HIS D 50 0.36 -18.88 -9.28
C HIS D 50 1.15 -17.73 -8.66
N THR D 51 1.52 -17.84 -7.39
CA THR D 51 2.46 -16.90 -6.80
C THR D 51 3.86 -17.18 -7.35
N TRP D 52 4.63 -16.11 -7.59
CA TRP D 52 5.94 -16.23 -8.23
C TRP D 52 7.03 -16.71 -7.27
N THR D 53 6.93 -16.35 -6.00
CA THR D 53 7.88 -16.75 -4.98
C THR D 53 7.16 -17.56 -3.90
N GLU D 54 7.95 -18.25 -3.09
CA GLU D 54 7.38 -19.09 -2.04
C GLU D 54 6.75 -18.21 -0.96
N GLN D 55 5.40 -18.17 -0.93
CA GLN D 55 4.69 -17.42 0.10
C GLN D 55 4.71 -18.12 1.45
N TYR D 56 4.69 -19.46 1.47
CA TYR D 56 4.60 -20.18 2.73
C TYR D 56 5.66 -21.27 2.81
N LYS D 57 6.19 -21.49 4.03
CA LYS D 57 7.13 -22.56 4.34
C LYS D 57 6.64 -23.29 5.56
N PHE D 58 6.69 -24.61 5.54
CA PHE D 58 6.32 -25.35 6.74
C PHE D 58 7.52 -25.45 7.66
N GLN D 59 7.27 -25.30 8.96
CA GLN D 59 8.27 -25.42 10.02
C GLN D 59 7.68 -26.19 11.19
N PRO D 60 8.51 -26.91 11.95
CA PRO D 60 8.01 -27.63 13.13
C PRO D 60 8.01 -26.79 14.40
N GLU D 61 7.01 -27.03 15.25
CA GLU D 61 6.99 -26.35 16.54
C GLU D 61 8.16 -26.80 17.40
N SER D 62 8.36 -28.11 17.48
CA SER D 62 9.41 -28.70 18.30
C SER D 62 10.03 -29.82 17.48
N PRO D 63 11.15 -29.57 16.80
CA PRO D 63 11.85 -30.68 16.13
C PRO D 63 12.17 -31.80 17.08
N SER D 64 12.37 -31.49 18.38
CA SER D 64 12.60 -32.54 19.35
C SER D 64 11.38 -33.43 19.54
N LYS D 65 10.18 -32.81 19.62
CA LYS D 65 8.96 -33.60 19.68
C LYS D 65 8.72 -34.44 18.43
N LEU D 66 9.12 -33.93 17.26
CA LEU D 66 8.98 -34.74 16.05
C LEU D 66 9.89 -35.96 16.09
N ALA D 67 11.13 -35.79 16.59
CA ALA D 67 12.07 -36.91 16.68
C ALA D 67 11.56 -38.01 17.60
N SER D 68 10.92 -37.64 18.72
CA SER D 68 10.36 -38.63 19.63
C SER D 68 9.24 -39.43 18.96
N ALA D 69 8.31 -38.72 18.29
CA ALA D 69 7.21 -39.39 17.61
C ALA D 69 7.65 -40.28 16.46
N ILE D 70 8.91 -40.15 16.03
CA ILE D 70 9.51 -41.01 15.01
C ILE D 70 10.20 -42.22 15.63
N GLN D 71 10.90 -42.02 16.76
CA GLN D 71 11.35 -43.12 17.61
C GLN D 71 10.18 -44.05 17.88
N LYS D 72 9.17 -43.54 18.61
CA LYS D 72 7.97 -44.31 18.93
C LYS D 72 7.37 -44.94 17.69
N ALA D 73 7.35 -44.19 16.58
CA ALA D 73 6.82 -44.75 15.34
C ALA D 73 7.58 -46.00 14.93
N HIS D 74 8.91 -45.89 14.78
CA HIS D 74 9.71 -47.02 14.32
C HIS D 74 9.60 -48.21 15.28
N GLU D 75 9.61 -47.95 16.59
CA GLU D 75 9.44 -49.01 17.59
C GLU D 75 8.08 -49.70 17.48
N GLU D 76 7.02 -48.94 17.11
CA GLU D 76 5.72 -49.55 16.89
C GLU D 76 5.68 -50.34 15.61
N GLY D 77 6.78 -50.35 14.86
CA GLY D 77 6.86 -51.01 13.59
C GLY D 77 6.55 -50.13 12.40
N ILE D 78 6.53 -48.81 12.57
CA ILE D 78 6.26 -47.87 11.48
C ILE D 78 7.58 -47.55 10.80
N CYS D 79 7.67 -47.84 9.50
CA CYS D 79 8.92 -47.77 8.74
C CYS D 79 9.19 -46.42 8.06
N GLY D 80 8.17 -45.57 7.91
CA GLY D 80 8.36 -44.31 7.21
C GLY D 80 7.09 -43.49 7.21
N ILE D 81 7.09 -42.38 6.46
CA ILE D 81 5.91 -41.54 6.32
C ILE D 81 5.76 -41.05 4.88
N ARG D 82 4.52 -40.70 4.52
CA ARG D 82 4.21 -40.08 3.23
C ARG D 82 3.61 -38.71 3.47
N SER D 83 4.09 -37.73 2.73
CA SER D 83 3.61 -36.37 2.89
C SER D 83 2.18 -36.25 2.40
N VAL D 84 1.39 -35.40 3.06
CA VAL D 84 0.07 -35.12 2.54
C VAL D 84 0.17 -34.11 1.42
N THR D 85 0.78 -32.98 1.73
CA THR D 85 0.90 -31.80 0.89
C THR D 85 2.34 -31.66 0.39
N ARG D 86 2.51 -30.97 -0.74
CA ARG D 86 3.84 -30.72 -1.28
C ARG D 86 4.69 -29.93 -0.29
N LEU D 87 4.10 -28.92 0.34
CA LEU D 87 4.87 -28.11 1.29
C LEU D 87 5.36 -28.95 2.48
N GLU D 88 4.67 -30.05 2.82
CA GLU D 88 5.11 -30.90 3.92
C GLU D 88 6.40 -31.59 3.54
N ASN D 89 6.49 -32.05 2.30
CA ASN D 89 7.70 -32.72 1.84
C ASN D 89 8.90 -31.79 1.88
N LEU D 90 8.76 -30.57 1.36
CA LEU D 90 9.87 -29.61 1.41
C LEU D 90 10.30 -29.36 2.84
N MET D 91 9.35 -29.32 3.78
CA MET D 91 9.72 -29.17 5.17
C MET D 91 10.59 -30.34 5.63
N TRP D 92 10.17 -31.57 5.32
CA TRP D 92 10.92 -32.75 5.72
C TRP D 92 12.36 -32.78 5.15
N LYS D 93 12.60 -32.06 4.06
CA LYS D 93 13.95 -31.97 3.52
C LYS D 93 14.77 -30.94 4.31
N GLN D 94 14.22 -29.72 4.48
CA GLN D 94 14.91 -28.69 5.26
C GLN D 94 15.22 -29.18 6.68
N ILE D 95 14.40 -30.10 7.20
CA ILE D 95 14.39 -30.43 8.61
C ILE D 95 15.15 -31.72 8.96
N THR D 96 15.44 -32.58 7.99
CA THR D 96 16.00 -33.89 8.31
C THR D 96 17.42 -33.87 8.89
N PRO D 97 18.35 -33.04 8.42
CA PRO D 97 19.60 -32.88 9.17
C PRO D 97 19.39 -32.52 10.65
N GLU D 98 18.47 -31.62 10.99
CA GLU D 98 18.27 -31.31 12.41
C GLU D 98 17.64 -32.50 13.14
N LEU D 99 16.80 -33.28 12.46
CA LEU D 99 16.19 -34.44 13.10
C LEU D 99 17.19 -35.57 13.35
N ASN D 100 18.13 -35.79 12.43
CA ASN D 100 19.12 -36.85 12.62
C ASN D 100 20.09 -36.52 13.74
N HIS D 101 20.32 -35.23 14.01
CA HIS D 101 21.21 -34.87 15.11
C HIS D 101 20.52 -35.06 16.46
N ILE D 102 19.24 -34.70 16.56
CA ILE D 102 18.51 -34.97 17.80
C ILE D 102 18.47 -36.47 18.06
N LEU D 103 18.39 -37.27 17.00
CA LEU D 103 18.37 -38.71 17.17
C LEU D 103 19.70 -39.25 17.69
N SER D 104 20.83 -38.69 17.25
CA SER D 104 22.11 -39.25 17.68
C SER D 104 22.40 -38.95 19.15
N GLU D 105 22.29 -37.67 19.55
CA GLU D 105 22.59 -37.31 20.93
C GLU D 105 21.60 -37.93 21.91
N ASN D 106 20.35 -38.16 21.49
CA ASN D 106 19.37 -38.85 22.32
C ASN D 106 19.49 -40.38 22.21
N GLU D 107 20.58 -40.88 21.60
CA GLU D 107 21.07 -42.27 21.73
C GLU D 107 20.12 -43.29 21.10
N VAL D 108 19.77 -43.08 19.84
CA VAL D 108 18.89 -43.99 19.11
C VAL D 108 19.50 -44.25 17.75
N LYS D 109 19.72 -45.54 17.44
CA LYS D 109 20.35 -45.98 16.20
C LYS D 109 19.30 -46.04 15.09
N LEU D 110 19.00 -44.88 14.52
CA LEU D 110 18.05 -44.81 13.43
C LEU D 110 18.37 -43.62 12.54
N THR D 111 18.53 -43.87 11.24
CA THR D 111 18.83 -42.82 10.27
C THR D 111 17.55 -42.44 9.51
N ILE D 112 17.30 -41.13 9.36
CA ILE D 112 16.19 -40.63 8.57
C ILE D 112 16.65 -40.30 7.16
N MET D 113 15.93 -40.84 6.17
CA MET D 113 16.19 -40.57 4.75
C MET D 113 14.91 -40.11 4.07
N THR D 114 14.91 -38.92 3.46
CA THR D 114 13.72 -38.43 2.79
C THR D 114 14.00 -38.22 1.30
N GLY D 115 13.09 -38.72 0.45
CA GLY D 115 13.24 -38.68 -0.98
C GLY D 115 12.31 -37.68 -1.62
N ASP D 116 12.05 -37.88 -2.91
CA ASP D 116 11.28 -36.91 -3.67
C ASP D 116 9.80 -37.32 -3.77
N ILE D 117 9.04 -36.49 -4.49
CA ILE D 117 7.58 -36.59 -4.58
C ILE D 117 7.18 -37.17 -5.93
N LYS D 118 6.30 -38.18 -5.89
CA LYS D 118 5.69 -38.76 -7.08
C LYS D 118 4.60 -37.86 -7.65
N GLY D 119 3.71 -38.42 -8.47
CA GLY D 119 2.61 -37.63 -8.95
C GLY D 119 1.64 -37.43 -7.80
N ILE D 120 0.72 -38.39 -7.63
CA ILE D 120 -0.20 -38.33 -6.51
C ILE D 120 0.57 -38.55 -5.22
N MET D 121 0.23 -37.80 -4.18
CA MET D 121 0.85 -37.99 -2.88
C MET D 121 0.05 -39.03 -2.12
N GLN D 122 0.35 -40.28 -2.43
CA GLN D 122 -0.36 -41.41 -1.87
C GLN D 122 -0.38 -41.36 -0.35
N ALA D 123 -1.49 -41.80 0.19
CA ALA D 123 -1.69 -41.84 1.63
C ALA D 123 -1.06 -43.08 2.22
N GLY D 124 -0.67 -42.97 3.49
CA GLY D 124 -0.21 -44.11 4.25
C GLY D 124 -1.23 -44.44 5.33
N LYS D 125 -1.21 -45.67 5.84
CA LYS D 125 -2.29 -46.16 6.70
C LYS D 125 -1.94 -46.07 8.17
N ARG D 126 -0.77 -45.59 8.52
CA ARG D 126 -0.32 -45.41 9.90
C ARG D 126 -0.30 -43.93 10.24
N SER D 127 0.18 -43.60 11.44
CA SER D 127 0.19 -42.22 11.92
C SER D 127 1.15 -42.06 13.09
N LEU D 128 1.70 -40.84 13.23
CA LEU D 128 2.51 -40.43 14.37
C LEU D 128 1.60 -40.04 15.54
N ARG D 129 2.18 -39.94 16.74
CA ARG D 129 1.41 -39.55 17.92
C ARG D 129 2.28 -38.66 18.82
N PRO D 130 1.72 -37.61 19.41
CA PRO D 130 2.44 -36.68 20.29
C PRO D 130 2.67 -37.14 21.73
N GLN D 155 19.97 -49.36 9.33
CA GLN D 155 18.62 -49.32 9.90
C GLN D 155 17.93 -47.97 9.62
N THR D 156 16.79 -47.97 8.92
CA THR D 156 16.42 -46.79 8.12
C THR D 156 14.92 -46.45 8.21
N PHE D 157 14.60 -45.15 8.03
CA PHE D 157 13.24 -44.57 8.08
C PHE D 157 12.98 -43.69 6.85
N LEU D 158 12.11 -44.13 5.94
CA LEU D 158 11.96 -43.50 4.62
C LEU D 158 10.82 -42.49 4.56
N ILE D 159 11.13 -41.23 4.28
CA ILE D 159 10.13 -40.19 4.07
C ILE D 159 10.00 -39.94 2.58
N ASP D 160 8.82 -40.23 2.04
CA ASP D 160 8.48 -39.99 0.62
C ASP D 160 9.40 -40.86 -0.24
N GLY D 161 9.91 -40.31 -1.33
CA GLY D 161 10.66 -41.08 -2.29
C GLY D 161 9.73 -41.93 -3.14
N PRO D 162 10.27 -42.84 -3.94
CA PRO D 162 9.42 -43.70 -4.77
C PRO D 162 8.86 -44.85 -3.96
N GLU D 163 8.00 -45.63 -4.60
CA GLU D 163 7.42 -46.73 -3.86
C GLU D 163 8.42 -47.88 -3.69
N THR D 164 8.12 -48.77 -2.74
CA THR D 164 8.99 -49.89 -2.40
C THR D 164 8.18 -50.89 -1.62
N ALA D 165 8.51 -52.16 -1.81
CA ALA D 165 7.83 -53.19 -1.05
C ALA D 165 8.45 -53.39 0.32
N GLU D 166 9.71 -52.96 0.49
CA GLU D 166 10.35 -53.07 1.80
C GLU D 166 9.67 -52.18 2.83
N CYS D 167 9.05 -51.07 2.38
CA CYS D 167 8.34 -50.13 3.25
C CYS D 167 7.12 -49.60 2.49
N PRO D 168 6.04 -50.37 2.44
CA PRO D 168 4.89 -49.99 1.64
C PRO D 168 4.09 -48.87 2.31
N ASN D 169 3.11 -48.36 1.58
CA ASN D 169 2.31 -47.28 2.14
C ASN D 169 1.51 -47.74 3.35
N THR D 170 1.17 -49.04 3.39
CA THR D 170 0.50 -49.63 4.56
C THR D 170 1.29 -49.42 5.85
N ASN D 171 2.61 -49.28 5.77
CA ASN D 171 3.42 -49.13 6.97
C ASN D 171 4.01 -47.73 7.11
N ARG D 172 3.40 -46.74 6.45
CA ARG D 172 3.85 -45.35 6.48
C ARG D 172 2.86 -44.48 7.24
N ALA D 173 3.38 -43.55 8.02
CA ALA D 173 2.56 -42.54 8.68
C ALA D 173 2.20 -41.47 7.66
N TRP D 174 1.05 -40.84 7.86
CA TRP D 174 0.55 -39.91 6.86
C TRP D 174 -0.48 -39.03 7.54
N ASN D 175 -0.46 -37.75 7.23
CA ASN D 175 -1.46 -36.82 7.74
C ASN D 175 -1.44 -36.84 9.26
N SER D 176 -0.27 -36.50 9.80
CA SER D 176 -0.08 -36.43 11.24
C SER D 176 0.35 -35.04 11.69
N LEU D 177 0.38 -34.07 10.80
CA LEU D 177 0.71 -32.71 11.15
C LEU D 177 -0.49 -31.83 10.87
N GLU D 178 -0.75 -30.89 11.77
CA GLU D 178 -1.71 -29.84 11.57
C GLU D 178 -1.06 -28.52 11.95
N VAL D 179 -1.71 -27.43 11.60
CA VAL D 179 -1.15 -26.09 11.81
C VAL D 179 -1.35 -25.70 13.27
N GLU D 180 -0.36 -24.98 13.82
CA GLU D 180 -0.47 -24.37 15.15
C GLU D 180 -0.86 -22.90 15.05
N ASP D 181 0.02 -22.09 14.48
CA ASP D 181 -0.27 -20.67 14.22
C ASP D 181 0.65 -20.21 13.09
N TYR D 182 0.82 -18.89 12.95
CA TYR D 182 1.56 -18.30 11.85
C TYR D 182 2.63 -17.36 12.40
N GLY D 183 3.58 -17.01 11.52
CA GLY D 183 4.63 -16.03 11.78
C GLY D 183 4.95 -15.27 10.51
N PHE D 184 5.01 -13.93 10.57
CA PHE D 184 4.79 -13.12 9.39
C PHE D 184 6.07 -12.53 8.79
N GLY D 185 5.89 -11.82 7.66
CA GLY D 185 6.97 -11.19 6.93
C GLY D 185 6.49 -10.16 5.92
N THR D 188 8.08 -13.70 3.04
CA THR D 188 7.47 -15.02 3.23
C THR D 188 6.55 -15.02 4.45
N THR D 189 6.02 -16.19 4.78
CA THR D 189 5.08 -16.36 5.89
C THR D 189 5.24 -17.77 6.44
N ASN D 190 5.69 -17.89 7.69
CA ASN D 190 5.93 -19.20 8.27
C ASN D 190 4.61 -19.88 8.65
N ILE D 191 4.63 -21.21 8.66
CA ILE D 191 3.51 -22.04 9.13
C ILE D 191 4.11 -23.08 10.06
N TRP D 192 3.79 -23.00 11.34
CA TRP D 192 4.35 -23.91 12.33
C TRP D 192 3.38 -25.07 12.51
N LEU D 193 3.92 -26.29 12.59
CA LEU D 193 3.13 -27.51 12.61
C LEU D 193 3.34 -28.24 13.93
N LYS D 194 2.31 -28.98 14.35
CA LYS D 194 2.38 -29.82 15.52
C LYS D 194 1.71 -31.15 15.18
N LEU D 195 1.96 -32.16 16.00
CA LEU D 195 1.38 -33.46 15.69
C LEU D 195 -0.11 -33.50 16.01
N LYS D 196 -0.87 -34.16 15.13
CA LYS D 196 -2.30 -34.26 15.28
C LYS D 196 -2.66 -35.32 16.29
N GLU D 197 -3.43 -34.94 17.31
CA GLU D 197 -3.99 -35.95 18.20
C GLU D 197 -5.03 -36.80 17.47
N LYS D 198 -5.61 -36.30 16.37
CA LYS D 198 -6.64 -37.03 15.63
C LYS D 198 -6.02 -37.87 14.52
N GLN D 199 -6.60 -39.04 14.28
CA GLN D 199 -6.18 -39.82 13.12
C GLN D 199 -7.37 -39.78 12.16
N ASP D 200 -7.26 -38.98 11.11
CA ASP D 200 -8.36 -38.90 10.14
C ASP D 200 -7.80 -38.75 8.73
N VAL D 201 -8.71 -38.71 7.75
CA VAL D 201 -8.33 -38.66 6.34
C VAL D 201 -8.63 -37.31 5.71
N PHE D 202 -8.92 -36.29 6.52
CA PHE D 202 -9.35 -34.98 6.02
C PHE D 202 -8.17 -34.03 6.00
N CYS D 203 -8.04 -33.27 4.92
CA CYS D 203 -6.95 -32.31 4.83
C CYS D 203 -7.06 -31.31 5.97
N ASP D 204 -5.92 -30.75 6.36
CA ASP D 204 -5.88 -29.78 7.44
C ASP D 204 -6.77 -28.60 7.12
N SER D 205 -7.81 -28.38 7.94
CA SER D 205 -8.75 -27.34 7.58
C SER D 205 -8.10 -25.97 7.62
N LYS D 206 -7.07 -25.79 8.47
CA LYS D 206 -6.42 -24.48 8.64
C LYS D 206 -5.69 -24.00 7.39
N LEU D 207 -5.50 -24.87 6.41
CA LEU D 207 -4.89 -24.48 5.14
C LEU D 207 -5.94 -24.22 4.06
N MET D 208 -7.13 -24.76 4.21
CA MET D 208 -8.17 -24.65 3.20
C MET D 208 -8.84 -23.28 3.21
N SER D 209 -9.46 -22.97 2.09
CA SER D 209 -10.21 -21.74 1.92
C SER D 209 -11.15 -21.93 0.74
N ALA D 210 -12.26 -21.18 0.76
CA ALA D 210 -13.21 -21.16 -0.33
C ALA D 210 -13.87 -19.78 -0.34
N ALA D 211 -14.40 -19.38 -1.49
CA ALA D 211 -14.95 -18.04 -1.62
C ALA D 211 -15.83 -17.98 -2.85
N ILE D 212 -16.82 -17.10 -2.82
CA ILE D 212 -17.71 -16.91 -3.97
C ILE D 212 -18.18 -15.46 -4.00
N LYS D 213 -18.14 -14.85 -5.18
CA LYS D 213 -18.52 -13.45 -5.33
C LYS D 213 -18.72 -13.20 -6.81
N ASP D 214 -19.73 -12.41 -7.16
CA ASP D 214 -20.01 -12.07 -8.55
C ASP D 214 -20.25 -13.32 -9.40
N ASN D 215 -20.86 -14.33 -8.79
CA ASN D 215 -21.10 -15.65 -9.42
C ASN D 215 -19.83 -16.25 -10.04
N ARG D 216 -18.73 -16.18 -9.29
CA ARG D 216 -17.55 -16.97 -9.55
C ARG D 216 -17.10 -17.52 -8.21
N ALA D 217 -16.98 -18.83 -8.11
CA ALA D 217 -16.65 -19.47 -6.85
C ALA D 217 -15.26 -20.08 -6.95
N VAL D 218 -14.58 -20.16 -5.81
CA VAL D 218 -13.20 -20.59 -5.76
C VAL D 218 -13.01 -21.48 -4.55
N HIS D 219 -12.48 -22.68 -4.77
CA HIS D 219 -11.96 -23.53 -3.70
C HIS D 219 -10.45 -23.54 -3.82
N ALA D 220 -9.77 -23.27 -2.72
CA ALA D 220 -8.37 -22.91 -2.78
C ALA D 220 -7.62 -23.58 -1.65
N ASP D 221 -6.31 -23.67 -1.81
CA ASP D 221 -5.51 -24.54 -0.99
C ASP D 221 -4.08 -24.07 -1.15
N MET D 222 -3.18 -24.59 -0.32
CA MET D 222 -1.77 -24.28 -0.57
C MET D 222 -1.31 -24.80 -1.93
N GLY D 223 -2.02 -25.77 -2.50
CA GLY D 223 -1.63 -26.38 -3.77
C GLY D 223 -2.77 -26.59 -4.76
N TYR D 224 -4.01 -26.26 -4.41
CA TYR D 224 -5.13 -26.36 -5.34
C TYR D 224 -5.68 -24.98 -5.66
N TRP D 225 -6.35 -24.87 -6.80
CA TRP D 225 -7.10 -23.66 -7.11
C TRP D 225 -8.18 -24.02 -8.13
N ILE D 226 -9.41 -24.15 -7.67
CA ILE D 226 -10.53 -24.65 -8.47
C ILE D 226 -11.54 -23.53 -8.70
N GLU D 227 -11.75 -23.15 -9.95
CA GLU D 227 -12.66 -22.06 -10.28
C GLU D 227 -13.98 -22.60 -10.80
N SER D 228 -15.07 -22.10 -10.27
CA SER D 228 -16.40 -22.38 -10.80
C SER D 228 -17.03 -21.05 -11.18
N ALA D 229 -18.04 -21.11 -12.03
CA ALA D 229 -18.63 -19.87 -12.50
C ALA D 229 -20.02 -20.17 -13.04
N LEU D 230 -20.85 -19.12 -13.05
CA LEU D 230 -22.21 -19.19 -13.59
C LEU D 230 -22.19 -18.60 -15.01
N ASN D 231 -22.37 -19.46 -16.00
CA ASN D 231 -22.61 -19.07 -17.38
C ASN D 231 -23.73 -20.00 -17.85
N ASP D 232 -24.95 -19.48 -17.82
CA ASP D 232 -26.17 -20.25 -18.04
C ASP D 232 -26.41 -21.26 -16.89
N THR D 233 -25.41 -22.07 -16.55
CA THR D 233 -25.48 -22.97 -15.39
C THR D 233 -24.16 -22.89 -14.61
N TRP D 234 -24.20 -23.43 -13.38
CA TRP D 234 -23.04 -23.50 -12.52
C TRP D 234 -22.23 -24.74 -12.86
N LYS D 235 -20.96 -24.53 -13.19
CA LYS D 235 -20.11 -25.63 -13.58
C LYS D 235 -18.67 -25.25 -13.27
N ILE D 236 -17.82 -26.28 -13.18
CA ILE D 236 -16.40 -26.02 -13.00
C ILE D 236 -15.81 -25.50 -14.30
N GLU D 237 -14.88 -24.56 -14.19
CA GLU D 237 -14.30 -23.86 -15.33
C GLU D 237 -12.81 -24.07 -15.46
N LYS D 238 -12.07 -23.94 -14.37
CA LYS D 238 -10.61 -24.04 -14.36
C LYS D 238 -10.19 -24.73 -13.07
N ALA D 239 -9.08 -25.46 -13.10
CA ALA D 239 -8.55 -26.01 -11.87
C ALA D 239 -7.04 -26.16 -11.99
N SER D 240 -6.30 -25.58 -11.07
CA SER D 240 -4.85 -25.55 -11.13
C SER D 240 -4.28 -26.36 -9.97
N PHE D 241 -3.23 -27.12 -10.23
CA PHE D 241 -2.64 -27.99 -9.23
C PHE D 241 -1.13 -27.80 -9.25
N ILE D 242 -0.55 -27.61 -8.07
CA ILE D 242 0.88 -27.78 -7.84
C ILE D 242 1.20 -29.10 -7.14
N GLU D 243 0.24 -29.67 -6.43
CA GLU D 243 0.31 -30.99 -5.84
C GLU D 243 -0.93 -31.74 -6.32
N VAL D 244 -0.96 -33.05 -6.15
CA VAL D 244 -2.21 -33.79 -6.23
C VAL D 244 -2.23 -34.72 -5.03
N LYS D 245 -3.16 -34.52 -4.11
CA LYS D 245 -3.11 -35.20 -2.83
C LYS D 245 -4.20 -36.25 -2.71
N ASN D 246 -4.16 -36.97 -1.59
CA ASN D 246 -4.96 -38.17 -1.37
C ASN D 246 -5.77 -38.06 -0.09
N CYS D 247 -6.03 -36.83 0.36
CA CYS D 247 -6.88 -36.56 1.51
C CYS D 247 -8.26 -36.13 1.05
N HIS D 248 -9.16 -35.96 2.01
CA HIS D 248 -10.53 -35.54 1.73
C HIS D 248 -10.73 -34.08 2.08
N TRP D 249 -11.44 -33.37 1.19
CA TRP D 249 -11.72 -31.94 1.37
C TRP D 249 -12.90 -31.75 2.31
N PRO D 250 -12.73 -31.07 3.43
CA PRO D 250 -13.78 -31.07 4.47
C PRO D 250 -15.02 -30.29 4.02
N LYS D 251 -16.20 -30.88 4.22
CA LYS D 251 -17.41 -30.21 3.74
C LYS D 251 -17.60 -28.85 4.40
N SER D 252 -17.02 -28.66 5.60
CA SER D 252 -17.08 -27.37 6.28
C SER D 252 -16.44 -26.24 5.49
N HIS D 253 -15.46 -26.53 4.62
CA HIS D 253 -14.86 -25.49 3.79
C HIS D 253 -15.29 -25.61 2.34
N THR D 254 -16.54 -25.98 2.12
CA THR D 254 -17.03 -26.26 0.78
C THR D 254 -18.30 -25.49 0.51
N LEU D 255 -18.36 -24.82 -0.65
CA LEU D 255 -19.60 -24.20 -1.09
C LEU D 255 -20.48 -25.25 -1.77
N TRP D 256 -21.77 -25.19 -1.49
CA TRP D 256 -22.77 -25.98 -2.19
C TRP D 256 -22.47 -27.48 -2.05
N SER D 257 -22.31 -27.91 -0.81
CA SER D 257 -21.91 -29.26 -0.50
C SER D 257 -23.11 -30.20 -0.26
N ASN D 258 -24.31 -29.82 -0.66
CA ASN D 258 -25.47 -30.67 -0.46
C ASN D 258 -25.89 -31.33 -1.77
N GLY D 259 -26.50 -32.50 -1.66
CA GLY D 259 -27.00 -33.17 -2.86
C GLY D 259 -25.96 -33.44 -3.92
N VAL D 260 -24.74 -33.82 -3.53
CA VAL D 260 -23.66 -34.11 -4.48
C VAL D 260 -23.56 -35.61 -4.69
N LEU D 261 -23.42 -36.05 -5.94
CA LEU D 261 -23.06 -37.43 -6.24
C LEU D 261 -21.54 -37.51 -6.51
N GLU D 262 -20.84 -38.37 -5.77
CA GLU D 262 -19.39 -38.49 -6.00
C GLU D 262 -19.08 -38.94 -7.42
N SER D 263 -19.98 -39.69 -8.05
CA SER D 263 -19.81 -40.14 -9.43
C SER D 263 -19.89 -39.01 -10.44
N GLU D 264 -20.26 -37.79 -10.03
CA GLU D 264 -20.36 -36.62 -10.91
C GLU D 264 -19.29 -35.57 -10.60
N MET D 265 -18.58 -35.69 -9.49
CA MET D 265 -17.53 -34.73 -9.16
C MET D 265 -16.38 -34.82 -10.14
N ILE D 266 -16.08 -33.72 -10.85
CA ILE D 266 -15.00 -33.74 -11.83
C ILE D 266 -13.69 -34.11 -11.16
N ILE D 267 -13.29 -33.36 -10.14
CA ILE D 267 -12.13 -33.75 -9.35
C ILE D 267 -12.52 -34.75 -8.28
N PRO D 268 -11.99 -35.96 -8.27
CA PRO D 268 -12.54 -37.02 -7.41
C PRO D 268 -12.44 -36.69 -5.94
N LYS D 269 -13.42 -37.19 -5.18
CA LYS D 269 -13.39 -37.00 -3.74
C LYS D 269 -12.05 -37.46 -3.16
N ASN D 270 -11.51 -38.57 -3.70
CA ASN D 270 -10.30 -39.18 -3.17
C ASN D 270 -9.02 -38.41 -3.49
N LEU D 271 -9.08 -37.45 -4.40
CA LEU D 271 -7.95 -36.58 -4.73
C LEU D 271 -8.16 -35.18 -4.20
N ALA D 272 -8.73 -35.10 -3.00
CA ALA D 272 -9.07 -33.84 -2.32
C ALA D 272 -10.04 -33.01 -3.13
N GLY D 273 -10.83 -33.62 -4.00
CA GLY D 273 -11.85 -32.89 -4.70
C GLY D 273 -12.97 -32.47 -3.76
N PRO D 274 -13.41 -31.20 -3.85
CA PRO D 274 -14.48 -30.73 -2.96
C PRO D 274 -15.80 -31.35 -3.35
N VAL D 275 -16.48 -31.93 -2.37
CA VAL D 275 -17.76 -32.55 -2.65
C VAL D 275 -18.77 -31.42 -2.72
N SER D 276 -18.99 -30.91 -3.94
CA SER D 276 -19.71 -29.67 -4.20
C SER D 276 -20.28 -29.68 -5.60
N GLN D 277 -21.45 -29.08 -5.76
CA GLN D 277 -21.98 -28.90 -7.11
C GLN D 277 -21.21 -27.85 -7.90
N HIS D 278 -20.20 -27.21 -7.32
CA HIS D 278 -19.29 -26.41 -8.12
C HIS D 278 -18.30 -27.28 -8.86
N ASN D 279 -18.16 -28.53 -8.39
CA ASN D 279 -17.27 -29.54 -8.95
C ASN D 279 -17.94 -30.35 -10.04
N TYR D 280 -18.84 -29.75 -10.82
CA TYR D 280 -19.65 -30.45 -11.81
C TYR D 280 -19.32 -29.90 -13.18
N ARG D 281 -19.41 -30.75 -14.20
CA ARG D 281 -19.43 -30.20 -15.54
C ARG D 281 -20.43 -31.08 -16.26
N PRO D 282 -21.40 -30.48 -16.95
CA PRO D 282 -22.39 -31.28 -17.66
C PRO D 282 -21.72 -32.20 -18.69
N GLY D 283 -22.09 -33.48 -18.64
CA GLY D 283 -21.56 -34.46 -19.59
C GLY D 283 -20.23 -35.10 -19.23
N TYR D 284 -19.71 -34.88 -18.04
CA TYR D 284 -18.47 -35.49 -17.61
C TYR D 284 -18.70 -36.12 -16.23
N HIS D 285 -18.04 -37.24 -15.97
CA HIS D 285 -18.09 -37.80 -14.62
C HIS D 285 -16.72 -37.70 -13.99
N THR D 286 -16.58 -38.30 -12.80
CA THR D 286 -15.34 -38.22 -12.05
C THR D 286 -14.16 -38.50 -12.96
N GLN D 287 -13.13 -37.68 -12.85
CA GLN D 287 -11.92 -37.89 -13.65
C GLN D 287 -10.91 -38.73 -12.86
N ILE D 288 -11.33 -39.97 -12.56
CA ILE D 288 -10.47 -40.82 -11.74
C ILE D 288 -9.20 -41.19 -12.47
N THR D 289 -9.29 -41.49 -13.76
CA THR D 289 -8.11 -41.82 -14.54
C THR D 289 -7.66 -40.64 -15.41
N GLY D 290 -7.70 -39.43 -14.87
CA GLY D 290 -7.06 -38.31 -15.48
C GLY D 290 -5.56 -38.40 -15.32
N PRO D 291 -4.82 -37.43 -15.92
CA PRO D 291 -3.34 -37.44 -15.88
C PRO D 291 -2.75 -36.98 -14.54
N TRP D 292 -3.29 -37.51 -13.46
CA TRP D 292 -2.88 -37.10 -12.11
C TRP D 292 -1.43 -37.43 -11.80
N HIS D 293 -0.85 -38.39 -12.51
CA HIS D 293 0.57 -38.69 -12.31
C HIS D 293 1.46 -37.50 -12.65
N LEU D 294 0.97 -36.52 -13.43
CA LEU D 294 1.81 -35.38 -13.75
C LEU D 294 2.23 -34.67 -12.48
N GLY D 295 1.42 -34.74 -11.43
CA GLY D 295 1.68 -34.08 -10.16
C GLY D 295 1.34 -32.62 -10.17
N LYS D 296 1.88 -31.87 -11.13
CA LYS D 296 1.57 -30.46 -11.35
C LYS D 296 0.90 -30.32 -12.71
N LEU D 297 -0.29 -29.74 -12.74
CA LEU D 297 -1.03 -29.62 -14.00
C LEU D 297 -2.07 -28.50 -13.90
N GLU D 298 -2.65 -28.19 -15.07
CA GLU D 298 -3.53 -27.06 -15.27
C GLU D 298 -4.73 -27.48 -16.11
N MET D 299 -5.86 -27.71 -15.46
CA MET D 299 -7.08 -28.16 -16.12
C MET D 299 -7.99 -26.99 -16.45
N ASP D 300 -8.61 -27.05 -17.63
CA ASP D 300 -9.64 -26.09 -18.03
C ASP D 300 -10.50 -26.75 -19.09
N PHE D 301 -11.30 -25.95 -19.80
CA PHE D 301 -12.26 -26.47 -20.78
C PHE D 301 -12.09 -25.72 -22.09
N ASP D 302 -11.32 -26.33 -22.97
CA ASP D 302 -10.95 -25.73 -24.24
C ASP D 302 -10.24 -26.80 -25.05
N PHE D 303 -10.09 -26.53 -26.34
CA PHE D 303 -9.46 -27.50 -27.22
C PHE D 303 -7.95 -27.48 -27.04
N CYS D 304 -7.34 -28.66 -27.13
CA CYS D 304 -5.88 -28.76 -27.16
C CYS D 304 -5.34 -28.14 -28.43
N ASP D 305 -4.22 -27.44 -28.30
CA ASP D 305 -3.61 -26.79 -29.45
C ASP D 305 -3.51 -27.76 -30.61
N GLY D 306 -4.17 -27.44 -31.71
CA GLY D 306 -4.09 -28.23 -32.91
C GLY D 306 -5.06 -29.39 -33.02
N THR D 307 -6.02 -29.51 -32.12
CA THR D 307 -6.96 -30.63 -32.13
C THR D 307 -8.39 -30.13 -32.32
N THR D 308 -9.29 -31.07 -32.56
CA THR D 308 -10.72 -30.81 -32.67
C THR D 308 -11.45 -31.97 -32.04
N VAL D 309 -12.45 -31.66 -31.20
CA VAL D 309 -13.29 -32.66 -30.56
C VAL D 309 -14.70 -32.51 -31.09
N VAL D 310 -15.29 -33.62 -31.55
CA VAL D 310 -16.70 -33.61 -31.96
C VAL D 310 -17.46 -34.60 -31.11
N VAL D 311 -18.77 -34.35 -30.99
CA VAL D 311 -19.70 -35.22 -30.25
C VAL D 311 -20.32 -36.19 -31.25
N THR D 312 -20.04 -37.48 -31.07
CA THR D 312 -20.53 -38.57 -31.91
C THR D 312 -20.87 -39.78 -31.06
N GLU D 313 -21.96 -40.47 -31.38
CA GLU D 313 -22.22 -41.72 -30.68
C GLU D 313 -21.28 -42.85 -31.13
N ASP D 314 -20.58 -42.67 -32.26
CA ASP D 314 -19.60 -43.61 -32.77
C ASP D 314 -18.34 -43.68 -31.93
N CYS D 315 -18.15 -42.74 -31.02
CA CYS D 315 -16.88 -42.66 -30.36
C CYS D 315 -16.72 -43.81 -29.35
N GLY D 316 -15.46 -44.06 -28.97
CA GLY D 316 -15.17 -45.13 -28.02
C GLY D 316 -15.62 -44.72 -26.64
N ASN D 317 -15.82 -45.71 -25.75
CA ASN D 317 -16.29 -45.33 -24.42
C ASN D 317 -15.17 -44.67 -23.63
N ARG D 318 -15.51 -44.14 -22.46
CA ARG D 318 -14.51 -43.41 -21.69
C ARG D 318 -13.47 -44.38 -21.12
N GLY D 319 -12.21 -44.01 -21.24
CA GLY D 319 -11.12 -44.80 -20.73
C GLY D 319 -10.07 -43.91 -20.14
N PRO D 320 -8.89 -44.45 -19.85
CA PRO D 320 -7.84 -43.65 -19.22
C PRO D 320 -7.50 -42.43 -20.06
N SER D 321 -7.10 -41.36 -19.39
CA SER D 321 -6.87 -40.10 -20.10
C SER D 321 -5.70 -40.21 -21.09
N LEU D 322 -5.92 -39.75 -22.32
CA LEU D 322 -4.91 -39.82 -23.37
C LEU D 322 -4.29 -38.46 -23.63
N ARG D 323 -3.12 -38.47 -24.24
CA ARG D 323 -2.36 -37.27 -24.58
C ARG D 323 -2.46 -37.00 -26.07
N THR D 324 -2.37 -35.73 -26.47
CA THR D 324 -2.57 -35.38 -27.87
C THR D 324 -1.33 -35.63 -28.73
N THR D 325 -0.16 -35.73 -28.13
CA THR D 325 1.05 -36.05 -28.86
C THR D 325 1.47 -37.46 -28.50
N THR D 326 1.76 -38.26 -29.52
CA THR D 326 2.32 -39.57 -29.30
C THR D 326 3.74 -39.44 -28.74
N ALA D 327 4.30 -40.55 -28.25
CA ALA D 327 5.65 -40.47 -27.70
C ALA D 327 6.64 -39.89 -28.70
N SER D 328 6.45 -40.16 -29.98
CA SER D 328 7.38 -39.69 -31.01
C SER D 328 7.22 -38.23 -31.39
N GLY D 329 6.14 -37.58 -30.99
CA GLY D 329 5.87 -36.19 -31.29
C GLY D 329 4.78 -35.95 -32.33
N LYS D 330 4.25 -37.00 -32.94
CA LYS D 330 3.12 -36.82 -33.86
C LYS D 330 1.93 -36.30 -33.08
N LEU D 331 1.19 -35.37 -33.68
CA LEU D 331 -0.03 -34.83 -33.09
C LEU D 331 -1.24 -35.56 -33.65
N ILE D 332 -2.13 -36.00 -32.78
CA ILE D 332 -3.36 -36.65 -33.20
C ILE D 332 -4.43 -35.57 -33.26
N THR D 333 -4.92 -35.29 -34.46
CA THR D 333 -5.78 -34.13 -34.67
C THR D 333 -7.24 -34.38 -34.37
N GLU D 334 -7.77 -35.57 -34.61
CA GLU D 334 -9.21 -35.77 -34.54
C GLU D 334 -9.59 -36.58 -33.32
N TRP D 335 -10.40 -35.98 -32.46
CA TRP D 335 -10.90 -36.61 -31.25
C TRP D 335 -12.41 -36.52 -31.24
N CYS D 336 -13.02 -37.26 -30.31
CA CYS D 336 -14.48 -37.22 -30.15
C CYS D 336 -14.90 -37.68 -28.75
N CYS D 337 -16.21 -37.58 -28.50
CA CYS D 337 -16.85 -38.07 -27.28
C CYS D 337 -18.32 -38.36 -27.60
N ARG D 338 -18.92 -39.33 -26.91
CA ARG D 338 -20.29 -39.71 -27.23
C ARG D 338 -21.31 -38.73 -26.63
N SER D 339 -21.21 -38.43 -25.33
CA SER D 339 -22.22 -37.58 -24.73
C SER D 339 -21.61 -36.51 -23.83
N CYS D 340 -20.42 -36.04 -24.14
CA CYS D 340 -19.91 -34.92 -23.35
C CYS D 340 -20.39 -33.60 -23.95
N THR D 341 -20.09 -32.48 -23.28
CA THR D 341 -20.49 -31.15 -23.75
C THR D 341 -19.26 -30.29 -23.99
N LEU D 342 -19.19 -29.67 -25.16
CA LEU D 342 -18.06 -28.88 -25.56
C LEU D 342 -18.10 -27.53 -24.84
N PRO D 343 -16.93 -26.91 -24.56
CA PRO D 343 -15.55 -27.27 -24.87
C PRO D 343 -15.03 -28.50 -24.13
N PRO D 344 -14.05 -29.18 -24.69
CA PRO D 344 -13.60 -30.43 -24.09
C PRO D 344 -12.82 -30.17 -22.81
N LEU D 345 -12.96 -31.09 -21.87
CA LEU D 345 -12.15 -31.04 -20.67
C LEU D 345 -10.72 -31.33 -21.06
N ARG D 346 -9.80 -30.42 -20.79
CA ARG D 346 -8.41 -30.68 -21.17
C ARG D 346 -7.49 -30.40 -20.00
N TYR D 347 -6.42 -31.21 -19.89
CA TYR D 347 -5.39 -31.00 -18.89
C TYR D 347 -4.10 -30.60 -19.59
N ARG D 348 -3.26 -29.82 -18.92
CA ARG D 348 -1.99 -29.43 -19.51
C ARG D 348 -0.89 -29.49 -18.47
N GLY D 349 0.17 -30.18 -18.82
CA GLY D 349 1.20 -30.46 -17.86
C GLY D 349 2.55 -30.25 -18.46
N GLU D 350 3.55 -30.70 -17.73
CA GLU D 350 4.92 -30.50 -18.14
C GLU D 350 5.25 -31.21 -19.46
N ASP D 351 4.42 -32.17 -19.89
CA ASP D 351 4.71 -33.01 -21.05
C ASP D 351 3.63 -32.99 -22.12
N GLY D 352 2.86 -31.91 -22.22
CA GLY D 352 1.91 -31.77 -23.31
C GLY D 352 0.47 -31.62 -22.87
N CYS D 353 -0.43 -31.90 -23.81
CA CYS D 353 -1.87 -31.67 -23.68
C CYS D 353 -2.58 -33.01 -23.62
N TRP D 354 -3.45 -33.19 -22.64
CA TRP D 354 -4.26 -34.40 -22.50
C TRP D 354 -5.74 -34.06 -22.58
N TYR D 355 -6.58 -35.07 -22.73
CA TYR D 355 -8.02 -34.84 -22.78
C TYR D 355 -8.72 -35.59 -21.64
N GLY D 356 -9.90 -35.11 -21.28
CA GLY D 356 -10.67 -35.80 -20.28
C GLY D 356 -11.04 -37.20 -20.72
N MET D 357 -11.39 -38.02 -19.72
CA MET D 357 -11.63 -39.44 -19.92
C MET D 357 -12.60 -39.72 -21.04
N GLU D 358 -13.56 -38.84 -21.26
CA GLU D 358 -14.55 -39.14 -22.29
C GLU D 358 -14.08 -38.77 -23.69
N ILE D 359 -12.89 -38.20 -23.82
CA ILE D 359 -12.36 -37.81 -25.12
C ILE D 359 -11.43 -38.91 -25.61
N ARG D 360 -11.86 -39.60 -26.67
CA ARG D 360 -11.11 -40.66 -27.31
C ARG D 360 -10.74 -40.19 -28.72
N PRO D 361 -9.70 -40.76 -29.31
CA PRO D 361 -9.35 -40.39 -30.68
C PRO D 361 -10.41 -40.88 -31.65
N LEU D 362 -10.60 -40.12 -32.72
CA LEU D 362 -11.68 -40.43 -33.65
C LEU D 362 -11.32 -41.62 -34.53
N LYS D 363 -10.21 -41.52 -35.27
CA LYS D 363 -9.74 -42.56 -36.19
C LYS D 363 -8.58 -43.38 -35.64
N GLU D 364 -7.67 -42.75 -34.91
CA GLU D 364 -6.45 -43.40 -34.49
C GLU D 364 -6.74 -44.53 -33.52
N LYS D 365 -5.99 -45.63 -33.64
CA LYS D 365 -6.09 -46.70 -32.66
C LYS D 365 -5.46 -46.24 -31.37
N GLU D 366 -6.11 -46.53 -30.23
CA GLU D 366 -5.66 -45.93 -28.97
C GLU D 366 -4.25 -46.38 -28.55
N GLU D 367 -3.80 -47.57 -28.97
CA GLU D 367 -2.54 -48.12 -28.48
C GLU D 367 -1.33 -47.28 -28.86
N ASN D 368 -1.40 -46.54 -29.97
CA ASN D 368 -0.26 -45.70 -30.34
C ASN D 368 -0.13 -44.47 -29.45
N LEU D 369 -1.09 -44.24 -28.58
CA LEU D 369 -1.14 -43.02 -27.80
C LEU D 369 -0.61 -43.23 -26.39
N VAL D 370 -0.12 -42.15 -25.81
CA VAL D 370 0.32 -42.14 -24.43
C VAL D 370 -0.92 -42.04 -23.54
N ASN D 371 -1.01 -42.89 -22.53
CA ASN D 371 -2.11 -42.82 -21.57
C ASN D 371 -1.56 -42.85 -20.15
N SER D 372 -2.45 -42.73 -19.19
CA SER D 372 -2.06 -42.65 -17.79
C SER D 372 -2.35 -43.99 -17.11
N LEU D 373 -1.31 -44.73 -16.70
CA LEU D 373 -1.49 -45.90 -15.83
C LEU D 373 -0.22 -46.26 -15.06
N GLU E 4 48.66 -21.26 16.94
CA GLU E 4 47.80 -20.28 17.58
C GLU E 4 46.33 -20.59 17.33
N VAL E 5 46.01 -21.16 16.15
CA VAL E 5 44.63 -21.46 15.78
C VAL E 5 44.54 -22.86 15.18
N GLN E 6 43.48 -23.60 15.56
CA GLN E 6 43.29 -24.97 15.12
C GLN E 6 41.97 -25.14 14.37
N LEU E 7 42.04 -25.71 13.16
CA LEU E 7 40.91 -25.83 12.25
C LEU E 7 40.54 -27.30 12.04
N GLN E 8 39.25 -27.63 12.20
CA GLN E 8 38.80 -29.01 12.13
C GLN E 8 37.67 -29.14 11.11
N GLN E 9 37.99 -29.76 9.97
CA GLN E 9 37.00 -29.93 8.91
C GLN E 9 36.25 -31.25 9.03
N SER E 10 35.08 -31.29 8.43
CA SER E 10 34.24 -32.47 8.51
C SER E 10 34.79 -33.59 7.62
N GLY E 11 34.20 -34.78 7.78
CA GLY E 11 34.65 -35.97 7.10
C GLY E 11 34.30 -35.98 5.61
N PRO E 12 34.78 -36.99 4.88
CA PRO E 12 34.59 -37.01 3.42
C PRO E 12 33.15 -37.35 3.06
N GLU E 13 32.72 -36.84 1.90
CA GLU E 13 31.33 -36.90 1.46
C GLU E 13 31.25 -37.42 0.03
N LEU E 14 30.36 -38.38 -0.18
CA LEU E 14 30.07 -38.97 -1.49
C LEU E 14 28.61 -38.71 -1.84
N VAL E 15 28.39 -37.98 -2.93
CA VAL E 15 27.10 -37.39 -3.27
C VAL E 15 26.76 -37.77 -4.72
N LYS E 16 25.46 -37.69 -5.03
CA LYS E 16 24.79 -37.93 -6.30
C LYS E 16 24.65 -36.61 -7.07
N PRO E 17 24.94 -36.62 -8.37
CA PRO E 17 25.02 -35.36 -9.13
C PRO E 17 23.67 -34.65 -9.19
N GLY E 18 23.69 -33.34 -8.95
CA GLY E 18 22.50 -32.53 -8.91
C GLY E 18 22.03 -32.14 -7.51
N ALA E 19 22.43 -32.90 -6.49
CA ALA E 19 22.03 -32.61 -5.12
C ALA E 19 22.97 -31.57 -4.50
N SER E 20 22.73 -31.24 -3.24
CA SER E 20 23.51 -30.25 -2.51
C SER E 20 24.32 -30.95 -1.43
N VAL E 21 25.44 -30.32 -1.05
CA VAL E 21 26.30 -30.81 0.02
C VAL E 21 26.73 -29.63 0.85
N LYS E 22 26.86 -29.87 2.15
CA LYS E 22 27.24 -28.85 3.13
C LYS E 22 28.36 -29.40 4.00
N MET E 23 29.54 -28.77 3.94
CA MET E 23 30.65 -29.18 4.79
C MET E 23 30.99 -28.11 5.82
N SER E 24 31.62 -28.54 6.91
CA SER E 24 31.83 -27.67 8.06
C SER E 24 33.30 -27.59 8.44
N CYS E 25 33.63 -26.57 9.21
CA CYS E 25 34.97 -26.28 9.67
C CYS E 25 34.83 -25.60 11.02
N LYS E 26 35.43 -26.17 12.08
CA LYS E 26 35.32 -25.60 13.42
C LYS E 26 36.66 -25.04 13.84
N ALA E 27 36.67 -23.79 14.30
CA ALA E 27 37.89 -23.06 14.61
C ALA E 27 38.10 -22.92 16.12
N SER E 28 39.37 -22.95 16.54
CA SER E 28 39.75 -22.75 17.94
C SER E 28 40.91 -21.77 18.00
N GLY E 29 40.91 -20.88 19.00
CA GLY E 29 41.93 -19.85 19.09
C GLY E 29 41.68 -18.63 18.23
N CYS E 30 40.43 -18.43 17.82
CA CYS E 30 39.99 -17.31 17.03
C CYS E 30 39.66 -16.12 17.92
N THR E 31 39.70 -14.92 17.34
CA THR E 31 39.01 -13.76 17.88
C THR E 31 38.24 -13.10 16.74
N LEU E 32 37.42 -12.13 17.11
CA LEU E 32 36.63 -11.39 16.14
C LEU E 32 37.50 -10.82 15.02
N THR E 33 38.72 -10.37 15.36
CA THR E 33 39.55 -9.60 14.44
C THR E 33 40.31 -10.48 13.45
N ASN E 34 40.83 -11.62 13.88
CA ASN E 34 41.31 -12.63 12.93
C ASN E 34 40.13 -13.55 12.66
N CYS E 35 40.36 -14.82 12.34
CA CYS E 35 39.26 -15.79 12.21
C CYS E 35 38.43 -15.58 10.95
N PHE E 36 39.05 -15.19 9.86
CA PHE E 36 38.37 -15.17 8.58
C PHE E 36 38.58 -16.53 7.97
N MET E 37 37.52 -17.31 7.88
CA MET E 37 37.60 -18.67 7.41
C MET E 37 37.54 -18.68 5.89
N HIS E 38 38.68 -18.90 5.23
CA HIS E 38 38.73 -19.02 3.78
C HIS E 38 38.53 -20.47 3.34
N TRP E 39 38.04 -20.61 2.11
CA TRP E 39 37.78 -21.90 1.48
C TRP E 39 38.47 -21.95 0.13
N MET E 40 39.16 -23.07 -0.16
CA MET E 40 39.83 -23.29 -1.43
C MET E 40 39.55 -24.70 -1.95
N LYS E 41 39.57 -24.82 -3.28
CA LYS E 41 39.29 -26.04 -4.02
C LYS E 41 40.56 -26.51 -4.72
N GLN E 42 40.86 -27.81 -4.62
CA GLN E 42 42.06 -28.43 -5.22
C GLN E 42 41.70 -29.76 -5.87
N LYS E 43 41.57 -29.77 -7.21
CA LYS E 43 41.46 -31.01 -7.98
C LYS E 43 42.61 -31.95 -7.64
N PRO E 44 42.44 -33.28 -7.79
CA PRO E 44 43.56 -34.20 -7.51
C PRO E 44 44.85 -33.80 -8.22
N GLY E 45 45.83 -33.30 -7.46
CA GLY E 45 47.11 -32.85 -8.01
C GLY E 45 47.04 -31.66 -8.95
N GLN E 46 46.40 -30.58 -8.51
CA GLN E 46 46.15 -29.41 -9.34
C GLN E 46 46.45 -28.14 -8.55
N ASP E 47 46.31 -27.01 -9.25
CA ASP E 47 46.32 -25.68 -8.65
C ASP E 47 45.17 -25.56 -7.65
N LEU E 48 45.23 -24.53 -6.80
CA LEU E 48 44.17 -24.25 -5.82
C LEU E 48 43.35 -23.05 -6.26
N GLU E 49 42.02 -23.22 -6.27
CA GLU E 49 41.08 -22.12 -6.52
C GLU E 49 40.63 -21.54 -5.19
N TRP E 50 40.51 -20.22 -5.13
CA TRP E 50 40.00 -19.54 -3.95
C TRP E 50 38.50 -19.37 -4.10
N ILE E 51 37.73 -19.92 -3.16
CA ILE E 51 36.28 -19.81 -3.21
C ILE E 51 35.80 -18.53 -2.55
N GLY E 52 36.26 -18.26 -1.35
CA GLY E 52 35.84 -17.11 -0.58
C GLY E 52 36.12 -17.31 0.89
N TYR E 53 35.58 -16.41 1.69
CA TYR E 53 35.77 -16.50 3.14
C TYR E 53 34.48 -16.13 3.85
N ILE E 54 34.38 -16.56 5.11
CA ILE E 54 33.33 -16.09 5.99
C ILE E 54 33.87 -16.11 7.41
N ASN E 55 33.69 -14.99 8.12
CA ASN E 55 34.09 -14.86 9.51
C ASN E 55 32.87 -15.13 10.38
N PRO E 56 32.85 -16.20 11.18
CA PRO E 56 31.60 -16.54 11.89
C PRO E 56 31.17 -15.50 12.93
N TYR E 57 32.11 -14.81 13.61
CA TYR E 57 31.71 -13.81 14.59
C TYR E 57 31.04 -12.61 13.93
N ASN E 58 31.54 -12.18 12.77
CA ASN E 58 31.10 -11.02 12.01
C ASN E 58 29.96 -11.34 11.06
N ASP E 59 30.01 -12.51 10.44
CA ASP E 59 29.26 -12.86 9.24
C ASP E 59 29.62 -12.01 8.05
N MET E 60 30.81 -11.40 8.05
CA MET E 60 31.36 -10.84 6.84
C MET E 60 31.63 -11.97 5.87
N THR E 61 31.15 -11.85 4.64
CA THR E 61 31.41 -12.86 3.64
C THR E 61 31.91 -12.20 2.36
N LYS E 62 32.67 -12.98 1.59
CA LYS E 62 33.07 -12.60 0.25
C LYS E 62 33.23 -13.87 -0.58
N TYR E 63 32.79 -13.81 -1.84
CA TYR E 63 32.95 -14.91 -2.79
C TYR E 63 33.80 -14.43 -3.95
N SER E 64 34.59 -15.35 -4.52
CA SER E 64 35.20 -15.09 -5.81
C SER E 64 34.15 -15.28 -6.89
N GLU E 65 34.29 -14.51 -7.98
CA GLU E 65 33.19 -14.41 -8.95
C GLU E 65 32.76 -15.77 -9.48
N ASN E 66 33.71 -16.68 -9.73
CA ASN E 66 33.38 -17.96 -10.34
C ASN E 66 32.33 -18.72 -9.53
N PHE E 67 32.27 -18.50 -8.21
CA PHE E 67 31.51 -19.34 -7.30
C PHE E 67 30.23 -18.68 -6.77
N LYS E 68 29.79 -17.55 -7.32
CA LYS E 68 28.71 -16.82 -6.66
C LYS E 68 27.38 -17.56 -6.76
N GLY E 69 27.11 -18.22 -7.88
CA GLY E 69 25.93 -19.06 -7.93
C GLY E 69 26.13 -20.41 -7.31
N LYS E 70 27.39 -20.83 -7.18
CA LYS E 70 27.77 -22.17 -6.78
C LYS E 70 27.89 -22.36 -5.28
N ALA E 71 28.59 -21.46 -4.60
CA ALA E 71 28.87 -21.61 -3.20
C ALA E 71 27.98 -20.69 -2.37
N THR E 72 27.59 -21.17 -1.19
CA THR E 72 26.92 -20.37 -0.18
C THR E 72 27.65 -20.59 1.15
N LEU E 73 28.14 -19.50 1.73
CA LEU E 73 28.85 -19.53 3.00
C LEU E 73 27.89 -19.07 4.12
N THR E 74 27.81 -19.87 5.19
CA THR E 74 26.96 -19.60 6.35
C THR E 74 27.78 -19.85 7.61
N SER E 75 27.24 -19.51 8.76
CA SER E 75 28.06 -19.54 9.97
C SER E 75 27.22 -19.95 11.18
N ASP E 76 27.92 -20.21 12.28
CA ASP E 76 27.33 -20.37 13.60
C ASP E 76 28.29 -19.72 14.59
N LYS E 77 27.95 -18.49 15.05
CA LYS E 77 28.81 -17.75 15.99
C LYS E 77 29.08 -18.55 17.25
N SER E 78 28.08 -19.32 17.69
CA SER E 78 28.13 -20.02 18.97
C SER E 78 29.31 -21.00 19.02
N SER E 79 29.35 -21.96 18.10
CA SER E 79 30.46 -22.89 17.99
C SER E 79 31.66 -22.32 17.22
N SER E 80 31.51 -21.15 16.63
CA SER E 80 32.46 -20.59 15.65
C SER E 80 32.81 -21.65 14.58
N THR E 81 31.77 -21.99 13.82
CA THR E 81 31.83 -22.99 12.77
C THR E 81 31.36 -22.37 11.47
N ALA E 82 32.09 -22.61 10.39
CA ALA E 82 31.70 -22.20 9.05
C ALA E 82 31.15 -23.39 8.30
N PHE E 83 30.14 -23.15 7.47
CA PHE E 83 29.53 -24.16 6.61
C PHE E 83 29.64 -23.69 5.17
N MET E 84 29.88 -24.61 4.24
CA MET E 84 29.87 -24.30 2.82
C MET E 84 28.90 -25.23 2.09
N GLU E 85 28.02 -24.63 1.29
CA GLU E 85 27.04 -25.37 0.49
C GLU E 85 27.35 -25.17 -0.99
N LEU E 86 27.18 -26.22 -1.79
CA LEU E 86 27.70 -26.23 -3.16
C LEU E 86 26.65 -26.50 -4.23
N SER E 87 25.47 -25.89 -4.10
CA SER E 87 24.46 -25.81 -5.18
C SER E 87 24.29 -27.08 -6.01
N SER E 88 24.12 -26.92 -7.32
CA SER E 88 23.93 -28.06 -8.23
C SER E 88 25.28 -28.68 -8.57
N LEU E 89 25.43 -29.98 -8.32
CA LEU E 89 26.72 -30.63 -8.38
C LEU E 89 26.95 -31.33 -9.71
N THR E 90 28.13 -31.11 -10.30
CA THR E 90 28.64 -31.80 -11.48
C THR E 90 29.96 -32.50 -11.15
N SER E 91 30.45 -33.31 -12.09
CA SER E 91 31.72 -34.00 -11.87
C SER E 91 32.91 -33.02 -11.82
N GLU E 92 32.75 -31.80 -12.30
CA GLU E 92 33.77 -30.76 -12.11
C GLU E 92 33.90 -30.30 -10.67
N ASP E 93 32.97 -30.66 -9.81
CA ASP E 93 33.04 -30.27 -8.42
C ASP E 93 33.76 -31.29 -7.55
N SER E 94 34.17 -32.43 -8.11
CA SER E 94 34.93 -33.39 -7.34
C SER E 94 36.32 -32.84 -7.07
N ALA E 95 36.67 -32.68 -5.79
CA ALA E 95 37.99 -32.18 -5.41
C ALA E 95 38.16 -32.36 -3.90
N VAL E 96 39.36 -32.04 -3.43
CA VAL E 96 39.63 -31.84 -2.01
C VAL E 96 39.41 -30.35 -1.71
N TYR E 97 38.55 -30.06 -0.72
CA TYR E 97 38.16 -28.70 -0.34
C TYR E 97 38.78 -28.37 1.01
N TYR E 98 39.69 -27.40 1.04
CA TYR E 98 40.41 -27.03 2.24
C TYR E 98 39.80 -25.79 2.89
N CYS E 99 39.77 -25.77 4.23
CA CYS E 99 39.37 -24.61 5.01
C CYS E 99 40.60 -24.15 5.75
N ALA E 100 40.98 -22.90 5.53
CA ALA E 100 42.16 -22.33 6.16
C ALA E 100 41.77 -21.00 6.77
N ARG E 101 42.46 -20.60 7.84
CA ARG E 101 42.24 -19.29 8.43
C ARG E 101 43.08 -18.24 7.73
N GLY E 102 42.46 -17.10 7.45
CA GLY E 102 43.12 -16.01 6.78
C GLY E 102 42.62 -14.69 7.33
N TYR E 103 42.86 -13.63 6.59
CA TYR E 103 42.48 -12.31 7.05
C TYR E 103 41.79 -11.60 5.90
N LEU E 104 41.63 -10.28 6.02
CA LEU E 104 41.04 -9.50 4.95
C LEU E 104 42.03 -9.28 3.81
N LEU E 105 41.81 -8.29 2.95
CA LEU E 105 42.45 -8.27 1.64
C LEU E 105 43.96 -8.14 1.74
N ARG E 106 44.53 -6.98 1.98
CA ARG E 106 46.00 -6.97 1.93
C ARG E 106 46.52 -7.26 3.34
N THR E 107 46.29 -8.49 3.80
CA THR E 107 46.54 -8.86 5.20
C THR E 107 46.91 -10.31 5.34
N GLY E 108 48.03 -10.56 6.03
CA GLY E 108 48.44 -11.89 6.43
C GLY E 108 48.51 -12.90 5.30
N CYS E 109 48.55 -14.18 5.69
CA CYS E 109 48.62 -15.32 4.80
C CYS E 109 47.70 -16.38 5.40
N PHE E 110 47.69 -17.56 4.82
CA PHE E 110 46.91 -18.65 5.40
C PHE E 110 47.78 -19.35 6.46
N ASP E 111 47.89 -18.69 7.62
CA ASP E 111 48.56 -19.18 8.84
C ASP E 111 48.39 -20.66 9.15
N TYR E 112 47.16 -21.07 9.43
CA TYR E 112 46.87 -22.41 9.92
C TYR E 112 45.80 -23.02 9.03
N TRP E 113 45.85 -24.36 8.86
CA TRP E 113 45.02 -25.04 7.85
C TRP E 113 44.21 -26.21 8.41
N GLY E 114 43.02 -26.39 7.86
CA GLY E 114 42.25 -27.58 8.14
C GLY E 114 42.80 -28.77 7.38
N GLN E 115 42.35 -29.96 7.80
CA GLN E 115 42.89 -31.19 7.25
C GLN E 115 42.34 -31.55 5.88
N GLY E 116 41.22 -30.99 5.47
CA GLY E 116 40.68 -31.24 4.15
C GLY E 116 39.48 -32.18 4.17
N THR E 117 38.49 -31.88 3.31
CA THR E 117 37.31 -32.72 3.12
C THR E 117 37.25 -33.13 1.65
N THR E 118 37.23 -34.45 1.42
CA THR E 118 37.36 -35.01 0.07
C THR E 118 35.98 -35.25 -0.53
N LEU E 119 35.65 -34.52 -1.60
CA LEU E 119 34.34 -34.61 -2.23
C LEU E 119 34.41 -35.37 -3.55
N THR E 120 33.61 -36.43 -3.67
CA THR E 120 33.52 -37.21 -4.90
C THR E 120 32.09 -37.15 -5.46
N VAL E 121 31.94 -36.67 -6.69
CA VAL E 121 30.68 -36.67 -7.41
C VAL E 121 30.71 -37.82 -8.39
N SER E 122 29.90 -38.85 -8.11
CA SER E 122 29.91 -40.08 -8.90
C SER E 122 28.55 -40.74 -8.82
N SER E 123 28.35 -41.74 -9.68
CA SER E 123 27.19 -42.65 -9.75
C SER E 123 27.49 -43.81 -10.69
N GLY E 139 43.24 -6.25 -17.64
CA GLY E 139 42.18 -5.70 -16.81
C GLY E 139 41.30 -6.77 -16.19
N GLY E 140 41.90 -7.56 -15.29
CA GLY E 140 41.22 -8.70 -14.69
C GLY E 140 41.90 -9.24 -13.43
N ASN E 141 41.83 -10.57 -13.25
CA ASN E 141 42.46 -11.25 -12.12
C ASN E 141 43.98 -11.14 -12.20
N ILE E 142 44.62 -11.20 -11.03
CA ILE E 142 46.08 -11.32 -10.97
C ILE E 142 46.44 -12.79 -11.16
N VAL E 143 47.19 -13.08 -12.23
CA VAL E 143 47.59 -14.44 -12.56
C VAL E 143 49.04 -14.64 -12.12
N LEU E 144 49.27 -15.71 -11.38
CA LEU E 144 50.60 -16.10 -10.96
C LEU E 144 51.08 -17.25 -11.85
N THR E 145 52.22 -17.08 -12.50
CA THR E 145 52.82 -18.15 -13.31
C THR E 145 54.10 -18.60 -12.60
N GLN E 146 54.18 -19.89 -12.28
CA GLN E 146 55.34 -20.45 -11.60
C GLN E 146 56.29 -21.11 -12.58
N SER E 147 57.60 -21.00 -12.29
CA SER E 147 58.63 -21.65 -13.14
C SER E 147 59.78 -22.20 -12.30
N PRO E 148 60.19 -23.44 -12.52
CA PRO E 148 59.61 -24.35 -13.52
C PRO E 148 58.40 -25.14 -13.01
N ALA E 149 57.80 -25.93 -13.90
CA ALA E 149 56.67 -26.77 -13.49
C ALA E 149 57.16 -27.95 -12.64
N SER E 150 58.30 -28.50 -12.98
CA SER E 150 58.95 -29.49 -12.15
C SER E 150 60.45 -29.24 -12.14
N LEU E 151 61.10 -29.65 -11.07
CA LEU E 151 62.50 -29.34 -10.87
C LEU E 151 63.09 -30.45 -10.00
N ALA E 152 64.17 -31.06 -10.47
CA ALA E 152 64.85 -32.15 -9.75
C ALA E 152 66.24 -31.70 -9.31
N VAL E 153 66.61 -32.03 -8.07
CA VAL E 153 67.82 -31.49 -7.45
C VAL E 153 68.34 -32.49 -6.41
N SER E 154 69.65 -32.41 -6.12
CA SER E 154 70.33 -33.30 -5.18
C SER E 154 70.44 -32.65 -3.80
N LEU E 155 70.70 -33.47 -2.78
CA LEU E 155 70.99 -32.90 -1.47
C LEU E 155 72.17 -31.95 -1.55
N GLY E 156 72.08 -30.87 -0.79
CA GLY E 156 73.10 -29.86 -0.74
C GLY E 156 73.02 -28.83 -1.83
N GLN E 157 72.24 -29.04 -2.89
CA GLN E 157 72.25 -28.02 -3.93
C GLN E 157 71.33 -26.87 -3.55
N ARG E 158 71.17 -25.92 -4.46
CA ARG E 158 70.30 -24.77 -4.26
C ARG E 158 69.15 -24.94 -5.23
N ALA E 159 67.94 -24.96 -4.70
CA ALA E 159 66.75 -25.02 -5.53
C ALA E 159 66.12 -23.64 -5.59
N THR E 160 65.79 -23.19 -6.79
CA THR E 160 65.24 -21.87 -7.04
C THR E 160 63.94 -22.02 -7.81
N ILE E 161 62.85 -21.53 -7.22
CA ILE E 161 61.53 -21.50 -7.83
C ILE E 161 61.11 -20.05 -7.96
N SER E 162 60.56 -19.67 -9.12
CA SER E 162 60.16 -18.28 -9.33
C SER E 162 58.68 -18.18 -9.62
N CYS E 163 58.13 -17.00 -9.31
CA CYS E 163 56.71 -16.69 -9.42
C CYS E 163 56.56 -15.33 -10.08
N ARG E 164 55.90 -15.29 -11.23
CA ARG E 164 55.61 -14.05 -11.94
C ARG E 164 54.13 -13.70 -11.76
N ALA E 165 53.86 -12.47 -11.33
CA ALA E 165 52.51 -11.95 -11.26
C ALA E 165 52.27 -11.06 -12.46
N SER E 166 51.09 -11.18 -13.07
CA SER E 166 50.79 -10.39 -14.25
C SER E 166 50.65 -8.91 -13.93
N GLU E 167 50.42 -8.58 -12.66
CA GLU E 167 50.28 -7.22 -12.16
C GLU E 167 50.83 -7.13 -10.75
N SER E 168 51.30 -5.94 -10.38
CA SER E 168 51.98 -5.76 -9.10
C SER E 168 51.15 -6.30 -7.96
N VAL E 169 51.79 -7.00 -7.04
CA VAL E 169 51.10 -7.50 -5.84
C VAL E 169 51.59 -6.71 -4.63
N ASP E 170 52.03 -5.48 -4.87
CA ASP E 170 52.54 -4.61 -3.83
C ASP E 170 51.50 -3.57 -3.44
N SER E 171 51.39 -3.32 -2.13
CA SER E 171 50.58 -2.26 -1.56
C SER E 171 51.19 -1.83 -0.23
N TYR E 172 51.19 -0.52 0.02
CA TYR E 172 51.66 0.05 1.27
C TYR E 172 53.13 -0.25 1.57
N GLY E 173 53.93 -0.57 0.55
CA GLY E 173 55.33 -0.88 0.78
C GLY E 173 55.61 -2.31 1.16
N TYR E 174 54.61 -3.17 1.12
CA TYR E 174 54.74 -4.60 1.31
C TYR E 174 54.43 -5.33 0.01
N SER E 175 54.92 -6.56 -0.09
CA SER E 175 54.62 -7.46 -1.20
C SER E 175 53.68 -8.53 -0.66
N PHE E 176 52.44 -8.54 -1.15
CA PHE E 176 51.45 -9.47 -0.61
C PHE E 176 51.52 -10.76 -1.42
N MET E 177 52.58 -11.51 -1.12
CA MET E 177 53.05 -12.69 -1.84
C MET E 177 53.53 -13.71 -0.83
N HIS E 178 53.12 -14.96 -0.99
CA HIS E 178 53.46 -15.98 -0.01
C HIS E 178 53.76 -17.28 -0.72
N TRP E 179 54.51 -18.14 -0.03
CA TRP E 179 54.96 -19.43 -0.54
C TRP E 179 54.50 -20.52 0.41
N TYR E 180 53.94 -21.59 -0.14
CA TYR E 180 53.49 -22.72 0.66
C TYR E 180 54.13 -24.01 0.14
N GLN E 181 54.37 -24.96 1.05
CA GLN E 181 54.85 -26.29 0.73
C GLN E 181 53.76 -27.33 1.02
N GLN E 182 53.54 -28.27 0.10
CA GLN E 182 52.49 -29.27 0.26
C GLN E 182 53.01 -30.66 -0.12
N LYS E 183 53.20 -31.52 0.90
CA LYS E 183 53.42 -32.95 0.74
C LYS E 183 52.12 -33.64 0.27
N PRO E 184 52.21 -34.81 -0.38
CA PRO E 184 50.99 -35.46 -0.90
C PRO E 184 50.02 -35.87 0.20
N GLY E 185 48.74 -35.65 -0.04
CA GLY E 185 47.77 -36.05 0.97
C GLY E 185 47.83 -35.21 2.24
N GLN E 186 48.03 -33.90 2.11
CA GLN E 186 48.20 -33.05 3.28
C GLN E 186 47.87 -31.63 2.92
N PRO E 187 47.44 -30.82 3.90
CA PRO E 187 47.21 -29.40 3.63
C PRO E 187 48.55 -28.68 3.46
N PRO E 188 48.56 -27.57 2.73
CA PRO E 188 49.77 -26.74 2.65
C PRO E 188 50.25 -26.23 4.01
N LYS E 189 51.49 -25.77 4.01
CA LYS E 189 52.15 -25.19 5.17
C LYS E 189 52.75 -23.85 4.73
N VAL E 190 52.79 -22.87 5.61
CA VAL E 190 53.35 -21.58 5.22
C VAL E 190 54.85 -21.68 5.36
N LEU E 191 55.56 -21.14 4.38
CA LEU E 191 57.02 -21.02 4.47
C LEU E 191 57.45 -19.56 4.53
N ILE E 192 57.09 -18.79 3.51
CA ILE E 192 57.45 -17.40 3.40
C ILE E 192 56.17 -16.61 3.32
N TYR E 193 56.08 -15.54 4.10
CA TYR E 193 54.94 -14.64 4.04
C TYR E 193 55.47 -13.25 3.73
N LEU E 194 54.72 -12.53 2.91
CA LEU E 194 55.05 -11.16 2.54
C LEU E 194 56.36 -11.15 1.77
N ALA E 195 56.52 -12.14 0.89
CA ALA E 195 57.61 -12.21 -0.06
C ALA E 195 58.91 -12.66 0.58
N SER E 196 59.18 -12.28 1.84
CA SER E 196 60.51 -12.51 2.39
C SER E 196 60.55 -12.84 3.87
N ASN E 197 59.45 -13.11 4.53
CA ASN E 197 59.51 -13.35 5.96
C ASN E 197 59.44 -14.84 6.23
N LEU E 198 60.34 -15.32 7.08
CA LEU E 198 60.42 -16.73 7.37
C LEU E 198 59.42 -17.08 8.46
N GLU E 199 58.38 -17.83 8.09
CA GLU E 199 57.37 -18.25 9.04
C GLU E 199 58.02 -18.97 10.21
N SER E 200 57.52 -18.66 11.41
CA SER E 200 58.10 -19.24 12.62
C SER E 200 58.02 -20.75 12.58
N GLY E 201 59.14 -21.39 12.93
CA GLY E 201 59.28 -22.84 12.95
C GLY E 201 59.69 -23.46 11.64
N VAL E 202 59.93 -22.67 10.60
CA VAL E 202 60.37 -23.15 9.29
C VAL E 202 61.89 -23.03 9.24
N PRO E 203 62.61 -24.05 8.78
CA PRO E 203 64.09 -23.98 8.82
C PRO E 203 64.64 -22.88 7.94
N ALA E 204 65.77 -22.30 8.35
CA ALA E 204 66.29 -21.10 7.69
C ALA E 204 66.75 -21.35 6.27
N ARG E 205 66.82 -22.61 5.84
CA ARG E 205 67.24 -22.92 4.47
C ARG E 205 66.25 -22.41 3.44
N PHE E 206 64.99 -22.16 3.82
CA PHE E 206 64.02 -21.53 2.94
C PHE E 206 64.20 -20.02 2.96
N SER E 207 64.09 -19.39 1.80
CA SER E 207 64.14 -17.93 1.77
C SER E 207 63.34 -17.45 0.57
N GLY E 208 62.79 -16.26 0.67
CA GLY E 208 62.10 -15.65 -0.44
C GLY E 208 62.58 -14.22 -0.67
N SER E 209 62.46 -13.78 -1.91
CA SER E 209 62.82 -12.41 -2.22
C SER E 209 62.06 -12.01 -3.47
N GLY E 210 62.15 -10.72 -3.77
CA GLY E 210 61.49 -10.13 -4.92
C GLY E 210 60.58 -8.99 -4.50
N SER E 211 60.00 -8.36 -5.52
CA SER E 211 59.11 -7.23 -5.32
C SER E 211 58.25 -7.07 -6.56
N ARG E 212 57.23 -6.20 -6.45
CA ARG E 212 56.36 -5.83 -7.57
C ARG E 212 55.71 -7.07 -8.19
N THR E 213 56.28 -7.57 -9.29
CA THR E 213 55.74 -8.70 -10.04
C THR E 213 56.65 -9.93 -10.09
N ASP E 214 57.85 -9.88 -9.51
CA ASP E 214 58.84 -10.93 -9.71
C ASP E 214 59.34 -11.44 -8.37
N PHE E 215 59.09 -12.70 -8.05
CA PHE E 215 59.49 -13.27 -6.77
C PHE E 215 60.20 -14.60 -6.96
N THR E 216 61.08 -14.96 -6.02
CA THR E 216 61.83 -16.21 -6.10
C THR E 216 61.92 -16.86 -4.73
N LEU E 217 61.55 -18.14 -4.67
CA LEU E 217 61.77 -18.98 -3.49
C LEU E 217 63.08 -19.76 -3.66
N THR E 218 63.83 -19.88 -2.59
CA THR E 218 65.14 -20.50 -2.63
C THR E 218 65.28 -21.46 -1.46
N ILE E 219 65.70 -22.69 -1.74
CA ILE E 219 66.01 -23.66 -0.69
C ILE E 219 67.50 -23.94 -0.74
N ASP E 220 68.22 -23.62 0.33
CA ASP E 220 69.67 -23.81 0.28
C ASP E 220 70.29 -24.05 1.66
N PRO E 221 70.76 -25.29 1.93
CA PRO E 221 70.76 -26.42 0.97
C PRO E 221 69.51 -27.31 1.00
N VAL E 222 69.02 -27.74 -0.17
CA VAL E 222 67.87 -28.64 -0.21
C VAL E 222 68.20 -29.93 0.52
N GLU E 223 67.20 -30.56 1.12
CA GLU E 223 67.46 -31.79 1.86
C GLU E 223 66.39 -32.84 1.63
N ALA E 224 66.66 -34.00 2.24
CA ALA E 224 65.89 -35.22 2.00
C ALA E 224 64.41 -35.02 2.21
N ASP E 225 64.07 -34.17 3.18
CA ASP E 225 62.70 -33.90 3.58
C ASP E 225 61.94 -33.00 2.61
N ASP E 226 62.64 -32.24 1.78
CA ASP E 226 62.05 -31.09 1.10
C ASP E 226 61.33 -31.42 -0.20
N ALA E 227 61.12 -32.71 -0.49
CA ALA E 227 60.39 -33.12 -1.69
C ALA E 227 58.88 -32.91 -1.50
N ALA E 228 58.33 -31.93 -2.22
CA ALA E 228 56.92 -31.56 -2.13
C ALA E 228 56.60 -30.68 -3.34
N THR E 229 55.39 -30.10 -3.35
CA THR E 229 55.01 -29.14 -4.37
C THR E 229 54.88 -27.75 -3.75
N TYR E 230 55.39 -26.74 -4.44
CA TYR E 230 55.56 -25.42 -3.88
C TYR E 230 54.69 -24.44 -4.66
N TYR E 231 53.86 -23.68 -3.93
CA TYR E 231 52.88 -22.78 -4.50
C TYR E 231 53.19 -21.36 -4.05
N CYS E 232 53.05 -20.43 -4.98
CA CYS E 232 53.01 -19.03 -4.59
C CYS E 232 51.55 -18.59 -4.59
N GLN E 233 51.25 -17.60 -3.74
CA GLN E 233 49.90 -17.10 -3.62
C GLN E 233 49.98 -15.62 -3.31
N GLN E 234 48.99 -14.86 -3.80
CA GLN E 234 48.91 -13.44 -3.53
C GLN E 234 47.56 -13.10 -2.90
N ASN E 235 47.57 -12.03 -2.10
CA ASN E 235 46.36 -11.42 -1.59
C ASN E 235 46.50 -9.91 -1.67
N ASN E 236 46.97 -9.41 -2.82
CA ASN E 236 46.99 -7.97 -3.00
C ASN E 236 45.64 -7.48 -3.49
N GLU E 237 44.89 -8.31 -4.20
CA GLU E 237 43.58 -7.90 -4.69
C GLU E 237 42.67 -9.12 -4.84
N ASN E 238 41.33 -8.90 -4.65
CA ASN E 238 40.39 -9.99 -4.87
C ASN E 238 40.17 -10.18 -6.36
N PRO E 239 40.12 -11.44 -6.84
CA PRO E 239 40.20 -12.67 -6.07
C PRO E 239 41.62 -13.12 -5.72
N LEU E 240 41.77 -13.84 -4.62
CA LEU E 240 43.04 -14.48 -4.29
C LEU E 240 43.36 -15.60 -5.27
N THR E 241 44.60 -15.65 -5.75
CA THR E 241 44.99 -16.62 -6.76
C THR E 241 46.29 -17.30 -6.36
N PHE E 242 46.48 -18.49 -6.91
CA PHE E 242 47.67 -19.29 -6.64
C PHE E 242 48.45 -19.52 -7.92
N GLY E 243 49.68 -19.98 -7.74
CA GLY E 243 50.48 -20.48 -8.84
C GLY E 243 50.06 -21.86 -9.24
N ALA E 244 50.65 -22.31 -10.35
CA ALA E 244 50.40 -23.65 -10.85
C ALA E 244 51.08 -24.72 -10.01
N GLY E 245 52.05 -24.34 -9.20
CA GLY E 245 52.81 -25.30 -8.42
C GLY E 245 54.15 -25.61 -9.07
N THR E 246 55.11 -26.00 -8.24
CA THR E 246 56.39 -26.51 -8.71
C THR E 246 56.65 -27.80 -7.97
N LYS E 247 56.72 -28.89 -8.71
CA LYS E 247 56.96 -30.20 -8.14
C LYS E 247 58.47 -30.37 -7.99
N LEU E 248 58.96 -30.36 -6.74
CA LEU E 248 60.39 -30.49 -6.44
C LEU E 248 60.67 -31.91 -5.98
N GLU E 249 61.65 -32.54 -6.63
CA GLU E 249 61.96 -33.97 -6.49
C GLU E 249 63.48 -34.16 -6.37
N LEU E 250 63.89 -35.17 -5.58
CA LEU E 250 65.30 -35.47 -5.32
C LEU E 250 65.93 -36.51 -6.25
N LYS E 251 67.21 -36.31 -6.55
CA LYS E 251 67.96 -37.11 -7.54
C LYS E 251 68.47 -38.47 -7.01
N GLU F 4 -27.05 41.84 -18.42
CA GLU F 4 -25.76 41.45 -19.01
C GLU F 4 -25.54 39.93 -19.02
N VAL F 5 -26.05 39.24 -17.99
CA VAL F 5 -25.92 37.80 -17.83
C VAL F 5 -27.30 37.22 -17.55
N GLN F 6 -27.60 36.09 -18.19
CA GLN F 6 -28.90 35.43 -18.13
C GLN F 6 -28.78 34.05 -17.54
N LEU F 7 -29.55 33.79 -16.50
CA LEU F 7 -29.46 32.55 -15.74
C LEU F 7 -30.74 31.76 -15.93
N GLN F 8 -30.59 30.49 -16.31
CA GLN F 8 -31.74 29.65 -16.66
C GLN F 8 -31.70 28.37 -15.82
N GLN F 9 -32.54 28.31 -14.79
CA GLN F 9 -32.59 27.16 -13.89
C GLN F 9 -33.61 26.14 -14.37
N SER F 10 -33.41 24.89 -13.94
CA SER F 10 -34.25 23.77 -14.38
C SER F 10 -35.63 23.85 -13.71
N GLY F 11 -36.54 22.97 -14.17
CA GLY F 11 -37.91 22.98 -13.73
C GLY F 11 -38.08 22.49 -12.30
N PRO F 12 -39.30 22.57 -11.77
CA PRO F 12 -39.53 22.19 -10.38
C PRO F 12 -39.51 20.69 -10.19
N GLU F 13 -39.09 20.28 -9.00
CA GLU F 13 -38.83 18.87 -8.71
C GLU F 13 -39.55 18.48 -7.43
N LEU F 14 -40.28 17.36 -7.50
CA LEU F 14 -40.93 16.72 -6.37
C LEU F 14 -40.25 15.37 -6.18
N VAL F 15 -39.62 15.19 -5.02
CA VAL F 15 -38.64 14.13 -4.76
C VAL F 15 -39.03 13.41 -3.48
N LYS F 16 -38.80 12.08 -3.45
CA LYS F 16 -39.10 11.32 -2.24
C LYS F 16 -37.97 11.47 -1.23
N PRO F 17 -38.27 11.39 0.07
CA PRO F 17 -37.22 11.51 1.09
C PRO F 17 -36.28 10.32 1.03
N GLY F 18 -34.97 10.59 1.08
CA GLY F 18 -33.96 9.54 0.98
C GLY F 18 -33.24 9.45 -0.34
N ALA F 19 -33.83 9.97 -1.43
CA ALA F 19 -33.26 9.98 -2.77
C ALA F 19 -32.38 11.21 -3.01
N SER F 20 -31.83 11.30 -4.22
CA SER F 20 -30.98 12.41 -4.65
C SER F 20 -31.69 13.20 -5.75
N VAL F 21 -31.28 14.45 -5.90
CA VAL F 21 -31.79 15.32 -6.96
C VAL F 21 -30.64 16.12 -7.56
N LYS F 22 -30.73 16.34 -8.87
CA LYS F 22 -29.72 17.06 -9.64
C LYS F 22 -30.47 18.14 -10.41
N MET F 23 -30.21 19.40 -10.07
CA MET F 23 -30.80 20.54 -10.76
C MET F 23 -29.68 21.30 -11.49
N SER F 24 -30.07 22.10 -12.49
CA SER F 24 -29.10 22.73 -13.38
C SER F 24 -29.33 24.22 -13.49
N CYS F 25 -28.31 24.90 -14.04
CA CYS F 25 -28.35 26.34 -14.29
C CYS F 25 -27.48 26.61 -15.51
N LYS F 26 -28.06 27.26 -16.52
CA LYS F 26 -27.41 27.51 -17.80
C LYS F 26 -27.13 29.00 -17.89
N ALA F 27 -25.87 29.37 -18.10
CA ALA F 27 -25.44 30.76 -18.09
C ALA F 27 -25.17 31.26 -19.50
N SER F 28 -25.53 32.52 -19.76
CA SER F 28 -25.35 33.15 -21.05
C SER F 28 -24.73 34.52 -20.86
N GLY F 29 -23.77 34.86 -21.72
CA GLY F 29 -23.05 36.11 -21.55
C GLY F 29 -21.94 36.08 -20.52
N CYS F 30 -21.43 34.89 -20.18
CA CYS F 30 -20.32 34.68 -19.26
C CYS F 30 -18.97 34.79 -19.95
N THR F 31 -17.95 35.07 -19.15
CA THR F 31 -16.57 34.85 -19.57
C THR F 31 -15.85 34.04 -18.50
N LEU F 32 -14.63 33.58 -18.86
CA LEU F 32 -13.81 32.81 -17.93
C LEU F 32 -13.57 33.57 -16.63
N THR F 33 -13.44 34.89 -16.72
CA THR F 33 -12.96 35.71 -15.62
C THR F 33 -14.05 35.99 -14.58
N ASN F 34 -15.29 36.27 -15.02
CA ASN F 34 -16.43 36.20 -14.10
C ASN F 34 -17.06 34.83 -14.31
N CYS F 35 -18.39 34.72 -14.17
CA CYS F 35 -19.12 33.45 -14.37
C CYS F 35 -18.93 32.50 -13.20
N PHE F 36 -18.89 33.04 -12.00
CA PHE F 36 -18.88 32.23 -10.81
C PHE F 36 -20.34 32.03 -10.39
N MET F 37 -20.86 30.84 -10.62
CA MET F 37 -22.27 30.55 -10.35
C MET F 37 -22.45 30.07 -8.92
N HIS F 38 -23.00 30.96 -8.07
CA HIS F 38 -23.28 30.66 -6.69
C HIS F 38 -24.68 30.04 -6.57
N TRP F 39 -24.86 29.23 -5.53
CA TRP F 39 -26.12 28.53 -5.28
C TRP F 39 -26.62 28.85 -3.89
N MET F 40 -27.91 29.18 -3.76
CA MET F 40 -28.48 29.47 -2.44
C MET F 40 -29.79 28.73 -2.23
N LYS F 41 -30.07 28.45 -0.96
CA LYS F 41 -31.24 27.72 -0.49
C LYS F 41 -32.14 28.67 0.27
N GLN F 42 -33.44 28.64 -0.02
CA GLN F 42 -34.38 29.52 0.66
C GLN F 42 -35.57 28.70 1.11
N LYS F 43 -35.57 28.33 2.39
CA LYS F 43 -36.74 27.70 3.02
C LYS F 43 -37.96 28.57 2.73
N PRO F 44 -39.18 27.98 2.62
CA PRO F 44 -40.38 28.79 2.33
C PRO F 44 -40.49 29.99 3.26
N GLY F 45 -40.32 31.21 2.71
CA GLY F 45 -40.44 32.45 3.46
C GLY F 45 -39.41 32.55 4.55
N GLN F 46 -38.15 32.30 4.21
CA GLN F 46 -37.09 32.24 5.20
C GLN F 46 -35.85 32.92 4.64
N ASP F 47 -34.81 32.96 5.47
CA ASP F 47 -33.51 33.47 5.08
C ASP F 47 -32.93 32.67 3.92
N LEU F 48 -31.88 33.23 3.32
CA LEU F 48 -31.13 32.56 2.25
C LEU F 48 -29.80 32.04 2.78
N GLU F 49 -29.55 30.76 2.55
CA GLU F 49 -28.29 30.10 2.86
C GLU F 49 -27.40 30.05 1.63
N TRP F 50 -26.10 30.30 1.82
CA TRP F 50 -25.15 30.19 0.71
C TRP F 50 -24.63 28.77 0.69
N ILE F 51 -24.83 28.09 -0.43
CA ILE F 51 -24.36 26.74 -0.64
C ILE F 51 -22.93 26.73 -1.15
N GLY F 52 -22.65 27.49 -2.21
CA GLY F 52 -21.32 27.53 -2.76
C GLY F 52 -21.37 28.00 -4.20
N TYR F 53 -20.23 27.86 -4.88
CA TYR F 53 -20.11 28.26 -6.28
C TYR F 53 -19.29 27.23 -7.06
N ILE F 54 -19.45 27.30 -8.38
CA ILE F 54 -18.64 26.57 -9.33
C ILE F 54 -18.59 27.38 -10.62
N ASN F 55 -17.38 27.61 -11.12
CA ASN F 55 -17.20 28.33 -12.38
C ASN F 55 -17.06 27.29 -13.47
N PRO F 56 -18.00 27.19 -14.43
CA PRO F 56 -17.91 26.08 -15.40
C PRO F 56 -16.66 26.12 -16.27
N TYR F 57 -16.15 27.31 -16.62
CA TYR F 57 -14.92 27.38 -17.40
C TYR F 57 -13.70 26.88 -16.64
N ASN F 58 -13.57 27.25 -15.38
CA ASN F 58 -12.42 26.91 -14.56
C ASN F 58 -12.58 25.58 -13.84
N ASP F 59 -13.81 25.25 -13.44
CA ASP F 59 -14.11 24.24 -12.42
C ASP F 59 -13.58 24.62 -11.04
N MET F 60 -13.31 25.89 -10.79
CA MET F 60 -13.10 26.33 -9.42
C MET F 60 -14.42 26.17 -8.68
N THR F 61 -14.41 25.42 -7.57
CA THR F 61 -15.61 25.23 -6.76
C THR F 61 -15.27 25.48 -5.30
N LYS F 62 -16.30 25.91 -4.55
CA LYS F 62 -16.21 26.09 -3.11
C LYS F 62 -17.58 25.81 -2.49
N TYR F 63 -17.58 25.12 -1.36
CA TYR F 63 -18.79 24.80 -0.62
C TYR F 63 -18.69 25.48 0.73
N SER F 64 -19.83 25.90 1.26
CA SER F 64 -19.87 26.28 2.66
C SER F 64 -19.96 25.00 3.51
N GLU F 65 -19.42 25.08 4.74
CA GLU F 65 -19.21 23.87 5.55
C GLU F 65 -20.48 23.06 5.72
N ASN F 66 -21.62 23.74 5.88
CA ASN F 66 -22.88 23.05 6.14
C ASN F 66 -23.24 22.09 5.03
N PHE F 67 -22.77 22.33 3.80
CA PHE F 67 -23.22 21.58 2.66
C PHE F 67 -22.19 20.60 2.10
N LYS F 68 -21.10 20.34 2.83
CA LYS F 68 -20.06 19.50 2.24
C LYS F 68 -20.54 18.08 2.05
N GLY F 69 -21.38 17.58 2.96
CA GLY F 69 -21.99 16.28 2.71
C GLY F 69 -23.21 16.30 1.82
N LYS F 70 -23.88 17.46 1.69
CA LYS F 70 -25.18 17.50 1.02
C LYS F 70 -25.06 17.83 -0.48
N ALA F 71 -24.32 18.88 -0.83
CA ALA F 71 -24.29 19.38 -2.18
C ALA F 71 -23.02 18.96 -2.89
N THR F 72 -23.17 18.65 -4.18
CA THR F 72 -22.06 18.37 -5.08
C THR F 72 -22.26 19.23 -6.31
N LEU F 73 -21.28 20.08 -6.62
CA LEU F 73 -21.34 20.96 -7.78
C LEU F 73 -20.49 20.41 -8.92
N THR F 74 -21.07 20.37 -10.12
CA THR F 74 -20.37 19.83 -11.30
C THR F 74 -20.60 20.76 -12.48
N SER F 75 -19.91 20.53 -13.59
CA SER F 75 -19.96 21.55 -14.62
C SER F 75 -19.91 20.93 -16.01
N ASP F 76 -20.23 21.76 -16.99
CA ASP F 76 -20.11 21.45 -18.41
C ASP F 76 -19.60 22.70 -19.12
N LYS F 77 -18.33 22.71 -19.47
CA LYS F 77 -17.74 23.88 -20.14
C LYS F 77 -18.50 24.22 -21.42
N SER F 78 -18.89 23.19 -22.17
CA SER F 78 -19.44 23.38 -23.52
C SER F 78 -20.67 24.28 -23.49
N SER F 79 -21.70 23.87 -22.73
CA SER F 79 -22.91 24.67 -22.54
C SER F 79 -22.77 25.77 -21.50
N SER F 80 -21.66 25.82 -20.76
CA SER F 80 -21.48 26.61 -19.55
C SER F 80 -22.69 26.45 -18.62
N THR F 81 -22.84 25.23 -18.12
CA THR F 81 -23.95 24.87 -17.25
C THR F 81 -23.38 24.33 -15.93
N ALA F 82 -23.93 24.80 -14.82
CA ALA F 82 -23.57 24.26 -13.51
C ALA F 82 -24.70 23.35 -13.03
N PHE F 83 -24.31 22.23 -12.42
CA PHE F 83 -25.25 21.26 -11.88
C PHE F 83 -25.01 21.17 -10.39
N MET F 84 -26.08 21.07 -9.62
CA MET F 84 -25.95 20.83 -8.18
C MET F 84 -26.73 19.58 -7.83
N GLU F 85 -26.06 18.66 -7.14
CA GLU F 85 -26.67 17.41 -6.72
C GLU F 85 -26.74 17.37 -5.21
N LEU F 86 -27.83 16.82 -4.69
CA LEU F 86 -28.18 17.03 -3.30
C LEU F 86 -28.29 15.73 -2.52
N SER F 87 -27.33 14.83 -2.71
CA SER F 87 -27.09 13.69 -1.80
C SER F 87 -28.35 13.11 -1.14
N SER F 88 -28.27 12.78 0.16
CA SER F 88 -29.39 12.18 0.86
C SER F 88 -30.41 13.24 1.22
N LEU F 89 -31.64 13.07 0.76
CA LEU F 89 -32.64 14.13 0.87
C LEU F 89 -33.59 13.87 2.03
N THR F 90 -33.81 14.91 2.83
CA THR F 90 -34.84 15.01 3.88
C THR F 90 -35.76 16.21 3.60
N SER F 91 -36.93 16.26 4.27
CA SER F 91 -37.83 17.40 4.09
C SER F 91 -37.21 18.69 4.63
N GLU F 92 -36.13 18.58 5.41
CA GLU F 92 -35.35 19.74 5.77
C GLU F 92 -34.71 20.38 4.54
N ASP F 93 -34.64 19.62 3.43
CA ASP F 93 -34.08 20.10 2.17
C ASP F 93 -35.12 20.71 1.25
N SER F 94 -36.41 20.72 1.63
CA SER F 94 -37.43 21.37 0.81
C SER F 94 -37.14 22.85 0.81
N ALA F 95 -36.94 23.44 -0.37
CA ALA F 95 -36.70 24.87 -0.43
C ALA F 95 -36.78 25.34 -1.88
N VAL F 96 -36.73 26.65 -2.07
CA VAL F 96 -36.45 27.20 -3.39
C VAL F 96 -34.96 27.42 -3.50
N TYR F 97 -34.36 26.90 -4.55
CA TYR F 97 -32.93 26.94 -4.72
C TYR F 97 -32.58 27.88 -5.86
N TYR F 98 -31.85 28.94 -5.55
CA TYR F 98 -31.50 29.96 -6.52
C TYR F 98 -30.07 29.78 -7.02
N CYS F 99 -29.86 30.08 -8.28
CA CYS F 99 -28.54 30.14 -8.90
C CYS F 99 -28.31 31.59 -9.29
N ALA F 100 -27.22 32.17 -8.81
CA ALA F 100 -26.94 33.57 -9.06
C ALA F 100 -25.52 33.71 -9.58
N ARG F 101 -25.29 34.72 -10.41
CA ARG F 101 -23.92 35.01 -10.83
C ARG F 101 -23.29 35.90 -9.78
N GLY F 102 -22.08 35.57 -9.39
CA GLY F 102 -21.35 36.29 -8.37
C GLY F 102 -19.90 36.33 -8.77
N TYR F 103 -19.00 36.57 -7.83
CA TYR F 103 -17.58 36.61 -8.16
C TYR F 103 -16.83 35.86 -7.09
N LEU F 104 -15.52 36.05 -7.03
CA LEU F 104 -14.75 35.47 -5.94
C LEU F 104 -14.99 36.27 -4.66
N LEU F 105 -14.08 36.19 -3.69
CA LEU F 105 -14.46 36.54 -2.33
C LEU F 105 -14.82 38.00 -2.19
N ARG F 106 -13.87 38.94 -2.10
CA ARG F 106 -14.28 40.32 -1.84
C ARG F 106 -14.50 41.07 -3.15
N THR F 107 -15.58 40.72 -3.85
CA THR F 107 -15.78 41.20 -5.21
C THR F 107 -17.26 41.26 -5.57
N GLY F 108 -17.70 42.41 -6.06
CA GLY F 108 -19.03 42.50 -6.64
C GLY F 108 -20.16 42.02 -5.75
N CYS F 109 -21.30 41.72 -6.35
CA CYS F 109 -22.49 41.24 -5.65
C CYS F 109 -23.16 40.18 -6.55
N PHE F 110 -24.36 39.74 -6.16
CA PHE F 110 -25.12 38.81 -6.98
C PHE F 110 -25.88 39.63 -8.03
N ASP F 111 -25.10 40.08 -9.00
CA ASP F 111 -25.53 40.78 -10.19
C ASP F 111 -26.89 40.34 -10.72
N TYR F 112 -26.94 39.09 -11.17
CA TYR F 112 -28.07 38.55 -11.91
C TYR F 112 -28.47 37.22 -11.28
N TRP F 113 -29.76 36.91 -11.31
CA TRP F 113 -30.27 35.74 -10.61
C TRP F 113 -31.16 34.91 -11.52
N GLY F 114 -31.08 33.59 -11.35
CA GLY F 114 -32.05 32.69 -11.95
C GLY F 114 -33.39 32.74 -11.23
N GLN F 115 -34.38 32.15 -11.88
CA GLN F 115 -35.76 32.24 -11.40
C GLN F 115 -36.04 31.34 -10.21
N GLY F 116 -35.19 30.36 -9.95
CA GLY F 116 -35.39 29.50 -8.79
C GLY F 116 -35.92 28.14 -9.16
N THR F 117 -35.47 27.12 -8.44
CA THR F 117 -35.97 25.76 -8.59
C THR F 117 -36.59 25.32 -7.28
N THR F 118 -37.87 24.96 -7.33
CA THR F 118 -38.62 24.61 -6.13
C THR F 118 -38.47 23.13 -5.88
N LEU F 119 -37.82 22.78 -4.77
CA LEU F 119 -37.60 21.38 -4.42
C LEU F 119 -38.59 21.06 -3.32
N THR F 120 -39.44 20.08 -3.57
CA THR F 120 -40.40 19.63 -2.57
C THR F 120 -40.01 18.20 -2.21
N VAL F 121 -39.69 17.97 -0.95
CA VAL F 121 -39.37 16.64 -0.46
C VAL F 121 -40.59 16.12 0.30
N SER F 122 -41.29 15.13 -0.25
CA SER F 122 -42.50 14.63 0.38
C SER F 122 -42.73 13.20 -0.11
N SER F 123 -43.60 12.48 0.60
CA SER F 123 -43.90 11.11 0.17
C SER F 123 -45.11 11.07 -0.73
N GLY F 124 -46.21 11.67 -0.29
CA GLY F 124 -47.46 11.60 -1.03
C GLY F 124 -48.51 12.53 -0.48
N ASN F 141 -17.59 32.19 11.35
CA ASN F 141 -18.51 32.82 10.40
C ASN F 141 -18.95 34.20 10.83
N ILE F 142 -19.15 35.05 9.84
CA ILE F 142 -19.74 36.38 10.02
C ILE F 142 -21.25 36.23 10.02
N VAL F 143 -21.88 36.63 11.13
CA VAL F 143 -23.32 36.55 11.30
C VAL F 143 -23.89 37.95 11.07
N LEU F 144 -24.86 38.06 10.20
CA LEU F 144 -25.57 39.32 9.97
C LEU F 144 -26.90 39.26 10.70
N THR F 145 -27.16 40.24 11.58
CA THR F 145 -28.44 40.29 12.26
C THR F 145 -29.22 41.47 11.68
N GLN F 146 -30.37 41.17 11.08
CA GLN F 146 -31.23 42.18 10.49
C GLN F 146 -32.32 42.58 11.46
N SER F 147 -32.69 43.87 11.39
CA SER F 147 -33.69 44.49 12.21
C SER F 147 -34.45 45.41 11.27
N PRO F 148 -35.79 45.39 11.31
CA PRO F 148 -36.60 44.48 12.12
C PRO F 148 -36.96 43.21 11.35
N ALA F 149 -37.61 42.23 11.98
CA ALA F 149 -37.99 41.03 11.24
C ALA F 149 -39.11 41.33 10.27
N SER F 150 -40.12 42.06 10.73
CA SER F 150 -41.20 42.55 9.90
C SER F 150 -41.55 43.96 10.33
N LEU F 151 -42.11 44.71 9.40
CA LEU F 151 -42.29 46.14 9.56
C LEU F 151 -43.39 46.60 8.60
N ALA F 152 -44.38 47.32 9.11
CA ALA F 152 -45.46 47.86 8.29
C ALA F 152 -45.37 49.38 8.26
N VAL F 153 -45.56 49.98 7.08
CA VAL F 153 -45.37 51.42 6.91
C VAL F 153 -46.35 51.92 5.86
N SER F 154 -46.70 53.21 5.95
CA SER F 154 -47.68 53.85 5.09
C SER F 154 -47.02 54.58 3.93
N LEU F 155 -47.77 54.81 2.85
CA LEU F 155 -47.22 55.51 1.69
C LEU F 155 -46.62 56.86 2.07
N GLY F 156 -45.49 57.20 1.43
CA GLY F 156 -44.83 58.47 1.64
C GLY F 156 -43.94 58.56 2.86
N GLN F 157 -44.01 57.61 3.80
CA GLN F 157 -43.20 57.64 5.00
C GLN F 157 -41.84 56.94 4.82
N ARG F 158 -41.07 56.79 5.89
CA ARG F 158 -39.69 56.34 5.81
C ARG F 158 -39.53 54.97 6.46
N ALA F 159 -38.94 54.01 5.71
CA ALA F 159 -38.61 52.68 6.22
C ALA F 159 -37.12 52.58 6.51
N THR F 160 -36.78 52.08 7.68
CA THR F 160 -35.40 51.93 8.13
C THR F 160 -35.14 50.48 8.51
N ILE F 161 -34.18 49.87 7.81
CA ILE F 161 -33.73 48.50 8.08
C ILE F 161 -32.26 48.58 8.45
N SER F 162 -31.87 47.89 9.51
CA SER F 162 -30.47 47.91 9.93
C SER F 162 -29.88 46.49 9.96
N CYS F 163 -28.56 46.40 9.73
CA CYS F 163 -27.86 45.13 9.61
C CYS F 163 -26.55 45.21 10.38
N ARG F 164 -26.41 44.41 11.43
CA ARG F 164 -25.17 44.35 12.20
C ARG F 164 -24.41 43.09 11.85
N ALA F 165 -23.13 43.26 11.54
CA ALA F 165 -22.22 42.17 11.24
C ALA F 165 -21.46 41.85 12.50
N SER F 166 -21.21 40.56 12.73
CA SER F 166 -20.50 40.14 13.93
C SER F 166 -19.02 40.48 13.87
N GLU F 167 -18.50 40.80 12.69
CA GLU F 167 -17.11 41.17 12.48
C GLU F 167 -17.09 42.15 11.33
N SER F 168 -16.05 42.98 11.27
CA SER F 168 -15.99 43.94 10.18
C SER F 168 -16.09 43.21 8.86
N VAL F 169 -16.92 43.75 7.95
CA VAL F 169 -17.03 43.21 6.60
C VAL F 169 -16.36 44.20 5.68
N ASP F 170 -15.41 44.96 6.22
CA ASP F 170 -14.64 45.95 5.48
C ASP F 170 -13.29 45.39 5.09
N SER F 171 -12.89 45.64 3.85
CA SER F 171 -11.56 45.28 3.41
C SER F 171 -11.17 46.13 2.20
N TYR F 172 -9.91 46.60 2.20
CA TYR F 172 -9.34 47.42 1.12
C TYR F 172 -10.05 48.76 0.98
N GLY F 173 -10.68 49.25 2.05
CA GLY F 173 -11.38 50.52 2.00
C GLY F 173 -12.80 50.42 1.48
N TYR F 174 -13.30 49.22 1.25
CA TYR F 174 -14.69 48.99 0.86
C TYR F 174 -15.41 48.23 1.97
N SER F 175 -16.72 48.35 1.97
CA SER F 175 -17.56 47.57 2.86
C SER F 175 -18.24 46.51 2.01
N PHE F 176 -17.92 45.25 2.23
CA PHE F 176 -18.47 44.21 1.35
C PHE F 176 -19.79 43.76 1.92
N MET F 177 -20.79 44.63 1.71
CA MET F 177 -22.13 44.62 2.27
C MET F 177 -23.07 45.02 1.16
N HIS F 178 -24.17 44.27 1.01
CA HIS F 178 -25.09 44.52 -0.10
C HIS F 178 -26.52 44.34 0.38
N TRP F 179 -27.46 44.94 -0.35
CA TRP F 179 -28.87 44.91 0.01
C TRP F 179 -29.70 44.37 -1.14
N TYR F 180 -30.61 43.44 -0.86
CA TYR F 180 -31.45 42.86 -1.88
C TYR F 180 -32.91 43.02 -1.47
N GLN F 181 -33.76 43.22 -2.47
CA GLN F 181 -35.21 43.27 -2.32
C GLN F 181 -35.79 42.06 -3.03
N GLN F 182 -36.73 41.38 -2.38
CA GLN F 182 -37.30 40.17 -2.97
C GLN F 182 -38.83 40.25 -2.89
N LYS F 183 -39.47 40.54 -4.02
CA LYS F 183 -40.92 40.45 -4.09
C LYS F 183 -41.34 38.98 -4.02
N PRO F 184 -42.59 38.70 -3.59
CA PRO F 184 -43.04 37.30 -3.49
C PRO F 184 -43.04 36.58 -4.84
N GLY F 185 -42.57 35.33 -4.82
CA GLY F 185 -42.52 34.48 -6.00
C GLY F 185 -41.49 34.93 -7.02
N GLN F 186 -40.35 35.42 -6.57
CA GLN F 186 -39.39 36.00 -7.50
C GLN F 186 -38.02 36.02 -6.82
N PRO F 187 -36.93 35.98 -7.59
CA PRO F 187 -35.60 36.06 -6.99
C PRO F 187 -35.31 37.44 -6.44
N PRO F 188 -34.40 37.54 -5.47
CA PRO F 188 -33.94 38.86 -5.02
C PRO F 188 -33.31 39.64 -6.16
N LYS F 189 -33.27 40.96 -5.96
CA LYS F 189 -32.73 41.94 -6.87
C LYS F 189 -31.80 42.85 -6.07
N VAL F 190 -30.73 43.32 -6.70
CA VAL F 190 -29.79 44.17 -6.00
C VAL F 190 -30.34 45.58 -5.98
N LEU F 191 -30.28 46.22 -4.82
CA LEU F 191 -30.60 47.65 -4.67
C LEU F 191 -29.36 48.47 -4.35
N ILE F 192 -28.63 48.07 -3.32
CA ILE F 192 -27.42 48.73 -2.87
C ILE F 192 -26.29 47.70 -2.91
N TYR F 193 -25.15 48.08 -3.49
CA TYR F 193 -23.96 47.24 -3.47
C TYR F 193 -22.81 48.00 -2.85
N LEU F 194 -21.98 47.27 -2.10
CA LEU F 194 -20.79 47.84 -1.46
C LEU F 194 -21.18 48.90 -0.45
N ALA F 195 -22.26 48.62 0.30
CA ALA F 195 -22.80 49.34 1.46
C ALA F 195 -23.60 50.59 1.08
N SER F 196 -23.18 51.30 0.02
CA SER F 196 -23.74 52.61 -0.25
C SER F 196 -23.88 52.99 -1.72
N ASN F 197 -23.77 52.07 -2.67
CA ASN F 197 -23.84 52.40 -4.09
C ASN F 197 -25.17 51.95 -4.66
N LEU F 198 -25.80 52.82 -5.43
CA LEU F 198 -27.12 52.55 -5.99
C LEU F 198 -26.98 51.75 -7.29
N GLU F 199 -27.50 50.52 -7.32
CA GLU F 199 -27.47 49.75 -8.56
C GLU F 199 -28.16 50.53 -9.68
N SER F 200 -27.67 50.37 -10.89
CA SER F 200 -28.23 51.11 -12.01
C SER F 200 -29.74 50.86 -12.10
N GLY F 201 -30.49 51.96 -12.22
CA GLY F 201 -31.93 51.88 -12.36
C GLY F 201 -32.73 51.76 -11.08
N VAL F 202 -32.08 51.74 -9.92
CA VAL F 202 -32.80 51.65 -8.66
C VAL F 202 -33.08 53.07 -8.16
N PRO F 203 -34.32 53.38 -7.75
CA PRO F 203 -34.65 54.77 -7.41
C PRO F 203 -33.83 55.29 -6.25
N ALA F 204 -33.49 56.58 -6.32
CA ALA F 204 -32.68 57.19 -5.28
C ALA F 204 -33.42 57.30 -3.96
N ARG F 205 -34.71 56.95 -3.93
CA ARG F 205 -35.40 56.93 -2.64
C ARG F 205 -34.84 55.84 -1.76
N PHE F 206 -34.22 54.81 -2.35
CA PHE F 206 -33.44 53.82 -1.60
C PHE F 206 -32.03 54.36 -1.38
N SER F 207 -31.52 54.21 -0.15
CA SER F 207 -30.16 54.60 0.11
C SER F 207 -29.65 53.75 1.28
N GLY F 208 -28.36 53.45 1.27
CA GLY F 208 -27.76 52.68 2.34
C GLY F 208 -26.54 53.40 2.87
N SER F 209 -26.18 53.10 4.11
CA SER F 209 -25.03 53.74 4.72
C SER F 209 -24.41 52.83 5.77
N GLY F 210 -23.25 53.23 6.24
CA GLY F 210 -22.55 52.55 7.30
C GLY F 210 -21.19 52.04 6.82
N SER F 211 -20.47 51.45 7.77
CA SER F 211 -19.22 50.77 7.48
C SER F 211 -18.95 49.80 8.63
N ARG F 212 -17.90 49.00 8.46
CA ARG F 212 -17.44 48.10 9.50
C ARG F 212 -18.52 47.11 9.91
N THR F 213 -19.21 47.33 11.04
CA THR F 213 -20.15 46.33 11.54
C THR F 213 -21.60 46.82 11.59
N ASP F 214 -21.87 48.08 11.29
CA ASP F 214 -23.19 48.67 11.47
C ASP F 214 -23.61 49.30 10.14
N PHE F 215 -24.68 48.77 9.53
CA PHE F 215 -25.18 49.29 8.26
C PHE F 215 -26.69 49.50 8.33
N THR F 216 -27.20 50.46 7.54
CA THR F 216 -28.63 50.72 7.52
C THR F 216 -29.10 51.02 6.11
N LEU F 217 -30.15 50.32 5.67
CA LEU F 217 -30.85 50.66 4.44
C LEU F 217 -32.04 51.54 4.78
N THR F 218 -32.28 52.54 3.94
CA THR F 218 -33.36 53.50 4.16
C THR F 218 -34.16 53.63 2.87
N ILE F 219 -35.48 53.54 3.00
CA ILE F 219 -36.41 53.80 1.91
C ILE F 219 -37.17 55.06 2.27
N ASP F 220 -37.03 56.12 1.46
CA ASP F 220 -37.69 57.38 1.83
C ASP F 220 -37.99 58.25 0.61
N PRO F 221 -39.24 58.33 0.18
CA PRO F 221 -40.41 57.71 0.77
C PRO F 221 -40.73 56.31 0.24
N VAL F 222 -41.24 55.42 1.09
CA VAL F 222 -41.75 54.16 0.58
C VAL F 222 -42.94 54.46 -0.33
N GLU F 223 -43.13 53.59 -1.32
CA GLU F 223 -44.15 53.75 -2.34
C GLU F 223 -44.83 52.41 -2.55
N ALA F 224 -45.84 52.39 -3.44
CA ALA F 224 -46.66 51.19 -3.63
C ALA F 224 -45.83 49.97 -4.06
N ASP F 225 -44.85 50.17 -4.93
CA ASP F 225 -44.14 49.01 -5.45
C ASP F 225 -43.14 48.43 -4.44
N ASP F 226 -42.91 49.09 -3.30
CA ASP F 226 -41.81 48.75 -2.40
C ASP F 226 -42.16 47.67 -1.38
N ALA F 227 -43.34 47.04 -1.46
CA ALA F 227 -43.68 45.97 -0.51
C ALA F 227 -42.93 44.70 -0.87
N ALA F 228 -42.00 44.28 -0.01
CA ALA F 228 -41.16 43.12 -0.30
C ALA F 228 -40.49 42.65 0.98
N THR F 229 -39.60 41.68 0.82
CA THR F 229 -38.72 41.21 1.89
C THR F 229 -37.30 41.64 1.50
N TYR F 230 -36.57 42.19 2.45
CA TYR F 230 -35.28 42.82 2.19
C TYR F 230 -34.17 42.08 2.94
N TYR F 231 -33.09 41.73 2.23
CA TYR F 231 -31.99 40.98 2.83
C TYR F 231 -30.72 41.79 2.74
N CYS F 232 -29.89 41.73 3.78
CA CYS F 232 -28.51 42.16 3.65
C CYS F 232 -27.62 40.93 3.52
N GLN F 233 -26.49 41.11 2.83
CA GLN F 233 -25.57 40.02 2.52
C GLN F 233 -24.16 40.59 2.54
N GLN F 234 -23.20 39.73 2.94
CA GLN F 234 -21.79 40.10 2.94
C GLN F 234 -21.00 39.09 2.14
N ASN F 235 -19.91 39.54 1.54
CA ASN F 235 -18.93 38.66 0.90
C ASN F 235 -17.52 39.11 1.24
N ASN F 236 -17.28 39.41 2.52
CA ASN F 236 -15.93 39.72 2.94
C ASN F 236 -15.16 38.48 3.33
N GLU F 237 -15.83 37.46 3.83
CA GLU F 237 -15.14 36.25 4.20
C GLU F 237 -16.07 35.06 4.01
N ASN F 238 -15.46 33.90 3.68
CA ASN F 238 -16.25 32.68 3.53
C ASN F 238 -16.59 32.13 4.91
N PRO F 239 -17.81 31.62 5.09
CA PRO F 239 -18.81 31.52 4.03
C PRO F 239 -19.56 32.84 3.80
N LEU F 240 -20.11 33.07 2.62
CA LEU F 240 -21.00 34.21 2.44
C LEU F 240 -22.26 33.99 3.28
N THR F 241 -22.72 35.05 3.92
CA THR F 241 -23.84 34.95 4.84
C THR F 241 -24.88 36.00 4.49
N PHE F 242 -26.13 35.72 4.88
CA PHE F 242 -27.25 36.63 4.69
C PHE F 242 -27.88 37.00 6.02
N GLY F 243 -28.68 38.08 6.00
CA GLY F 243 -29.53 38.40 7.12
C GLY F 243 -30.79 37.54 7.13
N ALA F 244 -31.51 37.62 8.24
CA ALA F 244 -32.74 36.83 8.39
C ALA F 244 -33.87 37.36 7.52
N GLY F 245 -33.77 38.60 7.03
CA GLY F 245 -34.81 39.21 6.24
C GLY F 245 -35.61 40.25 7.03
N THR F 246 -36.20 41.18 6.28
CA THR F 246 -37.12 42.18 6.81
C THR F 246 -38.35 42.25 5.90
N LYS F 247 -39.49 41.81 6.41
CA LYS F 247 -40.71 41.80 5.62
C LYS F 247 -41.34 43.17 5.72
N LEU F 248 -41.33 43.93 4.63
CA LEU F 248 -41.93 45.25 4.62
C LEU F 248 -43.31 45.14 3.99
N GLU F 249 -44.30 45.69 4.68
CA GLU F 249 -45.68 45.57 4.29
C GLU F 249 -46.29 46.97 4.27
N LEU F 250 -47.23 47.22 3.38
CA LEU F 250 -47.78 48.56 3.31
C LEU F 250 -48.99 48.68 4.25
N LYS F 251 -49.62 49.85 4.24
CA LYS F 251 -50.86 50.06 5.00
C LYS F 251 -51.89 50.89 4.22
N GLU G 4 -35.47 10.72 41.74
CA GLU G 4 -34.45 9.68 41.51
C GLU G 4 -33.23 10.27 40.81
N VAL G 5 -33.43 11.26 39.94
CA VAL G 5 -32.33 11.87 39.21
C VAL G 5 -32.45 13.37 39.37
N GLN G 6 -31.31 14.02 39.58
CA GLN G 6 -31.25 15.46 39.83
C GLN G 6 -30.47 16.09 38.68
N LEU G 7 -31.07 17.04 38.00
CA LEU G 7 -30.43 17.66 36.85
C LEU G 7 -30.17 19.12 37.16
N GLN G 8 -28.90 19.52 37.11
CA GLN G 8 -28.52 20.87 37.50
C GLN G 8 -27.74 21.48 36.35
N GLN G 9 -28.39 22.39 35.63
CA GLN G 9 -27.78 22.98 34.45
C GLN G 9 -26.98 24.21 34.84
N SER G 10 -26.06 24.58 33.96
CA SER G 10 -25.13 25.67 34.19
C SER G 10 -25.83 27.02 34.03
N GLY G 11 -25.11 28.09 34.40
CA GLY G 11 -25.70 29.42 34.46
C GLY G 11 -26.06 30.05 33.12
N PRO G 12 -26.72 31.20 33.19
CA PRO G 12 -27.22 31.87 31.99
C PRO G 12 -26.12 32.63 31.24
N GLU G 13 -26.38 32.86 29.96
CA GLU G 13 -25.38 33.40 29.04
C GLU G 13 -25.91 34.56 28.23
N LEU G 14 -25.12 35.63 28.13
CA LEU G 14 -25.38 36.75 27.22
C LEU G 14 -24.20 36.83 26.26
N VAL G 15 -24.42 36.52 24.98
CA VAL G 15 -23.34 36.25 24.02
C VAL G 15 -23.55 37.03 22.72
N LYS G 16 -22.46 37.62 22.21
CA LYS G 16 -22.54 38.38 20.97
C LYS G 16 -22.85 37.46 19.78
N PRO G 17 -23.71 37.88 18.85
CA PRO G 17 -23.92 37.10 17.64
C PRO G 17 -22.59 36.79 16.95
N GLY G 18 -22.45 35.54 16.50
CA GLY G 18 -21.26 35.06 15.84
C GLY G 18 -20.37 34.19 16.70
N ALA G 19 -20.41 34.35 18.02
CA ALA G 19 -19.57 33.56 18.91
C ALA G 19 -20.24 32.23 19.21
N SER G 20 -19.57 31.41 20.02
CA SER G 20 -20.04 30.11 20.43
C SER G 20 -20.24 30.06 21.94
N VAL G 21 -21.09 29.14 22.37
CA VAL G 21 -21.35 28.96 23.79
C VAL G 21 -21.39 27.47 24.07
N LYS G 22 -20.94 27.08 25.26
CA LYS G 22 -20.90 25.69 25.68
C LYS G 22 -21.61 25.60 27.02
N MET G 23 -22.77 24.96 27.05
CA MET G 23 -23.52 24.81 28.28
C MET G 23 -23.51 23.36 28.74
N SER G 24 -23.69 23.18 30.05
CA SER G 24 -23.50 21.87 30.66
C SER G 24 -24.70 21.47 31.50
N CYS G 25 -24.73 20.19 31.83
CA CYS G 25 -25.78 19.59 32.64
C CYS G 25 -25.13 18.47 33.43
N LYS G 26 -25.25 18.50 34.75
CA LYS G 26 -24.70 17.42 35.57
C LYS G 26 -25.84 16.61 36.15
N ALA G 27 -25.74 15.29 35.97
CA ALA G 27 -26.73 14.36 36.45
C ALA G 27 -26.16 13.64 37.65
N SER G 28 -27.00 13.37 38.62
CA SER G 28 -26.60 12.63 39.80
C SER G 28 -27.68 11.58 40.02
N GLY G 29 -27.26 10.38 40.42
CA GLY G 29 -28.18 9.26 40.52
C GLY G 29 -28.41 8.55 39.21
N CYS G 30 -27.53 8.74 38.24
CA CYS G 30 -27.58 8.07 36.97
C CYS G 30 -26.97 6.69 37.09
N THR G 31 -27.38 5.81 36.18
CA THR G 31 -26.73 4.55 35.90
C THR G 31 -26.49 4.46 34.39
N LEU G 32 -25.68 3.49 33.98
CA LEU G 32 -25.37 3.36 32.56
C LEU G 32 -26.61 3.14 31.68
N THR G 33 -27.62 2.38 32.18
CA THR G 33 -28.73 1.93 31.33
C THR G 33 -29.82 2.99 31.13
N ASN G 34 -30.08 3.84 32.13
CA ASN G 34 -30.79 5.09 31.88
C ASN G 34 -29.73 6.14 31.62
N CYS G 35 -29.97 7.39 31.96
CA CYS G 35 -28.93 8.42 31.82
C CYS G 35 -28.68 8.79 30.37
N PHE G 36 -29.74 8.87 29.59
CA PHE G 36 -29.68 9.53 28.30
C PHE G 36 -30.14 10.96 28.53
N MET G 37 -29.22 11.91 28.47
CA MET G 37 -29.53 13.31 28.73
C MET G 37 -29.95 14.00 27.44
N HIS G 38 -31.24 14.26 27.30
CA HIS G 38 -31.79 14.95 26.14
C HIS G 38 -31.74 16.45 26.30
N TRP G 39 -31.71 17.15 25.17
CA TRP G 39 -31.65 18.61 25.15
C TRP G 39 -32.80 19.15 24.32
N MET G 40 -33.48 20.17 24.84
CA MET G 40 -34.60 20.79 24.15
C MET G 40 -34.45 22.29 24.13
N LYS G 41 -34.95 22.89 23.05
CA LYS G 41 -34.91 24.33 22.86
C LYS G 41 -36.33 24.86 22.89
N GLN G 42 -36.57 25.87 23.73
CA GLN G 42 -37.88 26.52 23.88
C GLN G 42 -37.70 28.03 23.86
N LYS G 43 -38.03 28.65 22.73
CA LYS G 43 -38.14 30.10 22.61
C LYS G 43 -39.06 30.64 23.71
N PRO G 44 -38.86 31.88 24.20
CA PRO G 44 -39.68 32.39 25.31
C PRO G 44 -41.19 32.22 25.08
N GLY G 45 -41.81 31.29 25.83
CA GLY G 45 -43.21 30.94 25.69
C GLY G 45 -43.58 30.26 24.38
N GLN G 46 -42.86 29.21 23.99
CA GLN G 46 -43.05 28.60 22.69
C GLN G 46 -43.06 27.07 22.83
N ASP G 47 -43.27 26.40 21.70
CA ASP G 47 -43.11 24.95 21.68
C ASP G 47 -41.66 24.61 22.03
N LEU G 48 -41.44 23.33 22.31
CA LEU G 48 -40.12 22.80 22.59
C LEU G 48 -39.65 22.00 21.39
N GLU G 49 -38.46 22.33 20.90
CA GLU G 49 -37.79 21.56 19.86
C GLU G 49 -36.86 20.55 20.52
N TRP G 50 -36.79 19.35 19.97
CA TRP G 50 -35.89 18.34 20.49
C TRP G 50 -34.54 18.41 19.76
N ILE G 51 -33.46 18.56 20.51
CA ILE G 51 -32.11 18.66 19.95
C ILE G 51 -31.47 17.29 19.75
N GLY G 52 -31.47 16.45 20.78
CA GLY G 52 -30.80 15.17 20.73
C GLY G 52 -30.55 14.67 22.14
N TYR G 53 -29.73 13.62 22.24
CA TYR G 53 -29.35 13.06 23.54
C TYR G 53 -27.89 12.66 23.54
N ILE G 54 -27.32 12.55 24.73
CA ILE G 54 -25.98 11.98 24.89
C ILE G 54 -25.91 11.32 26.26
N ASN G 55 -25.49 10.06 26.27
CA ASN G 55 -25.28 9.30 27.49
C ASN G 55 -23.80 9.37 27.84
N PRO G 56 -23.43 10.03 28.94
CA PRO G 56 -21.99 10.25 29.21
C PRO G 56 -21.24 8.97 29.46
N TYR G 57 -21.88 7.97 30.08
CA TYR G 57 -21.19 6.70 30.33
C TYR G 57 -20.91 5.96 29.03
N ASN G 58 -21.88 5.94 28.12
CA ASN G 58 -21.86 5.21 26.84
C ASN G 58 -21.19 5.99 25.73
N ASP G 59 -21.42 7.30 25.73
CA ASP G 59 -21.21 8.17 24.57
C ASP G 59 -22.10 7.79 23.40
N MET G 60 -23.20 7.08 23.66
CA MET G 60 -24.26 6.95 22.66
C MET G 60 -24.90 8.32 22.48
N THR G 61 -24.93 8.85 21.26
CA THR G 61 -25.57 10.14 21.02
C THR G 61 -26.47 10.08 19.78
N LYS G 62 -27.47 10.96 19.75
CA LYS G 62 -28.31 11.10 18.57
C LYS G 62 -28.67 12.56 18.43
N TYR G 63 -28.68 13.07 17.20
CA TYR G 63 -29.09 14.43 16.88
C TYR G 63 -30.32 14.36 15.98
N SER G 64 -31.24 15.32 16.13
CA SER G 64 -32.30 15.48 15.14
C SER G 64 -31.76 16.26 13.94
N GLU G 65 -32.31 15.99 12.76
CA GLU G 65 -31.72 16.53 11.54
C GLU G 65 -31.55 18.05 11.62
N ASN G 66 -32.50 18.74 12.28
CA ASN G 66 -32.51 20.19 12.36
C ASN G 66 -31.25 20.77 12.98
N PHE G 67 -30.66 20.07 13.94
CA PHE G 67 -29.63 20.65 14.78
C PHE G 67 -28.23 20.10 14.46
N LYS G 68 -28.07 19.39 13.34
CA LYS G 68 -26.81 18.67 13.14
C LYS G 68 -25.64 19.63 12.94
N GLY G 69 -25.87 20.73 12.22
CA GLY G 69 -24.81 21.72 12.08
C GLY G 69 -24.66 22.66 13.25
N LYS G 70 -25.69 22.79 14.09
CA LYS G 70 -25.67 23.83 15.11
C LYS G 70 -25.10 23.33 16.43
N ALA G 71 -25.56 22.19 16.91
CA ALA G 71 -25.19 21.70 18.22
C ALA G 71 -24.15 20.58 18.09
N THR G 72 -23.26 20.54 19.07
CA THR G 72 -22.30 19.44 19.23
C THR G 72 -22.41 18.94 20.65
N LEU G 73 -22.74 17.67 20.81
CA LEU G 73 -22.88 17.07 22.13
C LEU G 73 -21.61 16.31 22.48
N THR G 74 -21.10 16.56 23.66
CA THR G 74 -19.92 15.88 24.17
C THR G 74 -20.20 15.49 25.61
N SER G 75 -19.32 14.68 26.18
CA SER G 75 -19.59 14.11 27.47
C SER G 75 -18.28 14.03 28.24
N ASP G 76 -18.40 13.73 29.52
CA ASP G 76 -17.25 13.41 30.34
C ASP G 76 -17.68 12.29 31.28
N LYS G 77 -17.18 11.06 31.06
CA LYS G 77 -17.58 9.92 31.88
C LYS G 77 -17.35 10.19 33.36
N SER G 78 -16.22 10.81 33.69
CA SER G 78 -15.79 10.93 35.07
C SER G 78 -16.80 11.68 35.91
N SER G 79 -17.12 12.91 35.51
CA SER G 79 -18.08 13.79 36.16
C SER G 79 -19.55 13.45 35.89
N SER G 80 -19.82 12.52 34.97
CA SER G 80 -21.16 12.28 34.43
C SER G 80 -21.86 13.59 34.08
N THR G 81 -21.24 14.31 33.15
CA THR G 81 -21.67 15.62 32.70
C THR G 81 -21.84 15.65 31.18
N ALA G 82 -22.94 16.23 30.71
CA ALA G 82 -23.19 16.45 29.30
C ALA G 82 -22.90 17.90 28.93
N PHE G 83 -22.30 18.11 27.76
CA PHE G 83 -22.03 19.45 27.24
C PHE G 83 -22.74 19.64 25.91
N MET G 84 -23.31 20.84 25.70
CA MET G 84 -23.85 21.24 24.40
C MET G 84 -23.19 22.55 23.97
N GLU G 85 -22.67 22.58 22.75
CA GLU G 85 -22.00 23.74 22.16
C GLU G 85 -22.80 24.23 20.97
N LEU G 86 -22.80 25.55 20.72
CA LEU G 86 -23.74 26.09 19.74
C LEU G 86 -23.10 26.90 18.59
N SER G 87 -22.02 26.42 17.96
CA SER G 87 -21.52 26.97 16.68
C SER G 87 -21.60 28.50 16.53
N SER G 88 -22.00 28.99 15.35
CA SER G 88 -22.14 30.42 15.12
C SER G 88 -23.51 30.84 15.63
N LEU G 89 -23.54 31.79 16.56
CA LEU G 89 -24.77 32.10 17.25
C LEU G 89 -25.47 33.21 16.50
N THR G 90 -26.78 33.03 16.29
CA THR G 90 -27.69 33.99 15.70
C THR G 90 -28.77 34.32 16.73
N SER G 91 -29.53 35.38 16.49
CA SER G 91 -30.58 35.71 17.44
C SER G 91 -31.70 34.69 17.44
N GLU G 92 -31.82 33.90 16.37
CA GLU G 92 -32.80 32.83 16.36
C GLU G 92 -32.46 31.74 17.35
N ASP G 93 -31.25 31.74 17.90
CA ASP G 93 -30.82 30.76 18.90
C ASP G 93 -31.13 31.18 20.31
N SER G 94 -31.64 32.40 20.54
CA SER G 94 -32.02 32.80 21.87
C SER G 94 -33.22 31.98 22.32
N ALA G 95 -33.08 31.29 23.44
CA ALA G 95 -34.17 30.51 24.00
C ALA G 95 -33.77 30.01 25.37
N VAL G 96 -34.69 29.31 26.02
CA VAL G 96 -34.38 28.51 27.19
C VAL G 96 -34.00 27.13 26.69
N TYR G 97 -32.86 26.60 27.15
CA TYR G 97 -32.38 25.27 26.74
C TYR G 97 -32.52 24.36 27.95
N TYR G 98 -33.40 23.36 27.82
CA TYR G 98 -33.69 22.44 28.90
C TYR G 98 -32.93 21.14 28.70
N CYS G 99 -32.45 20.59 29.80
CA CYS G 99 -31.79 19.28 29.83
C CYS G 99 -32.64 18.36 30.68
N ALA G 100 -33.07 17.24 30.09
CA ALA G 100 -33.94 16.28 30.76
C ALA G 100 -33.34 14.89 30.61
N ARG G 101 -33.66 14.02 31.55
CA ARG G 101 -33.28 12.62 31.40
C ARG G 101 -34.36 11.90 30.59
N GLY G 102 -33.92 11.13 29.61
CA GLY G 102 -34.79 10.35 28.76
C GLY G 102 -34.12 9.02 28.50
N TYR G 103 -34.56 8.28 27.50
CA TYR G 103 -34.00 6.96 27.24
C TYR G 103 -33.81 6.82 25.74
N LEU G 104 -33.57 5.58 25.30
CA LEU G 104 -33.49 5.28 23.88
C LEU G 104 -34.90 5.34 23.33
N LEU G 105 -35.12 4.89 22.10
CA LEU G 105 -36.29 5.35 21.37
C LEU G 105 -37.60 4.96 22.02
N ARG G 106 -38.09 3.73 21.94
CA ARG G 106 -39.44 3.53 22.49
C ARG G 106 -39.34 3.16 23.97
N THR G 107 -38.95 4.14 24.77
CA THR G 107 -38.58 3.91 26.16
C THR G 107 -38.84 5.16 26.99
N GLY G 108 -39.57 5.00 28.09
CA GLY G 108 -39.76 6.01 29.11
C GLY G 108 -40.26 7.34 28.59
N CYS G 109 -40.13 8.37 29.43
CA CYS G 109 -40.56 9.74 29.16
C CYS G 109 -39.47 10.66 29.74
N PHE G 110 -39.73 11.97 29.72
CA PHE G 110 -38.76 12.92 30.28
C PHE G 110 -39.01 13.07 31.78
N ASP G 111 -38.57 12.07 32.52
CA ASP G 111 -38.52 11.93 33.97
C ASP G 111 -38.21 13.19 34.78
N TYR G 112 -36.99 13.69 34.67
CA TYR G 112 -36.46 14.77 35.48
C TYR G 112 -35.86 15.83 34.57
N TRP G 113 -35.92 17.08 35.01
CA TRP G 113 -35.53 18.20 34.16
C TRP G 113 -34.57 19.10 34.92
N GLY G 114 -33.67 19.74 34.16
CA GLY G 114 -32.89 20.81 34.71
C GLY G 114 -33.71 22.08 34.82
N GLN G 115 -33.17 23.03 35.58
CA GLN G 115 -33.86 24.29 35.85
C GLN G 115 -33.90 25.18 34.62
N GLY G 116 -33.06 24.92 33.63
CA GLY G 116 -33.02 25.64 32.38
C GLY G 116 -31.83 26.58 32.29
N THR G 117 -31.27 26.68 31.09
CA THR G 117 -30.20 27.64 30.80
C THR G 117 -30.74 28.63 29.77
N THR G 118 -30.73 29.92 30.11
CA THR G 118 -31.27 30.95 29.24
C THR G 118 -30.13 31.50 28.40
N LEU G 119 -30.21 31.31 27.09
CA LEU G 119 -29.23 31.86 26.18
C LEU G 119 -29.86 33.05 25.48
N THR G 120 -29.24 34.22 25.64
CA THR G 120 -29.69 35.45 25.00
C THR G 120 -28.58 35.88 24.06
N VAL G 121 -28.91 36.01 22.78
CA VAL G 121 -27.98 36.48 21.76
C VAL G 121 -28.27 37.95 21.51
N SER G 122 -27.32 38.79 21.90
CA SER G 122 -27.44 40.25 21.88
C SER G 122 -26.07 40.85 21.67
N SER G 123 -26.03 42.16 21.42
CA SER G 123 -24.78 42.89 21.31
C SER G 123 -24.62 43.70 22.60
N GLY G 124 -24.23 42.98 23.65
CA GLY G 124 -23.93 43.51 24.98
C GLY G 124 -23.09 42.49 25.73
N ASN G 141 -41.61 13.38 9.72
CA ASN G 141 -41.80 13.51 11.17
C ASN G 141 -43.22 13.25 11.62
N ILE G 142 -43.36 12.76 12.85
CA ILE G 142 -44.68 12.65 13.48
C ILE G 142 -45.06 14.03 14.02
N VAL G 143 -46.17 14.58 13.52
CA VAL G 143 -46.62 15.91 13.91
C VAL G 143 -47.72 15.75 14.96
N LEU G 144 -47.55 16.43 16.09
CA LEU G 144 -48.56 16.45 17.15
C LEU G 144 -49.28 17.80 17.13
N THR G 145 -50.62 17.76 17.01
CA THR G 145 -51.45 18.95 17.01
C THR G 145 -52.39 18.95 18.21
N GLN G 146 -52.30 19.97 19.05
CA GLN G 146 -53.13 20.08 20.25
C GLN G 146 -54.31 21.03 20.04
N SER G 147 -55.46 20.67 20.61
CA SER G 147 -56.63 21.57 20.49
C SER G 147 -57.45 21.52 21.77
N PRO G 148 -57.87 22.68 22.31
CA PRO G 148 -57.64 24.01 21.71
C PRO G 148 -56.28 24.63 22.04
N ALA G 149 -55.96 25.75 21.38
CA ALA G 149 -54.66 26.39 21.56
C ALA G 149 -54.54 27.02 22.94
N SER G 150 -55.63 27.64 23.39
CA SER G 150 -55.80 28.16 24.74
C SER G 150 -57.22 27.83 25.20
N LEU G 151 -57.41 27.74 26.51
CA LEU G 151 -58.65 27.21 27.08
C LEU G 151 -58.88 27.83 28.45
N ALA G 152 -60.08 28.34 28.65
CA ALA G 152 -60.51 28.90 29.91
C ALA G 152 -61.54 27.97 30.53
N VAL G 153 -61.45 27.78 31.84
CA VAL G 153 -62.28 26.81 32.54
C VAL G 153 -62.49 27.33 33.95
N SER G 154 -63.58 26.91 34.58
CA SER G 154 -63.92 27.37 35.92
C SER G 154 -63.46 26.37 36.96
N LEU G 155 -63.29 26.86 38.20
CA LEU G 155 -62.90 26.00 39.31
C LEU G 155 -63.91 24.85 39.44
N GLY G 156 -63.42 23.65 39.72
CA GLY G 156 -64.29 22.51 39.95
C GLY G 156 -64.86 21.82 38.72
N GLN G 157 -64.74 22.40 37.53
CA GLN G 157 -65.29 21.86 36.29
C GLN G 157 -64.34 20.82 35.69
N ARG G 158 -64.63 20.38 34.46
CA ARG G 158 -63.83 19.40 33.74
C ARG G 158 -63.19 20.04 32.51
N ALA G 159 -61.86 19.93 32.41
CA ALA G 159 -61.08 20.36 31.25
C ALA G 159 -60.61 19.14 30.47
N THR G 160 -60.80 19.17 29.14
CA THR G 160 -60.38 18.06 28.28
C THR G 160 -59.55 18.60 27.10
N ILE G 161 -58.30 18.14 26.98
CA ILE G 161 -57.38 18.52 25.91
C ILE G 161 -57.08 17.31 25.06
N SER G 162 -57.07 17.47 23.74
CA SER G 162 -56.79 16.36 22.85
C SER G 162 -55.54 16.64 22.05
N CYS G 163 -54.89 15.55 21.62
CA CYS G 163 -53.63 15.55 20.91
C CYS G 163 -53.77 14.56 19.76
N ARG G 164 -53.71 15.06 18.53
CA ARG G 164 -53.87 14.26 17.32
C ARG G 164 -52.48 14.06 16.75
N ALA G 165 -52.10 12.82 16.49
CA ALA G 165 -50.81 12.51 15.89
C ALA G 165 -50.97 12.22 14.41
N SER G 166 -50.04 12.72 13.60
CA SER G 166 -50.10 12.50 12.17
C SER G 166 -49.77 11.06 11.79
N GLU G 167 -49.18 10.27 12.70
CA GLU G 167 -48.94 8.85 12.45
C GLU G 167 -48.99 8.14 13.80
N SER G 168 -49.38 6.88 13.79
CA SER G 168 -49.53 6.13 15.04
C SER G 168 -48.23 6.15 15.82
N VAL G 169 -48.34 6.41 17.12
CA VAL G 169 -47.21 6.49 18.04
C VAL G 169 -47.18 5.24 18.92
N ASP G 170 -47.75 4.16 18.39
CA ASP G 170 -47.88 2.89 19.07
C ASP G 170 -46.80 1.91 18.63
N SER G 171 -46.23 1.20 19.60
CA SER G 171 -45.28 0.14 19.35
C SER G 171 -45.31 -0.83 20.52
N TYR G 172 -45.22 -2.12 20.20
CA TYR G 172 -45.22 -3.21 21.18
C TYR G 172 -46.49 -3.24 22.02
N GLY G 173 -47.57 -2.62 21.54
CA GLY G 173 -48.80 -2.60 22.28
C GLY G 173 -48.92 -1.50 23.31
N TYR G 174 -47.96 -0.57 23.33
CA TYR G 174 -48.01 0.61 24.18
C TYR G 174 -48.20 1.84 23.29
N SER G 175 -48.66 2.92 23.89
CA SER G 175 -48.72 4.20 23.19
C SER G 175 -47.57 5.06 23.73
N PHE G 176 -46.61 5.39 22.87
CA PHE G 176 -45.45 6.16 23.33
C PHE G 176 -45.77 7.64 23.18
N MET G 177 -46.60 8.10 24.13
CA MET G 177 -47.29 9.39 24.19
C MET G 177 -47.30 9.85 25.64
N HIS G 178 -46.97 11.12 25.90
CA HIS G 178 -46.87 11.59 27.28
C HIS G 178 -47.38 13.02 27.39
N TRP G 179 -47.79 13.40 28.61
CA TRP G 179 -48.40 14.71 28.90
C TRP G 179 -47.62 15.43 29.99
N TYR G 180 -47.31 16.70 29.76
CA TYR G 180 -46.51 17.50 30.67
C TYR G 180 -47.21 18.82 31.01
N GLN G 181 -46.95 19.30 32.23
CA GLN G 181 -47.35 20.62 32.71
C GLN G 181 -46.10 21.46 32.91
N GLN G 182 -46.17 22.73 32.52
CA GLN G 182 -45.06 23.66 32.67
C GLN G 182 -45.63 24.95 33.21
N LYS G 183 -45.40 25.24 34.48
CA LYS G 183 -45.73 26.59 34.92
C LYS G 183 -44.72 27.55 34.29
N PRO G 184 -45.11 28.78 34.02
CA PRO G 184 -44.18 29.71 33.36
C PRO G 184 -42.94 29.94 34.22
N GLY G 185 -41.78 29.92 33.57
CA GLY G 185 -40.51 30.09 34.26
C GLY G 185 -40.04 28.90 35.06
N GLN G 186 -40.26 27.68 34.56
CA GLN G 186 -39.93 26.46 35.28
C GLN G 186 -39.82 25.36 34.25
N PRO G 187 -39.06 24.29 34.55
CA PRO G 187 -39.01 23.16 33.63
C PRO G 187 -40.35 22.43 33.63
N PRO G 188 -40.69 21.76 32.54
CA PRO G 188 -41.89 20.92 32.55
C PRO G 188 -41.81 19.83 33.61
N LYS G 189 -42.98 19.28 33.93
CA LYS G 189 -43.12 18.19 34.87
C LYS G 189 -44.02 17.16 34.21
N VAL G 190 -43.78 15.88 34.50
CA VAL G 190 -44.55 14.81 33.87
C VAL G 190 -45.85 14.57 34.63
N LEU G 191 -46.92 14.34 33.88
CA LEU G 191 -48.20 13.97 34.45
C LEU G 191 -48.61 12.55 34.09
N ILE G 192 -48.74 12.28 32.79
CA ILE G 192 -49.19 10.99 32.28
C ILE G 192 -48.10 10.46 31.39
N TYR G 193 -47.70 9.20 31.59
CA TYR G 193 -46.72 8.56 30.73
C TYR G 193 -47.34 7.29 30.14
N LEU G 194 -47.07 7.09 28.85
CA LEU G 194 -47.60 5.95 28.13
C LEU G 194 -49.12 6.09 28.03
N ALA G 195 -49.58 7.34 27.83
CA ALA G 195 -50.96 7.65 27.48
C ALA G 195 -51.96 7.54 28.62
N SER G 196 -51.74 6.60 29.57
CA SER G 196 -52.76 6.29 30.56
C SER G 196 -52.20 5.98 31.95
N ASN G 197 -50.93 6.24 32.23
CA ASN G 197 -50.32 5.94 33.51
C ASN G 197 -50.11 7.22 34.30
N LEU G 198 -50.55 7.21 35.56
CA LEU G 198 -50.45 8.36 36.45
C LEU G 198 -49.06 8.35 37.10
N GLU G 199 -48.22 9.33 36.76
CA GLU G 199 -46.90 9.42 37.34
C GLU G 199 -46.98 9.45 38.87
N SER G 200 -46.00 8.84 39.51
CA SER G 200 -45.98 8.76 40.95
C SER G 200 -45.97 10.15 41.55
N GLY G 201 -46.86 10.40 42.51
CA GLY G 201 -46.90 11.68 43.17
C GLY G 201 -47.72 12.75 42.48
N VAL G 202 -48.34 12.45 41.35
CA VAL G 202 -49.21 13.40 40.66
C VAL G 202 -50.65 13.14 41.09
N PRO G 203 -51.42 14.17 41.46
CA PRO G 203 -52.76 13.94 42.02
C PRO G 203 -53.68 13.23 41.03
N ALA G 204 -54.60 12.42 41.59
CA ALA G 204 -55.40 11.52 40.78
C ALA G 204 -56.39 12.22 39.86
N ARG G 205 -56.54 13.54 39.99
CA ARG G 205 -57.49 14.28 39.15
C ARG G 205 -57.06 14.30 37.68
N PHE G 206 -55.78 14.06 37.41
CA PHE G 206 -55.29 13.93 36.06
C PHE G 206 -55.56 12.52 35.56
N SER G 207 -55.95 12.38 34.30
CA SER G 207 -56.14 11.06 33.71
C SER G 207 -55.89 11.17 32.23
N GLY G 208 -55.41 10.08 31.66
CA GLY G 208 -55.18 10.01 30.23
C GLY G 208 -55.87 8.79 29.64
N SER G 209 -56.19 8.91 28.36
CA SER G 209 -56.78 7.82 27.61
C SER G 209 -56.47 8.05 26.14
N GLY G 210 -56.75 7.02 25.35
CA GLY G 210 -56.55 7.09 23.92
C GLY G 210 -55.52 6.07 23.47
N SER G 211 -55.36 6.00 22.16
CA SER G 211 -54.36 5.14 21.55
C SER G 211 -54.13 5.63 20.12
N ARG G 212 -53.08 5.08 19.51
CA ARG G 212 -52.75 5.31 18.10
C ARG G 212 -52.57 6.82 17.82
N THR G 213 -53.58 7.50 17.29
CA THR G 213 -53.38 8.89 16.88
C THR G 213 -54.20 9.89 17.69
N ASP G 214 -55.07 9.45 18.60
CA ASP G 214 -55.94 10.35 19.35
C ASP G 214 -55.81 10.12 20.85
N PHE G 215 -55.36 11.15 21.56
CA PHE G 215 -55.15 11.10 23.00
C PHE G 215 -55.83 12.29 23.65
N THR G 216 -56.26 12.11 24.90
CA THR G 216 -56.90 13.19 25.65
C THR G 216 -56.46 13.14 27.09
N LEU G 217 -56.01 14.28 27.59
CA LEU G 217 -55.77 14.50 29.01
C LEU G 217 -56.99 15.13 29.65
N THR G 218 -57.34 14.69 30.87
CA THR G 218 -58.50 15.19 31.57
C THR G 218 -58.14 15.58 33.00
N ILE G 219 -58.51 16.79 33.39
CA ILE G 219 -58.38 17.30 34.74
C ILE G 219 -59.78 17.44 35.30
N ASP G 220 -60.08 16.71 36.36
CA ASP G 220 -61.44 16.75 36.88
C ASP G 220 -61.38 16.47 38.38
N PRO G 221 -61.56 17.48 39.27
CA PRO G 221 -61.85 18.89 38.98
C PRO G 221 -60.60 19.77 38.85
N VAL G 222 -60.63 20.74 37.93
CA VAL G 222 -59.56 21.70 37.84
C VAL G 222 -59.49 22.51 39.14
N GLU G 223 -58.30 22.98 39.49
CA GLU G 223 -58.11 23.69 40.74
C GLU G 223 -57.29 24.96 40.51
N ALA G 224 -57.25 25.81 41.55
CA ALA G 224 -56.57 27.10 41.46
C ALA G 224 -55.10 26.91 41.08
N ASP G 225 -54.53 25.76 41.43
CA ASP G 225 -53.13 25.41 41.23
C ASP G 225 -52.79 24.97 39.80
N ASP G 226 -53.78 24.65 38.97
CA ASP G 226 -53.52 23.97 37.70
C ASP G 226 -53.26 24.92 36.53
N ALA G 227 -53.19 26.23 36.77
CA ALA G 227 -52.99 27.18 35.68
C ALA G 227 -51.54 27.12 35.21
N ALA G 228 -51.34 26.58 34.02
CA ALA G 228 -50.02 26.37 33.43
C ALA G 228 -50.23 26.09 31.94
N THR G 229 -49.18 25.70 31.25
CA THR G 229 -49.24 25.29 29.85
C THR G 229 -49.02 23.79 29.76
N TYR G 230 -49.82 23.12 28.95
CA TYR G 230 -49.86 21.66 28.91
C TYR G 230 -49.47 21.16 27.52
N TYR G 231 -48.47 20.27 27.48
CA TYR G 231 -47.85 19.77 26.26
C TYR G 231 -47.98 18.25 26.16
N CYS G 232 -48.22 17.73 24.94
CA CYS G 232 -48.07 16.31 24.66
C CYS G 232 -46.77 16.07 23.89
N GLN G 233 -46.23 14.86 24.03
CA GLN G 233 -44.96 14.49 23.43
C GLN G 233 -45.00 13.01 23.05
N GLN G 234 -44.28 12.65 21.99
CA GLN G 234 -44.17 11.25 21.58
C GLN G 234 -42.71 10.84 21.52
N ASN G 235 -42.44 9.56 21.77
CA ASN G 235 -41.12 9.02 21.53
C ASN G 235 -41.23 7.65 20.86
N ASN G 236 -42.13 7.55 19.89
CA ASN G 236 -42.23 6.34 19.09
C ASN G 236 -41.32 6.36 17.88
N GLU G 237 -40.92 7.53 17.39
CA GLU G 237 -39.97 7.64 16.29
C GLU G 237 -39.21 8.94 16.35
N ASN G 238 -38.03 8.93 15.78
CA ASN G 238 -37.17 10.10 15.69
C ASN G 238 -37.59 11.00 14.53
N PRO G 239 -37.61 12.32 14.74
CA PRO G 239 -37.21 12.97 16.00
C PRO G 239 -38.31 12.95 17.04
N LEU G 240 -37.96 13.03 18.33
CA LEU G 240 -38.99 13.23 19.35
C LEU G 240 -39.63 14.59 19.14
N THR G 241 -40.96 14.63 19.21
CA THR G 241 -41.70 15.84 18.86
C THR G 241 -42.66 16.20 19.99
N PHE G 242 -43.00 17.49 20.06
CA PHE G 242 -43.94 18.00 21.06
C PHE G 242 -45.13 18.61 20.34
N GLY G 243 -46.22 18.76 21.08
CA GLY G 243 -47.33 19.54 20.60
C GLY G 243 -47.06 21.03 20.68
N ALA G 244 -47.98 21.82 20.14
CA ALA G 244 -47.79 23.25 20.21
C ALA G 244 -47.99 23.75 21.64
N GLY G 245 -48.65 22.95 22.47
CA GLY G 245 -49.02 23.35 23.81
C GLY G 245 -50.48 23.72 23.89
N THR G 246 -51.04 23.65 25.11
CA THR G 246 -52.36 24.21 25.41
C THR G 246 -52.25 25.01 26.69
N LYS G 247 -52.45 26.32 26.60
CA LYS G 247 -52.36 27.21 27.75
C LYS G 247 -53.71 27.25 28.47
N LEU G 248 -53.73 26.80 29.71
CA LEU G 248 -54.96 26.76 30.51
C LEU G 248 -55.05 27.99 31.42
N GLU G 249 -56.23 28.64 31.40
CA GLU G 249 -56.50 29.88 32.15
C GLU G 249 -57.69 29.59 33.05
N LEU G 250 -57.66 30.15 34.26
CA LEU G 250 -58.74 30.02 35.22
C LEU G 250 -59.68 31.22 35.11
N LYS G 251 -60.99 30.95 35.10
CA LYS G 251 -62.00 32.04 35.02
C LYS G 251 -62.29 32.65 36.38
N GLU H 4 10.24 -31.29 -41.56
CA GLU H 4 11.57 -30.72 -41.42
C GLU H 4 11.49 -29.27 -40.95
N VAL H 5 12.50 -28.87 -40.18
CA VAL H 5 12.61 -27.54 -39.58
C VAL H 5 14.05 -27.09 -39.78
N GLN H 6 14.23 -25.79 -40.06
CA GLN H 6 15.53 -25.21 -40.35
C GLN H 6 15.87 -24.15 -39.29
N LEU H 7 17.01 -24.29 -38.63
CA LEU H 7 17.39 -23.46 -37.49
C LEU H 7 18.62 -22.60 -37.81
N GLN H 8 18.53 -21.29 -37.54
CA GLN H 8 19.54 -20.28 -37.90
C GLN H 8 19.98 -19.50 -36.66
N GLN H 9 21.17 -19.79 -36.13
CA GLN H 9 21.66 -19.11 -34.93
C GLN H 9 22.52 -17.89 -35.25
N SER H 10 22.63 -16.99 -34.27
CA SER H 10 23.33 -15.73 -34.49
C SER H 10 24.84 -15.95 -34.52
N GLY H 11 25.54 -14.88 -34.89
CA GLY H 11 26.97 -14.92 -35.09
C GLY H 11 27.74 -15.06 -33.79
N PRO H 12 29.05 -15.23 -33.89
CA PRO H 12 29.87 -15.45 -32.69
C PRO H 12 30.12 -14.15 -31.94
N GLU H 13 30.34 -14.29 -30.63
CA GLU H 13 30.44 -13.13 -29.74
C GLU H 13 31.70 -13.28 -28.88
N LEU H 14 32.53 -12.23 -28.83
CA LEU H 14 33.70 -12.18 -27.96
C LEU H 14 33.52 -11.02 -26.99
N VAL H 15 33.39 -11.30 -25.68
CA VAL H 15 32.90 -10.35 -24.69
C VAL H 15 33.84 -10.28 -23.49
N LYS H 16 33.83 -9.10 -22.79
CA LYS H 16 34.57 -8.90 -21.56
C LYS H 16 33.83 -9.51 -20.38
N PRO H 17 34.55 -10.00 -19.37
CA PRO H 17 33.89 -10.50 -18.16
C PRO H 17 33.18 -9.38 -17.41
N GLY H 18 31.96 -9.67 -16.96
CA GLY H 18 31.11 -8.71 -16.26
C GLY H 18 29.99 -8.13 -17.10
N ALA H 19 30.12 -8.13 -18.43
CA ALA H 19 29.10 -7.62 -19.34
C ALA H 19 28.11 -8.73 -19.70
N SER H 20 27.09 -8.37 -20.48
CA SER H 20 26.03 -9.27 -20.91
C SER H 20 26.05 -9.43 -22.42
N VAL H 21 25.48 -10.55 -22.88
CA VAL H 21 25.38 -10.83 -24.31
C VAL H 21 24.04 -11.49 -24.59
N LYS H 22 23.49 -11.20 -25.78
CA LYS H 22 22.21 -11.74 -26.19
C LYS H 22 22.36 -12.34 -27.58
N MET H 23 22.08 -13.62 -27.70
CA MET H 23 22.14 -14.34 -28.97
C MET H 23 20.74 -14.73 -29.41
N SER H 24 20.62 -15.02 -30.71
CA SER H 24 19.33 -15.25 -31.31
C SER H 24 19.35 -16.59 -32.03
N CYS H 25 18.15 -17.09 -32.30
CA CYS H 25 17.94 -18.33 -33.02
C CYS H 25 16.64 -18.20 -33.78
N LYS H 26 16.68 -18.42 -35.09
CA LYS H 26 15.52 -18.27 -35.96
C LYS H 26 15.07 -19.65 -36.45
N ALA H 27 13.78 -19.92 -36.32
CA ALA H 27 13.19 -21.19 -36.74
C ALA H 27 12.33 -21.00 -37.97
N SER H 28 12.34 -21.96 -38.88
CA SER H 28 11.51 -21.94 -40.07
C SER H 28 10.85 -23.30 -40.25
N GLY H 29 9.57 -23.30 -40.62
CA GLY H 29 8.81 -24.54 -40.66
C GLY H 29 8.22 -24.95 -39.33
N CYS H 30 8.07 -24.01 -38.41
CA CYS H 30 7.49 -24.30 -37.12
C CYS H 30 5.97 -24.30 -37.20
N THR H 31 5.34 -25.04 -36.30
CA THR H 31 3.94 -24.85 -35.98
C THR H 31 3.83 -24.73 -34.47
N LEU H 32 2.68 -24.26 -34.00
CA LEU H 32 2.46 -24.07 -32.57
C LEU H 32 2.66 -25.36 -31.79
N THR H 33 2.30 -26.50 -32.39
CA THR H 33 2.26 -27.77 -31.66
C THR H 33 3.66 -28.33 -31.42
N ASN H 34 4.56 -28.23 -32.40
CA ASN H 34 5.98 -28.40 -32.14
C ASN H 34 6.59 -27.03 -31.88
N CYS H 35 7.84 -26.82 -32.27
CA CYS H 35 8.51 -25.52 -32.18
C CYS H 35 8.89 -25.14 -30.76
N PHE H 36 9.27 -26.12 -29.96
CA PHE H 36 9.90 -25.84 -28.67
C PHE H 36 11.40 -25.80 -28.90
N MET H 37 11.97 -24.59 -28.83
CA MET H 37 13.39 -24.39 -29.09
C MET H 37 14.16 -24.58 -27.80
N HIS H 38 14.89 -25.69 -27.71
CA HIS H 38 15.71 -25.94 -26.53
C HIS H 38 17.10 -25.35 -26.74
N TRP H 39 17.72 -24.98 -25.62
CA TRP H 39 19.06 -24.39 -25.64
C TRP H 39 19.95 -25.21 -24.72
N MET H 40 21.15 -25.54 -25.21
CA MET H 40 22.14 -26.29 -24.46
C MET H 40 23.52 -25.64 -24.58
N LYS H 41 24.33 -25.82 -23.54
CA LYS H 41 25.68 -25.25 -23.45
C LYS H 41 26.70 -26.37 -23.56
N GLN H 42 27.69 -26.22 -24.43
CA GLN H 42 28.71 -27.25 -24.60
C GLN H 42 30.10 -26.62 -24.59
N LYS H 43 30.78 -26.73 -23.44
CA LYS H 43 32.17 -26.32 -23.29
C LYS H 43 33.03 -26.97 -24.39
N PRO H 44 34.15 -26.34 -24.80
CA PRO H 44 35.00 -26.91 -25.85
C PRO H 44 35.37 -28.36 -25.59
N GLY H 45 34.81 -29.27 -26.39
CA GLY H 45 35.05 -30.69 -26.24
C GLY H 45 34.55 -31.22 -24.92
N GLN H 46 33.30 -30.92 -24.57
CA GLN H 46 32.72 -31.30 -23.28
C GLN H 46 31.31 -31.85 -23.48
N ASP H 47 30.72 -32.35 -22.40
CA ASP H 47 29.31 -32.75 -22.41
C ASP H 47 28.43 -31.54 -22.68
N LEU H 48 27.15 -31.82 -22.92
CA LEU H 48 26.16 -30.78 -23.14
C LEU H 48 25.26 -30.60 -21.92
N GLU H 49 25.18 -29.37 -21.43
CA GLU H 49 24.22 -29.00 -20.40
C GLU H 49 22.97 -28.44 -21.04
N TRP H 50 21.82 -28.83 -20.50
CA TRP H 50 20.54 -28.32 -20.99
C TRP H 50 20.14 -27.08 -20.20
N ILE H 51 19.88 -25.99 -20.92
CA ILE H 51 19.49 -24.72 -20.31
C ILE H 51 17.99 -24.61 -20.15
N GLY H 52 17.25 -24.90 -21.22
CA GLY H 52 15.81 -24.77 -21.18
C GLY H 52 15.25 -24.70 -22.59
N TYR H 53 13.96 -24.36 -22.67
CA TYR H 53 13.28 -24.26 -23.95
C TYR H 53 12.39 -23.03 -23.94
N ILE H 54 12.07 -22.53 -25.13
CA ILE H 54 11.07 -21.48 -25.27
C ILE H 54 10.41 -21.62 -26.63
N ASN H 55 9.09 -21.72 -26.63
CA ASN H 55 8.32 -21.79 -27.86
C ASN H 55 7.78 -20.40 -28.20
N PRO H 56 8.22 -19.78 -29.30
CA PRO H 56 7.81 -18.39 -29.56
C PRO H 56 6.32 -18.20 -29.82
N TYR H 57 5.61 -19.17 -30.40
CA TYR H 57 4.18 -18.97 -30.64
C TYR H 57 3.39 -18.87 -29.33
N ASN H 58 3.72 -19.72 -28.35
CA ASN H 58 3.09 -19.82 -27.05
C ASN H 58 3.73 -18.89 -26.05
N ASP H 59 5.05 -18.72 -26.13
CA ASP H 59 5.88 -18.15 -25.05
C ASP H 59 5.95 -19.06 -23.82
N MET H 60 5.78 -20.38 -23.99
CA MET H 60 6.12 -21.33 -22.93
C MET H 60 7.63 -21.39 -22.72
N THR H 61 8.09 -21.22 -21.49
CA THR H 61 9.50 -21.39 -21.20
C THR H 61 9.69 -22.26 -19.97
N LYS H 62 10.84 -22.94 -19.93
CA LYS H 62 11.32 -23.66 -18.75
C LYS H 62 12.82 -23.58 -18.73
N TYR H 63 13.40 -23.47 -17.54
CA TYR H 63 14.83 -23.43 -17.33
C TYR H 63 15.29 -24.62 -16.50
N SER H 64 16.50 -25.10 -16.76
CA SER H 64 17.14 -25.97 -15.80
C SER H 64 17.68 -25.11 -14.65
N GLU H 65 17.71 -25.69 -13.45
CA GLU H 65 18.02 -24.91 -12.25
C GLU H 65 19.36 -24.17 -12.38
N ASN H 66 20.33 -24.79 -13.07
CA ASN H 66 21.70 -24.25 -13.20
C ASN H 66 21.74 -22.86 -13.81
N PHE H 67 20.81 -22.55 -14.71
CA PHE H 67 20.93 -21.35 -15.54
C PHE H 67 19.95 -20.25 -15.14
N LYS H 68 19.38 -20.34 -13.94
CA LYS H 68 18.30 -19.41 -13.60
C LYS H 68 18.80 -17.99 -13.40
N GLY H 69 19.98 -17.80 -12.78
CA GLY H 69 20.52 -16.46 -12.69
C GLY H 69 21.26 -16.01 -13.94
N LYS H 70 21.71 -16.97 -14.75
CA LYS H 70 22.60 -16.75 -15.89
C LYS H 70 21.85 -16.48 -17.19
N ALA H 71 20.88 -17.33 -17.53
CA ALA H 71 20.20 -17.25 -18.83
C ALA H 71 18.82 -16.63 -18.70
N THR H 72 18.44 -15.86 -19.72
CA THR H 72 17.11 -15.29 -19.86
C THR H 72 16.62 -15.57 -21.28
N LEU H 73 15.50 -16.28 -21.38
CA LEU H 73 14.94 -16.67 -22.67
C LEU H 73 13.80 -15.75 -23.05
N THR H 74 13.88 -15.17 -24.23
CA THR H 74 12.83 -14.29 -24.74
C THR H 74 12.56 -14.68 -26.20
N SER H 75 11.48 -14.16 -26.77
CA SER H 75 11.00 -14.67 -28.05
C SER H 75 10.36 -13.56 -28.87
N ASP H 76 10.06 -13.91 -30.12
CA ASP H 76 9.28 -13.06 -31.02
C ASP H 76 8.34 -13.95 -31.84
N LYS H 77 7.02 -13.84 -31.59
CA LYS H 77 6.05 -14.67 -32.29
C LYS H 77 6.17 -14.53 -33.81
N SER H 78 6.31 -13.30 -34.30
CA SER H 78 6.18 -13.04 -35.72
C SER H 78 7.22 -13.82 -36.52
N SER H 79 8.50 -13.60 -36.22
CA SER H 79 9.63 -14.28 -36.84
C SER H 79 9.88 -15.68 -36.27
N SER H 80 9.20 -16.06 -35.20
CA SER H 80 9.52 -17.27 -34.44
C SER H 80 11.02 -17.35 -34.18
N THR H 81 11.49 -16.41 -33.37
CA THR H 81 12.89 -16.29 -33.02
C THR H 81 13.04 -16.40 -31.51
N ALA H 82 14.03 -17.18 -31.05
CA ALA H 82 14.35 -17.29 -29.63
C ALA H 82 15.61 -16.50 -29.31
N PHE H 83 15.62 -15.87 -28.14
CA PHE H 83 16.75 -15.09 -27.64
C PHE H 83 17.23 -15.61 -26.29
N MET H 84 18.55 -15.55 -26.09
CA MET H 84 19.18 -15.85 -24.81
C MET H 84 20.02 -14.66 -24.36
N GLU H 85 19.79 -14.19 -23.14
CA GLU H 85 20.60 -13.12 -22.56
C GLU H 85 21.34 -13.73 -21.38
N LEU H 86 22.59 -13.31 -21.17
CA LEU H 86 23.44 -14.09 -20.28
C LEU H 86 24.05 -13.30 -19.10
N SER H 87 23.27 -12.40 -18.49
CA SER H 87 23.57 -11.81 -17.18
C SER H 87 25.05 -11.54 -16.89
N SER H 88 25.52 -11.89 -15.69
CA SER H 88 26.93 -11.69 -15.31
C SER H 88 27.77 -12.78 -15.95
N LEU H 89 28.71 -12.37 -16.81
CA LEU H 89 29.48 -13.33 -17.60
C LEU H 89 30.81 -13.58 -16.93
N THR H 90 31.16 -14.84 -16.78
CA THR H 90 32.45 -15.25 -16.27
C THR H 90 33.13 -16.10 -17.34
N SER H 91 34.41 -16.40 -17.16
CA SER H 91 35.07 -17.26 -18.12
C SER H 91 34.52 -18.70 -18.07
N GLU H 92 33.77 -19.04 -17.03
CA GLU H 92 33.05 -20.32 -16.98
C GLU H 92 31.93 -20.40 -18.00
N ASP H 93 31.52 -19.29 -18.59
CA ASP H 93 30.46 -19.25 -19.58
C ASP H 93 30.97 -19.35 -21.01
N SER H 94 32.28 -19.38 -21.25
CA SER H 94 32.79 -19.52 -22.61
C SER H 94 32.47 -20.91 -23.13
N ALA H 95 31.67 -21.00 -24.20
CA ALA H 95 31.30 -22.29 -24.77
C ALA H 95 30.59 -22.05 -26.11
N VAL H 96 30.30 -23.14 -26.79
CA VAL H 96 29.42 -23.12 -27.96
C VAL H 96 27.99 -23.34 -27.49
N TYR H 97 27.07 -22.46 -27.88
CA TYR H 97 25.69 -22.54 -27.41
C TYR H 97 24.79 -22.98 -28.55
N TYR H 98 24.18 -24.15 -28.41
CA TYR H 98 23.37 -24.78 -29.45
C TYR H 98 21.89 -24.51 -29.24
N CYS H 99 21.19 -24.26 -30.34
CA CYS H 99 19.74 -24.06 -30.37
C CYS H 99 19.15 -25.21 -31.17
N ALA H 100 18.29 -26.00 -30.55
CA ALA H 100 17.73 -27.17 -31.19
C ALA H 100 16.22 -27.17 -31.04
N ARG H 101 15.54 -27.75 -32.02
CA ARG H 101 14.09 -27.89 -31.98
C ARG H 101 13.71 -29.15 -31.21
N GLY H 102 12.77 -29.02 -30.28
CA GLY H 102 12.36 -30.13 -29.43
C GLY H 102 10.89 -30.11 -29.08
N TYR H 103 10.49 -30.82 -28.02
CA TYR H 103 9.09 -30.91 -27.63
C TYR H 103 8.97 -30.77 -26.13
N LEU H 104 7.80 -31.10 -25.59
CA LEU H 104 7.66 -31.10 -24.15
C LEU H 104 8.28 -32.37 -23.61
N LEU H 105 7.98 -32.76 -22.36
CA LEU H 105 8.88 -33.62 -21.63
C LEU H 105 9.04 -34.99 -22.27
N ARG H 106 8.09 -35.90 -22.09
CA ARG H 106 8.33 -37.25 -22.59
C ARG H 106 7.83 -37.30 -24.03
N THR H 107 8.59 -36.66 -24.91
CA THR H 107 8.15 -36.46 -26.29
C THR H 107 9.36 -36.32 -27.18
N GLY H 108 9.44 -37.15 -28.23
CA GLY H 108 10.40 -36.98 -29.29
C GLY H 108 11.85 -36.81 -28.86
N CYS H 109 12.67 -36.27 -29.75
CA CYS H 109 14.08 -36.00 -29.50
C CYS H 109 14.42 -34.66 -30.14
N PHE H 110 15.69 -34.27 -30.08
CA PHE H 110 16.11 -32.99 -30.67
C PHE H 110 16.34 -33.19 -32.17
N ASP H 111 15.23 -33.29 -32.89
CA ASP H 111 15.12 -33.42 -34.34
C ASP H 111 16.20 -32.70 -35.15
N TYR H 112 16.20 -31.37 -35.08
CA TYR H 112 17.01 -30.52 -35.96
C TYR H 112 17.76 -29.54 -35.09
N TRP H 113 18.92 -29.08 -35.56
CA TRP H 113 19.80 -28.27 -34.74
C TRP H 113 20.23 -27.01 -35.46
N GLY H 114 20.40 -25.94 -34.69
CA GLY H 114 21.05 -24.75 -35.19
C GLY H 114 22.54 -24.98 -35.32
N GLN H 115 23.20 -24.06 -36.04
CA GLN H 115 24.59 -24.30 -36.35
C GLN H 115 25.51 -24.09 -35.16
N GLY H 116 25.05 -23.39 -34.13
CA GLY H 116 25.85 -23.18 -32.94
C GLY H 116 26.45 -21.80 -32.88
N THR H 117 26.47 -21.20 -31.69
CA THR H 117 27.08 -19.90 -31.47
C THR H 117 28.19 -20.00 -30.44
N THR H 118 29.37 -19.50 -30.81
CA THR H 118 30.57 -19.58 -29.96
C THR H 118 30.73 -18.29 -29.15
N LEU H 119 30.68 -18.42 -27.82
CA LEU H 119 30.85 -17.30 -26.89
C LEU H 119 32.22 -17.42 -26.22
N THR H 120 33.06 -16.39 -26.37
CA THR H 120 34.38 -16.33 -25.73
C THR H 120 34.41 -15.17 -24.75
N VAL H 121 34.69 -15.49 -23.48
CA VAL H 121 34.85 -14.51 -22.41
C VAL H 121 36.35 -14.39 -22.09
N SER H 122 36.94 -13.22 -22.36
CA SER H 122 38.38 -13.07 -22.21
C SER H 122 38.73 -11.63 -21.81
N SER H 123 39.98 -11.46 -21.37
CA SER H 123 40.55 -10.18 -20.95
C SER H 123 41.78 -9.80 -21.79
N GLY H 140 18.62 -35.34 -7.30
CA GLY H 140 17.82 -36.38 -7.94
C GLY H 140 17.67 -36.29 -9.45
N ASN H 141 18.66 -35.68 -10.12
CA ASN H 141 18.73 -35.71 -11.59
C ASN H 141 18.91 -37.13 -12.10
N ILE H 142 18.41 -37.39 -13.31
CA ILE H 142 18.73 -38.63 -13.99
C ILE H 142 20.09 -38.41 -14.66
N VAL H 143 21.11 -39.13 -14.20
CA VAL H 143 22.49 -38.99 -14.68
C VAL H 143 22.78 -40.15 -15.62
N LEU H 144 23.21 -39.83 -16.84
CA LEU H 144 23.58 -40.84 -17.83
C LEU H 144 25.10 -40.99 -17.87
N THR H 145 25.58 -42.20 -17.61
CA THR H 145 27.01 -42.48 -17.69
C THR H 145 27.24 -43.42 -18.87
N GLN H 146 28.10 -43.01 -19.79
CA GLN H 146 28.41 -43.73 -21.00
C GLN H 146 29.66 -44.58 -20.85
N SER H 147 29.68 -45.72 -21.56
CA SER H 147 30.82 -46.68 -21.65
C SER H 147 30.92 -47.15 -23.09
N PRO H 148 32.13 -47.17 -23.67
CA PRO H 148 33.36 -46.71 -23.00
C PRO H 148 33.57 -45.22 -23.21
N ALA H 149 34.60 -44.63 -22.57
CA ALA H 149 34.83 -43.20 -22.74
C ALA H 149 35.42 -42.87 -24.10
N SER H 150 36.36 -43.68 -24.58
CA SER H 150 36.92 -43.56 -25.92
C SER H 150 37.08 -44.96 -26.49
N LEU H 151 37.06 -45.04 -27.81
CA LEU H 151 36.96 -46.36 -28.44
C LEU H 151 37.52 -46.26 -29.84
N ALA H 152 38.44 -47.17 -30.19
CA ALA H 152 39.05 -47.22 -31.52
C ALA H 152 38.64 -48.48 -32.26
N VAL H 153 38.36 -48.35 -33.56
CA VAL H 153 37.80 -49.45 -34.34
C VAL H 153 38.19 -49.28 -35.81
N SER H 154 38.26 -50.39 -36.54
CA SER H 154 38.61 -50.36 -37.96
C SER H 154 37.32 -50.42 -38.77
N LEU H 155 37.44 -50.08 -40.06
CA LEU H 155 36.33 -50.26 -40.99
C LEU H 155 35.81 -51.69 -40.90
N GLY H 156 34.49 -51.84 -41.06
CA GLY H 156 33.89 -53.15 -41.13
C GLY H 156 33.64 -53.85 -39.81
N GLN H 157 34.14 -53.33 -38.70
CA GLN H 157 33.97 -53.95 -37.39
C GLN H 157 32.67 -53.46 -36.72
N ARG H 158 32.44 -53.86 -35.47
CA ARG H 158 31.24 -53.53 -34.71
C ARG H 158 31.59 -52.65 -33.52
N ALA H 159 30.95 -51.50 -33.40
CA ALA H 159 31.16 -50.61 -32.26
C ALA H 159 29.97 -50.72 -31.30
N THR H 160 30.27 -50.85 -30.02
CA THR H 160 29.25 -50.99 -28.99
C THR H 160 29.43 -49.87 -27.98
N ILE H 161 28.41 -49.02 -27.87
CA ILE H 161 28.40 -47.98 -26.84
C ILE H 161 27.18 -48.24 -25.96
N SER H 162 27.38 -48.18 -24.65
CA SER H 162 26.32 -48.44 -23.70
C SER H 162 26.11 -47.23 -22.83
N CYS H 163 24.89 -47.05 -22.36
CA CYS H 163 24.50 -45.87 -21.60
C CYS H 163 23.69 -46.34 -20.42
N ARG H 164 24.19 -46.11 -19.22
CA ARG H 164 23.47 -46.51 -18.02
C ARG H 164 22.89 -45.26 -17.41
N ALA H 165 21.59 -45.30 -17.14
CA ALA H 165 20.87 -44.22 -16.50
C ALA H 165 20.77 -44.54 -15.01
N SER H 166 20.97 -43.51 -14.18
CA SER H 166 20.93 -43.73 -12.74
C SER H 166 19.52 -44.00 -12.23
N GLU H 167 18.49 -43.68 -13.02
CA GLU H 167 17.11 -43.99 -12.68
C GLU H 167 16.37 -44.27 -13.96
N SER H 168 15.32 -45.09 -13.87
CA SER H 168 14.60 -45.53 -15.06
C SER H 168 14.19 -44.34 -15.93
N VAL H 169 14.35 -44.48 -17.24
CA VAL H 169 13.90 -43.43 -18.18
C VAL H 169 12.70 -43.94 -18.95
N ASP H 170 11.95 -44.86 -18.36
CA ASP H 170 10.77 -45.41 -19.00
C ASP H 170 9.51 -44.75 -18.47
N SER H 171 8.58 -44.44 -19.39
CA SER H 171 7.29 -43.89 -19.03
C SER H 171 6.29 -44.24 -20.12
N TYR H 172 5.08 -44.61 -19.71
CA TYR H 172 4.02 -44.96 -20.64
C TYR H 172 4.37 -46.14 -21.52
N GLY H 173 5.36 -46.95 -21.10
CA GLY H 173 5.77 -48.08 -21.91
C GLY H 173 6.79 -47.77 -23.00
N TYR H 174 7.36 -46.58 -23.05
CA TYR H 174 8.43 -46.23 -23.96
C TYR H 174 9.69 -45.91 -23.15
N SER H 175 10.83 -45.95 -23.82
CA SER H 175 12.10 -45.49 -23.25
C SER H 175 12.45 -44.13 -23.85
N PHE H 176 12.50 -43.10 -23.00
CA PHE H 176 12.77 -41.74 -23.50
C PHE H 176 14.28 -41.49 -23.46
N MET H 177 14.93 -42.09 -24.45
CA MET H 177 16.36 -42.27 -24.60
C MET H 177 16.73 -42.09 -26.07
N HIS H 178 17.79 -41.33 -26.36
CA HIS H 178 18.12 -41.04 -27.74
C HIS H 178 19.63 -41.02 -27.94
N TRP H 179 20.06 -41.23 -29.19
CA TRP H 179 21.47 -41.33 -29.54
C TRP H 179 21.79 -40.33 -30.64
N TYR H 180 22.88 -39.58 -30.46
CA TYR H 180 23.29 -38.55 -31.40
C TYR H 180 24.74 -38.74 -31.83
N GLN H 181 25.06 -38.33 -33.07
CA GLN H 181 26.43 -38.29 -33.56
C GLN H 181 26.87 -36.86 -33.81
N GLN H 182 28.05 -36.48 -33.29
CA GLN H 182 28.55 -35.11 -33.41
C GLN H 182 30.00 -35.08 -33.90
N LYS H 183 30.18 -34.71 -35.16
CA LYS H 183 31.52 -34.44 -35.68
C LYS H 183 32.05 -33.13 -35.07
N PRO H 184 33.36 -32.97 -34.98
CA PRO H 184 33.90 -31.72 -34.43
C PRO H 184 33.51 -30.51 -35.27
N GLY H 185 33.13 -29.42 -34.59
CA GLY H 185 32.74 -28.17 -35.25
C GLY H 185 31.42 -28.21 -35.97
N GLN H 186 30.43 -28.93 -35.43
CA GLN H 186 29.15 -29.19 -36.06
C GLN H 186 28.11 -29.50 -35.00
N PRO H 187 26.84 -29.20 -35.26
CA PRO H 187 25.81 -29.64 -34.35
C PRO H 187 25.62 -31.15 -34.44
N PRO H 188 25.19 -31.79 -33.35
CA PRO H 188 24.80 -33.20 -33.43
C PRO H 188 23.65 -33.42 -34.41
N LYS H 189 23.47 -34.68 -34.74
CA LYS H 189 22.42 -35.16 -35.60
C LYS H 189 21.84 -36.34 -34.85
N VAL H 190 20.55 -36.57 -34.96
CA VAL H 190 19.95 -37.67 -34.23
C VAL H 190 20.16 -38.95 -35.00
N LEU H 191 20.46 -40.02 -34.29
CA LEU H 191 20.60 -41.34 -34.90
C LEU H 191 19.45 -42.26 -34.54
N ILE H 192 19.24 -42.47 -33.23
CA ILE H 192 18.23 -43.36 -32.70
C ILE H 192 17.34 -42.53 -31.80
N TYR H 193 16.01 -42.68 -31.91
CA TYR H 193 15.09 -42.03 -30.99
C TYR H 193 14.22 -43.07 -30.29
N LEU H 194 13.96 -42.85 -29.00
CA LEU H 194 13.12 -43.75 -28.22
C LEU H 194 13.77 -45.13 -28.12
N ALA H 195 15.08 -45.15 -27.90
CA ALA H 195 15.91 -46.30 -27.57
C ALA H 195 16.27 -47.18 -28.75
N SER H 196 15.31 -47.35 -29.68
CA SER H 196 15.50 -48.38 -30.70
C SER H 196 14.91 -48.05 -32.07
N ASN H 197 14.51 -46.83 -32.34
CA ASN H 197 13.86 -46.51 -33.60
C ASN H 197 14.84 -45.76 -34.49
N LEU H 198 14.95 -46.19 -35.74
CA LEU H 198 15.93 -45.59 -36.65
C LEU H 198 15.38 -44.31 -37.27
N GLU H 199 16.01 -43.18 -36.93
CA GLU H 199 15.60 -41.91 -37.50
C GLU H 199 15.67 -41.94 -39.02
N SER H 200 14.70 -41.28 -39.66
CA SER H 200 14.61 -41.28 -41.12
C SER H 200 15.89 -40.74 -41.75
N GLY H 201 16.45 -41.49 -42.69
CA GLY H 201 17.64 -41.07 -43.39
C GLY H 201 18.96 -41.42 -42.73
N VAL H 202 18.93 -42.08 -41.57
CA VAL H 202 20.14 -42.56 -40.90
C VAL H 202 20.35 -43.98 -41.37
N PRO H 203 21.57 -44.35 -41.79
CA PRO H 203 21.80 -45.70 -42.36
C PRO H 203 21.55 -46.81 -41.36
N ALA H 204 21.01 -47.92 -41.88
CA ALA H 204 20.53 -48.99 -41.00
C ALA H 204 21.64 -49.71 -40.25
N ARG H 205 22.91 -49.41 -40.52
CA ARG H 205 23.96 -50.06 -39.74
C ARG H 205 23.89 -49.65 -38.26
N PHE H 206 23.24 -48.52 -37.96
CA PHE H 206 22.99 -48.09 -36.58
C PHE H 206 21.77 -48.78 -36.01
N SER H 207 21.87 -49.18 -34.75
CA SER H 207 20.73 -49.80 -34.08
C SER H 207 20.81 -49.50 -32.59
N GLY H 208 19.65 -49.46 -31.95
CA GLY H 208 19.59 -49.25 -30.52
C GLY H 208 18.75 -50.33 -29.84
N SER H 209 19.05 -50.54 -28.57
CA SER H 209 18.31 -51.51 -27.79
C SER H 209 18.36 -51.13 -26.32
N GLY H 210 17.53 -51.79 -25.53
CA GLY H 210 17.54 -51.60 -24.10
C GLY H 210 16.23 -51.06 -23.57
N SER H 211 16.19 -50.94 -22.25
CA SER H 211 15.01 -50.39 -21.60
C SER H 211 15.42 -49.95 -20.20
N ARG H 212 14.52 -49.24 -19.53
CA ARG H 212 14.76 -48.87 -18.14
C ARG H 212 16.05 -48.06 -17.97
N THR H 213 17.13 -48.72 -17.53
CA THR H 213 18.39 -48.07 -17.21
C THR H 213 19.60 -48.54 -18.03
N ASP H 214 19.43 -49.50 -18.94
CA ASP H 214 20.53 -50.12 -19.69
C ASP H 214 20.21 -50.01 -21.18
N PHE H 215 21.01 -49.24 -21.91
CA PHE H 215 20.84 -49.04 -23.34
C PHE H 215 22.18 -49.20 -24.06
N THR H 216 22.12 -49.62 -25.32
CA THR H 216 23.32 -49.89 -26.12
C THR H 216 23.11 -49.47 -27.57
N LEU H 217 24.01 -48.64 -28.08
CA LEU H 217 24.05 -48.34 -29.50
C LEU H 217 25.08 -49.25 -30.15
N THR H 218 24.76 -49.76 -31.35
CA THR H 218 25.66 -50.62 -32.10
C THR H 218 25.77 -50.10 -33.52
N ILE H 219 27.00 -49.93 -33.98
CA ILE H 219 27.31 -49.55 -35.35
C ILE H 219 27.96 -50.76 -36.01
N ASP H 220 27.30 -51.31 -37.02
CA ASP H 220 27.84 -52.52 -37.65
C ASP H 220 27.36 -52.60 -39.10
N PRO H 221 28.26 -52.38 -40.08
CA PRO H 221 29.68 -52.09 -39.91
C PRO H 221 30.06 -50.62 -39.83
N VAL H 222 30.97 -50.21 -38.94
CA VAL H 222 31.45 -48.83 -38.92
C VAL H 222 32.13 -48.52 -40.26
N GLU H 223 32.09 -47.25 -40.67
CA GLU H 223 32.57 -46.84 -41.98
C GLU H 223 33.42 -45.57 -41.84
N ALA H 224 33.95 -45.10 -42.97
CA ALA H 224 34.88 -43.98 -42.94
C ALA H 224 34.26 -42.74 -42.29
N ASP H 225 32.97 -42.49 -42.58
CA ASP H 225 32.30 -41.28 -42.13
C ASP H 225 31.94 -41.34 -40.64
N ASP H 226 32.07 -42.50 -40.00
CA ASP H 226 31.53 -42.69 -38.65
C ASP H 226 32.46 -42.21 -37.55
N ALA H 227 33.59 -41.56 -37.87
CA ALA H 227 34.49 -41.05 -36.85
C ALA H 227 33.89 -39.80 -36.22
N ALA H 228 33.43 -39.89 -34.98
CA ALA H 228 32.79 -38.75 -34.34
C ALA H 228 32.69 -39.02 -32.84
N THR H 229 32.00 -38.11 -32.14
CA THR H 229 31.71 -38.22 -30.72
C THR H 229 30.21 -38.53 -30.56
N TYR H 230 29.88 -39.47 -29.69
CA TYR H 230 28.54 -40.03 -29.61
C TYR H 230 27.92 -39.80 -28.22
N TYR H 231 26.72 -39.24 -28.19
CA TYR H 231 26.04 -38.88 -26.94
C TYR H 231 24.69 -39.59 -26.79
N CYS H 232 24.38 -40.01 -25.56
CA CYS H 232 23.01 -40.37 -25.22
C CYS H 232 22.34 -39.27 -24.42
N GLN H 233 21.02 -39.20 -24.53
CA GLN H 233 20.24 -38.15 -23.88
C GLN H 233 18.90 -38.72 -23.46
N GLN H 234 18.37 -38.21 -22.35
CA GLN H 234 17.04 -38.60 -21.90
C GLN H 234 16.16 -37.37 -21.71
N ASN H 235 14.87 -37.56 -21.97
CA ASN H 235 13.84 -36.56 -21.69
C ASN H 235 12.66 -37.22 -21.02
N ASN H 236 12.97 -38.03 -20.02
CA ASN H 236 11.94 -38.57 -19.15
C ASN H 236 11.65 -37.63 -18.00
N GLU H 237 12.64 -36.82 -17.62
CA GLU H 237 12.47 -35.88 -16.54
C GLU H 237 13.38 -34.68 -16.70
N ASN H 238 12.91 -33.50 -16.16
CA ASN H 238 13.67 -32.27 -16.12
C ASN H 238 14.65 -32.30 -14.95
N PRO H 239 15.90 -31.91 -15.16
CA PRO H 239 16.39 -31.38 -16.44
C PRO H 239 16.68 -32.45 -17.48
N LEU H 240 16.59 -32.09 -18.77
CA LEU H 240 17.11 -32.99 -19.78
C LEU H 240 18.62 -33.08 -19.59
N THR H 241 19.14 -34.31 -19.67
CA THR H 241 20.52 -34.57 -19.36
C THR H 241 21.13 -35.33 -20.51
N PHE H 242 22.46 -35.26 -20.61
CA PHE H 242 23.23 -35.99 -21.61
C PHE H 242 24.28 -36.85 -20.93
N GLY H 243 24.77 -37.82 -21.66
CA GLY H 243 25.94 -38.54 -21.24
C GLY H 243 27.16 -37.68 -21.47
N ALA H 244 28.31 -38.19 -21.01
CA ALA H 244 29.58 -37.48 -21.18
C ALA H 244 30.08 -37.51 -22.62
N GLY H 245 29.58 -38.41 -23.44
CA GLY H 245 30.06 -38.65 -24.77
C GLY H 245 30.95 -39.88 -24.81
N THR H 246 31.05 -40.47 -26.01
CA THR H 246 32.00 -41.53 -26.34
C THR H 246 32.69 -41.14 -27.63
N LYS H 247 33.98 -40.87 -27.55
CA LYS H 247 34.75 -40.39 -28.69
C LYS H 247 35.24 -41.62 -29.46
N LEU H 248 34.71 -41.83 -30.67
CA LEU H 248 35.07 -42.96 -31.54
C LEU H 248 36.05 -42.51 -32.62
N GLU H 249 37.12 -43.29 -32.77
CA GLU H 249 38.23 -42.99 -33.66
C GLU H 249 38.43 -44.19 -34.58
N LEU H 250 38.83 -43.95 -35.83
CA LEU H 250 39.05 -45.13 -36.67
C LEU H 250 40.47 -45.64 -36.51
N LYS H 251 40.65 -46.92 -36.84
CA LYS H 251 41.97 -47.49 -37.09
C LYS H 251 42.11 -47.76 -38.59
C1 NAG I . 23.64 11.42 21.53
C2 NAG I . 23.97 9.94 21.31
C3 NAG I . 24.09 9.22 22.66
C4 NAG I . 25.11 9.91 23.55
C5 NAG I . 24.76 11.39 23.70
C6 NAG I . 25.80 12.19 24.45
C7 NAG I . 23.12 9.12 19.17
C8 NAG I . 24.43 9.55 18.57
N2 NAG I . 22.96 9.32 20.48
O3 NAG I . 24.43 7.86 22.44
O4 NAG I . 25.17 9.30 24.84
O5 NAG I . 24.63 12.01 22.41
O6 NAG I . 26.70 12.85 23.57
O7 NAG I . 22.24 8.60 18.49
C1 NAG J . 11.76 27.03 -20.18
C2 NAG J . 10.27 26.71 -19.94
C3 NAG J . 9.44 26.84 -21.22
C4 NAG J . 9.69 28.19 -21.88
C5 NAG J . 11.19 28.35 -22.14
C6 NAG J . 11.53 29.63 -22.85
C7 NAG J . 9.50 25.09 -18.26
C8 NAG J . 9.48 23.64 -17.84
N2 NAG J . 10.14 25.36 -19.40
O3 NAG J . 8.07 26.74 -20.88
O4 NAG J . 8.97 28.29 -23.09
O5 NAG J . 11.88 28.32 -20.88
O6 NAG J . 10.49 30.04 -23.73
O7 NAG J . 8.94 25.97 -17.60
C1 NAG K . -13.22 -19.54 23.36
C2 NAG K . -12.97 -18.02 23.34
C3 NAG K . -12.53 -17.53 24.72
C4 NAG K . -13.52 -17.93 25.80
C5 NAG K . -13.76 -19.45 25.76
C6 NAG K . -14.82 -19.89 26.73
C7 NAG K . -12.24 -17.07 21.19
C8 NAG K . -13.69 -16.77 20.93
N2 NAG K . -11.97 -17.67 22.35
O3 NAG K . -12.35 -16.11 24.71
O4 NAG K . -13.01 -17.59 27.08
O5 NAG K . -14.16 -19.88 24.44
O6 NAG K . -14.39 -19.71 28.08
O7 NAG K . -11.36 -16.77 20.39
C1 NAG L . -20.71 -18.67 -21.96
C2 NAG L . -19.34 -18.02 -22.32
C3 NAG L . -19.28 -17.63 -23.80
C4 NAG L . -19.64 -18.82 -24.68
C5 NAG L . -21.06 -19.22 -24.31
C6 NAG L . -21.62 -20.31 -25.18
C7 NAG L . -18.15 -16.72 -20.60
C8 NAG L . -18.10 -15.42 -19.84
N2 NAG L . -19.13 -16.83 -21.50
O3 NAG L . -17.99 -17.11 -24.14
O4 NAG L . -19.54 -18.48 -26.06
O5 NAG L . -21.04 -19.70 -22.96
O6 NAG L . -21.45 -20.00 -26.56
O7 NAG L . -17.34 -17.61 -20.39
#